data_6PUM
#
_entry.id   6PUM
#
_cell.length_a   218.055
_cell.length_b   70.242
_cell.length_c   144.022
_cell.angle_alpha   90.000
_cell.angle_beta   104.570
_cell.angle_gamma   90.000
#
_symmetry.space_group_name_H-M   'C 1 2 1'
#
loop_
_entity.id
_entity.type
_entity.pdbx_description
1 polymer 'Major histocompatibility complex class I-related gene protein'
2 polymer Beta-2-microglobulin
3 polymer 'TCR alpha chain'
4 polymer 'TCR beta chain'
5 non-polymer GLYCEROL
6 non-polymer 1,2-dideoxy-1-({2,6-dioxo-5-[(E)-(2-oxopropylidene)amino]-1,2,3,6-tetrahydropyrimidin-4-yl}amino)-D-erythro-pentitol
7 non-polymer 'SODIUM ION'
8 water water
#
loop_
_entity_poly.entity_id
_entity_poly.type
_entity_poly.pdbx_seq_one_letter_code
_entity_poly.pdbx_strand_id
1 'polypeptide(L)'
;MRTHSLRYFRLGVSDPIHGVPEFISVGYVDSHPITTYDSVTRQKEPRAPWMAENLAPDHWERYTQLLRGWQQMFKVELKR
LQRHYNHSGSHTYQRMIGCELLEDGSTTGFLQYAYDGQDFLIFNKDTLSWLAVDNVAHTIKQAWEANQHELLYQKNWLEE
ECIAWLKRFLEYGKDTLQRTEPPLVRVNRKETFPGVTALFCKAHGFYPPEIYMTWMKNGEEIVQEIDYGDILPSGDGTYQ
AWASIELDPQSSNLYSCHVEHSGVHMVLQVP
;
A,C
2 'polypeptide(L)'
;MIQRTPKIQVYSRHPAENGKSNFLNCYVSGFHPSDIEVDLLKNGERIEKVEHSDLSFSKDWSFYLLYYTEFTPTEKDEYA
CRVNHVTLSQPKIVKWDRDM
;
B,F
3 'polypeptide(L)'
;MGQNIDQPTEMTATEGAIVQINCTYQTSGFNGLFWYQQHAGEAPTFLSYNVLDGLEEKGRFSSFLSRSKGYSYLLLKELQ
MKDSASYLCAVKDSNYQLIWGAGTKLIIKPDIQNPDPAVYQLRDSKSSDKSVCLFTDFDSQTNVSQSKDSDVYITDKCVL
DMRSMDFKSNSAVAWSNKSDFACANAFNNSIIPEDTFFPSPESS
;
D,G
4 'polypeptide(L)'
;MNAGVTQTPKFQVLKTGQSMTLQCAQDMNHNSMYWYRQDPGMGLRLIYYSASEGTTDKGEVPNGYNVSRLNKREFSLRLE
SAAPSQTSVYFCASSVWTGEGSGELFFGEGSRLTVLEDLKNVFPPEVAVFEPSEAEISHTQKATLVCLATGFYPDHVELS
WWVNGKEVHSGVCTDPQPLKEQPALNDSRYALSSRLRVSATFWQNPRNHFRCQVQFYGLSENDEWTQDRAKPVTQIVSAE
AWGRAD
;
E,H
#
# COMPACT_ATOMS: atom_id res chain seq x y z
N MET A 1 -42.53 -33.84 39.22
CA MET A 1 -41.94 -32.59 39.66
C MET A 1 -43.04 -31.58 39.99
N ARG A 2 -42.81 -30.74 41.00
CA ARG A 2 -43.70 -29.62 41.25
C ARG A 2 -43.53 -28.59 40.13
N THR A 3 -44.44 -27.61 40.10
CA THR A 3 -44.24 -26.44 39.22
C THR A 3 -42.98 -25.68 39.58
N HIS A 4 -42.21 -25.29 38.56
CA HIS A 4 -41.02 -24.47 38.74
C HIS A 4 -41.04 -23.32 37.73
N SER A 5 -40.30 -22.25 38.05
CA SER A 5 -40.24 -21.11 37.15
C SER A 5 -38.84 -20.51 37.11
N LEU A 6 -38.54 -19.87 35.99
CA LEU A 6 -37.31 -19.12 35.79
C LEU A 6 -37.69 -17.71 35.41
N ARG A 7 -37.07 -16.72 36.05
CA ARG A 7 -37.39 -15.37 35.62
C ARG A 7 -36.21 -14.43 35.81
N TYR A 8 -36.09 -13.43 34.91
CA TYR A 8 -35.07 -12.42 35.03
C TYR A 8 -35.71 -11.04 35.11
N PHE A 9 -35.23 -10.23 36.03
CA PHE A 9 -35.68 -8.85 36.16
C PHE A 9 -34.58 -7.89 35.76
N ARG A 10 -35.00 -6.74 35.26
CA ARG A 10 -34.10 -5.60 35.12
C ARG A 10 -34.74 -4.39 35.77
N LEU A 11 -33.92 -3.58 36.42
CA LEU A 11 -34.33 -2.30 36.97
C LEU A 11 -33.40 -1.20 36.48
N GLY A 12 -33.97 -0.12 35.98
CA GLY A 12 -33.21 1.08 35.62
C GLY A 12 -33.79 2.27 36.36
N VAL A 13 -32.89 3.14 36.83
CA VAL A 13 -33.27 4.34 37.60
C VAL A 13 -32.64 5.53 36.92
N SER A 14 -33.41 6.59 36.71
CA SER A 14 -32.92 7.63 35.81
C SER A 14 -32.04 8.66 36.51
N ASP A 15 -32.23 8.92 37.79
CA ASP A 15 -31.39 9.89 38.49
C ASP A 15 -31.06 9.38 39.89
N PRO A 16 -30.36 8.24 39.98
CA PRO A 16 -30.17 7.60 41.29
C PRO A 16 -29.35 8.47 42.24
N ILE A 17 -29.68 8.32 43.53
CA ILE A 17 -28.88 8.94 44.58
C ILE A 17 -27.44 8.45 44.47
N HIS A 18 -26.50 9.25 44.99
CA HIS A 18 -25.08 8.90 44.96
C HIS A 18 -24.82 7.48 45.51
N GLY A 19 -24.02 6.72 44.76
CA GLY A 19 -23.65 5.36 45.11
C GLY A 19 -24.56 4.29 44.55
N VAL A 20 -25.86 4.57 44.44
CA VAL A 20 -26.89 3.59 44.12
C VAL A 20 -26.85 3.29 42.62
N PRO A 21 -26.94 2.03 42.20
CA PRO A 21 -26.71 1.71 40.78
C PRO A 21 -27.83 2.22 39.88
N GLU A 22 -27.48 2.68 38.70
CA GLU A 22 -28.56 3.01 37.78
C GLU A 22 -29.17 1.78 37.12
N PHE A 23 -28.53 0.61 37.21
CA PHE A 23 -29.08 -0.57 36.53
C PHE A 23 -28.75 -1.81 37.35
N ILE A 24 -29.75 -2.68 37.53
CA ILE A 24 -29.59 -3.94 38.27
C ILE A 24 -30.35 -5.01 37.49
N SER A 25 -29.78 -6.19 37.38
CA SER A 25 -30.51 -7.30 36.79
C SER A 25 -30.28 -8.57 37.60
N VAL A 26 -31.37 -9.24 38.01
CA VAL A 26 -31.28 -10.42 38.88
C VAL A 26 -32.12 -11.55 38.27
N GLY A 27 -31.58 -12.76 38.25
CA GLY A 27 -32.35 -13.94 37.88
C GLY A 27 -32.78 -14.76 39.09
N TYR A 28 -33.92 -15.47 38.95
CA TYR A 28 -34.51 -16.31 40.00
C TYR A 28 -34.92 -17.65 39.42
N VAL A 29 -34.72 -18.72 40.18
CA VAL A 29 -35.44 -19.95 39.93
C VAL A 29 -36.33 -20.15 41.15
N ASP A 30 -37.65 -20.23 40.93
CA ASP A 30 -38.63 -20.17 42.02
C ASP A 30 -38.30 -18.93 42.85
N SER A 31 -38.17 -19.05 44.17
CA SER A 31 -37.85 -17.94 45.05
CA SER A 31 -37.85 -17.88 45.00
C SER A 31 -36.36 -17.70 45.21
N HIS A 32 -35.52 -18.49 44.54
CA HIS A 32 -34.07 -18.45 44.75
C HIS A 32 -33.38 -17.52 43.76
N PRO A 33 -32.68 -16.47 44.21
CA PRO A 33 -31.80 -15.74 43.30
C PRO A 33 -30.70 -16.67 42.78
N ILE A 34 -30.42 -16.56 41.48
CA ILE A 34 -29.39 -17.37 40.85
C ILE A 34 -28.27 -16.51 40.23
N THR A 35 -28.57 -15.30 39.78
CA THR A 35 -27.59 -14.47 39.08
C THR A 35 -27.79 -13.02 39.46
N THR A 36 -26.71 -12.23 39.43
CA THR A 36 -26.87 -10.79 39.64
C THR A 36 -25.86 -10.04 38.80
N TYR A 37 -26.24 -8.82 38.41
CA TYR A 37 -25.41 -7.90 37.60
C TYR A 37 -25.82 -6.50 38.02
N ASP A 38 -24.88 -5.58 38.20
CA ASP A 38 -25.30 -4.19 38.24
C ASP A 38 -24.26 -3.26 37.60
N SER A 39 -24.66 -2.00 37.45
CA SER A 39 -23.83 -1.05 36.73
C SER A 39 -22.62 -0.62 37.54
N VAL A 40 -22.53 -1.03 38.81
CA VAL A 40 -21.33 -0.74 39.60
C VAL A 40 -20.29 -1.84 39.45
N THR A 41 -20.68 -3.11 39.62
CA THR A 41 -19.76 -4.21 39.44
C THR A 41 -19.45 -4.45 37.96
N ARG A 42 -20.44 -4.22 37.09
CA ARG A 42 -20.33 -4.50 35.65
CA ARG A 42 -20.33 -4.51 35.65
C ARG A 42 -19.95 -5.95 35.39
N GLN A 43 -20.32 -6.85 36.31
CA GLN A 43 -20.01 -8.27 36.17
C GLN A 43 -21.25 -9.08 36.49
N LYS A 44 -21.50 -10.12 35.70
CA LYS A 44 -22.55 -11.05 36.06
C LYS A 44 -21.97 -12.07 37.02
N GLU A 45 -22.63 -12.27 38.16
CA GLU A 45 -22.07 -13.13 39.18
C GLU A 45 -23.14 -14.08 39.72
N PRO A 46 -22.73 -15.25 40.20
CA PRO A 46 -23.73 -16.20 40.73
C PRO A 46 -24.26 -15.73 42.06
N ARG A 47 -25.52 -16.06 42.32
CA ARG A 47 -26.11 -15.88 43.64
C ARG A 47 -26.54 -17.18 44.27
N ALA A 48 -26.30 -18.32 43.63
CA ALA A 48 -26.53 -19.61 44.27
C ALA A 48 -25.30 -20.47 44.06
N PRO A 49 -24.88 -21.24 45.06
CA PRO A 49 -23.64 -22.00 44.89
C PRO A 49 -23.76 -23.09 43.83
N TRP A 50 -24.96 -23.63 43.62
CA TRP A 50 -25.10 -24.62 42.57
C TRP A 50 -25.08 -24.00 41.18
N MET A 51 -25.18 -22.66 41.06
CA MET A 51 -24.93 -22.03 39.76
C MET A 51 -23.43 -21.85 39.55
N ALA A 52 -22.72 -21.39 40.57
CA ALA A 52 -21.27 -21.20 40.46
C ALA A 52 -20.59 -22.51 40.07
N GLU A 53 -21.05 -23.63 40.63
CA GLU A 53 -20.40 -24.92 40.47
C GLU A 53 -20.70 -25.62 39.14
N ASN A 54 -21.68 -25.16 38.37
CA ASN A 54 -22.07 -25.88 37.17
C ASN A 54 -21.94 -25.09 35.89
N LEU A 55 -21.67 -23.80 35.98
CA LEU A 55 -21.52 -22.91 34.82
C LEU A 55 -20.08 -22.47 34.78
N ALA A 56 -19.40 -22.77 33.69
CA ALA A 56 -17.98 -22.49 33.52
C ALA A 56 -17.74 -21.00 33.34
N PRO A 57 -16.48 -20.54 33.46
CA PRO A 57 -16.22 -19.10 33.35
C PRO A 57 -16.66 -18.48 32.02
N ASP A 58 -16.65 -19.22 30.90
CA ASP A 58 -17.08 -18.62 29.65
CA ASP A 58 -17.09 -18.63 29.64
C ASP A 58 -18.54 -18.19 29.70
N HIS A 59 -19.36 -18.86 30.52
CA HIS A 59 -20.75 -18.46 30.66
C HIS A 59 -20.83 -17.07 31.29
N TRP A 60 -20.16 -16.89 32.44
CA TRP A 60 -20.21 -15.60 33.13
C TRP A 60 -19.56 -14.50 32.28
N GLU A 61 -18.47 -14.83 31.57
CA GLU A 61 -17.81 -13.84 30.73
C GLU A 61 -18.72 -13.41 29.58
N ARG A 62 -19.41 -14.36 28.94
CA ARG A 62 -20.23 -13.97 27.80
C ARG A 62 -21.43 -13.13 28.25
N TYR A 63 -22.10 -13.55 29.32
CA TYR A 63 -23.29 -12.81 29.73
C TYR A 63 -22.91 -11.49 30.39
N THR A 64 -21.68 -11.38 30.93
CA THR A 64 -21.18 -10.06 31.37
C THR A 64 -21.15 -9.07 30.21
N GLN A 65 -20.63 -9.51 29.04
CA GLN A 65 -20.66 -8.63 27.87
C GLN A 65 -22.08 -8.29 27.46
N LEU A 66 -22.96 -9.29 27.44
CA LEU A 66 -24.32 -9.04 26.99
C LEU A 66 -25.02 -8.06 27.93
N LEU A 67 -24.81 -8.22 29.25
CA LEU A 67 -25.47 -7.35 30.23
C LEU A 67 -24.96 -5.93 30.15
N ARG A 68 -23.67 -5.74 29.84
CA ARG A 68 -23.17 -4.39 29.59
C ARG A 68 -23.93 -3.73 28.43
N GLY A 69 -24.23 -4.49 27.38
CA GLY A 69 -25.04 -3.93 26.28
C GLY A 69 -26.49 -3.73 26.68
N TRP A 70 -27.09 -4.71 27.39
CA TRP A 70 -28.45 -4.56 27.88
C TRP A 70 -28.59 -3.37 28.82
N GLN A 71 -27.57 -3.13 29.64
CA GLN A 71 -27.58 -1.95 30.51
C GLN A 71 -27.69 -0.67 29.69
N GLN A 72 -26.88 -0.54 28.64
CA GLN A 72 -26.96 0.69 27.83
C GLN A 72 -28.31 0.81 27.16
N MET A 73 -28.84 -0.30 26.64
CA MET A 73 -30.11 -0.24 25.95
C MET A 73 -31.24 0.14 26.92
N PHE A 74 -31.13 -0.28 28.19
CA PHE A 74 -32.14 0.08 29.17
C PHE A 74 -32.10 1.57 29.46
N LYS A 75 -30.90 2.13 29.56
CA LYS A 75 -30.77 3.56 29.76
C LYS A 75 -31.39 4.34 28.59
N VAL A 76 -31.09 3.94 27.36
CA VAL A 76 -31.65 4.63 26.19
C VAL A 76 -33.18 4.57 26.21
N GLU A 77 -33.75 3.40 26.52
CA GLU A 77 -35.21 3.25 26.56
C GLU A 77 -35.84 4.11 27.64
N LEU A 78 -35.26 4.14 28.83
CA LEU A 78 -35.81 4.96 29.90
C LEU A 78 -35.71 6.44 29.57
N LYS A 79 -34.59 6.85 28.99
CA LYS A 79 -34.49 8.23 28.54
C LYS A 79 -35.62 8.57 27.57
N ARG A 80 -35.94 7.67 26.64
CA ARG A 80 -37.02 7.97 25.68
C ARG A 80 -38.39 8.04 26.37
N LEU A 81 -38.66 7.17 27.34
CA LEU A 81 -39.95 7.22 28.05
C LEU A 81 -40.08 8.51 28.85
N GLN A 82 -39.03 8.87 29.61
CA GLN A 82 -39.17 10.04 30.47
C GLN A 82 -39.28 11.32 29.63
N ARG A 83 -38.63 11.35 28.47
CA ARG A 83 -38.86 12.46 27.55
C ARG A 83 -40.30 12.48 27.04
N HIS A 84 -40.87 11.32 26.71
CA HIS A 84 -42.20 11.31 26.12
C HIS A 84 -43.28 11.53 27.17
N TYR A 85 -43.06 11.11 28.41
CA TYR A 85 -43.95 11.49 29.48
C TYR A 85 -43.76 12.93 29.91
N ASN A 86 -42.66 13.58 29.50
CA ASN A 86 -42.32 14.96 29.93
C ASN A 86 -42.16 15.03 31.45
N HIS A 87 -41.43 14.06 32.00
CA HIS A 87 -41.23 13.94 33.44
C HIS A 87 -39.85 14.40 33.84
N SER A 88 -39.78 15.15 34.93
CA SER A 88 -38.50 15.48 35.54
C SER A 88 -38.26 14.61 36.77
N GLY A 89 -37.02 14.62 37.25
CA GLY A 89 -36.65 13.85 38.44
C GLY A 89 -36.24 12.42 38.12
N SER A 90 -36.18 11.62 39.19
CA SER A 90 -35.83 10.20 39.05
C SER A 90 -37.06 9.34 38.84
N HIS A 91 -37.00 8.48 37.82
CA HIS A 91 -38.07 7.56 37.48
C HIS A 91 -37.45 6.19 37.24
N THR A 92 -38.27 5.15 37.32
CA THR A 92 -37.79 3.78 37.22
C THR A 92 -38.41 3.10 36.02
N TYR A 93 -37.68 2.09 35.54
CA TYR A 93 -38.09 1.28 34.42
C TYR A 93 -37.77 -0.15 34.78
N GLN A 94 -38.67 -1.07 34.50
CA GLN A 94 -38.42 -2.44 34.91
C GLN A 94 -38.89 -3.37 33.82
N ARG A 95 -38.24 -4.52 33.78
CA ARG A 95 -38.60 -5.59 32.86
C ARG A 95 -38.64 -6.89 33.64
N MET A 96 -39.53 -7.78 33.25
CA MET A 96 -39.52 -9.13 33.79
CA MET A 96 -39.55 -9.13 33.80
C MET A 96 -39.79 -10.09 32.65
N ILE A 97 -38.95 -11.09 32.51
CA ILE A 97 -39.15 -12.12 31.49
C ILE A 97 -39.04 -13.47 32.18
N GLY A 98 -39.75 -14.47 31.68
CA GLY A 98 -39.60 -15.77 32.29
C GLY A 98 -40.60 -16.79 31.79
N CYS A 99 -40.52 -17.98 32.39
CA CYS A 99 -41.35 -19.10 31.98
C CYS A 99 -41.61 -20.00 33.18
N GLU A 100 -42.63 -20.83 33.06
CA GLU A 100 -42.98 -21.79 34.10
C GLU A 100 -43.14 -23.16 33.47
N LEU A 101 -42.67 -24.18 34.15
CA LEU A 101 -42.91 -25.55 33.75
C LEU A 101 -43.86 -26.10 34.79
N LEU A 102 -45.11 -26.32 34.40
CA LEU A 102 -46.10 -26.76 35.38
C LEU A 102 -45.98 -28.25 35.67
N GLU A 103 -46.50 -28.64 36.84
CA GLU A 103 -46.49 -30.04 37.27
C GLU A 103 -46.99 -30.97 36.16
N ASP A 104 -48.08 -30.59 35.48
CA ASP A 104 -48.69 -31.47 34.47
C ASP A 104 -47.92 -31.51 33.15
N GLY A 105 -46.80 -30.78 33.02
CA GLY A 105 -46.01 -30.79 31.80
C GLY A 105 -46.23 -29.60 30.88
N SER A 106 -47.30 -28.85 31.09
CA SER A 106 -47.56 -27.65 30.30
C SER A 106 -46.62 -26.51 30.70
N THR A 107 -46.57 -25.48 29.86
CA THR A 107 -45.65 -24.37 30.05
C THR A 107 -46.37 -23.05 29.89
N THR A 108 -45.83 -22.01 30.52
CA THR A 108 -46.24 -20.64 30.29
C THR A 108 -44.99 -19.81 30.04
N GLY A 109 -45.17 -18.65 29.43
CA GLY A 109 -44.05 -17.76 29.09
C GLY A 109 -44.53 -16.34 29.17
N PHE A 110 -43.73 -15.41 29.67
CA PHE A 110 -44.24 -14.07 29.90
C PHE A 110 -43.12 -13.03 29.78
N LEU A 111 -43.49 -11.84 29.33
CA LEU A 111 -42.54 -10.74 29.17
C LEU A 111 -43.35 -9.46 29.36
N GLN A 112 -42.88 -8.60 30.25
CA GLN A 112 -43.60 -7.35 30.43
C GLN A 112 -42.66 -6.30 30.99
N TYR A 113 -43.11 -5.04 30.92
CA TYR A 113 -42.36 -3.87 31.34
C TYR A 113 -43.24 -2.99 32.22
N ALA A 114 -42.58 -2.20 33.07
CA ALA A 114 -43.25 -1.26 33.93
C ALA A 114 -42.47 0.05 33.96
N TYR A 115 -43.22 1.15 34.14
CA TYR A 115 -42.66 2.48 34.38
C TYR A 115 -43.19 2.98 35.71
N ASP A 116 -42.27 3.46 36.55
CA ASP A 116 -42.61 3.81 37.95
C ASP A 116 -43.41 2.72 38.66
N GLY A 117 -43.00 1.47 38.47
CA GLY A 117 -43.65 0.38 39.18
C GLY A 117 -45.06 0.04 38.75
N GLN A 118 -45.52 0.52 37.59
CA GLN A 118 -46.84 0.18 37.06
C GLN A 118 -46.70 -0.42 35.67
N ASP A 119 -47.50 -1.45 35.38
CA ASP A 119 -47.53 -2.07 34.05
C ASP A 119 -47.47 -1.00 32.96
N PHE A 120 -46.59 -1.23 32.00
CA PHE A 120 -46.41 -0.34 30.86
C PHE A 120 -46.68 -1.03 29.53
N LEU A 121 -46.03 -2.17 29.27
CA LEU A 121 -46.21 -2.93 28.04
C LEU A 121 -46.22 -4.39 28.42
N ILE A 122 -47.12 -5.19 27.84
CA ILE A 122 -47.20 -6.60 28.18
C ILE A 122 -47.24 -7.41 26.90
N PHE A 123 -46.34 -8.39 26.78
CA PHE A 123 -46.24 -9.16 25.54
C PHE A 123 -47.29 -10.27 25.51
N ASN A 124 -47.93 -10.44 24.36
CA ASN A 124 -48.81 -11.58 24.13
C ASN A 124 -48.13 -12.47 23.07
N LYS A 125 -47.55 -13.59 23.49
CA LYS A 125 -46.80 -14.38 22.52
C LYS A 125 -47.69 -15.27 21.65
N ASP A 126 -48.99 -15.29 21.86
CA ASP A 126 -49.87 -16.05 20.97
C ASP A 126 -50.43 -15.18 19.87
N THR A 127 -50.86 -13.97 20.19
CA THR A 127 -51.22 -13.08 19.11
C THR A 127 -50.02 -12.31 18.57
N LEU A 128 -48.85 -12.40 19.21
CA LEU A 128 -47.61 -11.72 18.77
C LEU A 128 -47.84 -10.21 18.71
N SER A 129 -48.19 -9.64 19.85
CA SER A 129 -48.50 -8.24 19.90
C SER A 129 -48.19 -7.73 21.29
N TRP A 130 -48.06 -6.41 21.40
CA TRP A 130 -47.79 -5.75 22.66
C TRP A 130 -49.04 -5.00 23.13
N LEU A 131 -49.41 -5.19 24.40
CA LEU A 131 -50.53 -4.46 24.99
C LEU A 131 -49.99 -3.21 25.68
N ALA A 132 -50.45 -2.03 25.24
CA ALA A 132 -50.01 -0.76 25.77
C ALA A 132 -51.05 -0.19 26.75
N VAL A 133 -50.59 0.34 27.88
CA VAL A 133 -51.51 0.89 28.89
C VAL A 133 -51.83 2.38 28.72
N ASP A 134 -51.07 3.12 27.90
CA ASP A 134 -51.33 4.54 27.68
C ASP A 134 -50.68 4.93 26.36
N ASN A 135 -50.69 6.22 26.03
CA ASN A 135 -50.25 6.63 24.70
CA ASN A 135 -50.27 6.64 24.70
C ASN A 135 -48.75 6.71 24.56
N VAL A 136 -48.00 6.76 25.67
CA VAL A 136 -46.56 6.62 25.56
C VAL A 136 -46.22 5.18 25.23
N ALA A 137 -46.84 4.23 25.93
CA ALA A 137 -46.64 2.82 25.60
C ALA A 137 -47.11 2.52 24.17
N HIS A 138 -48.19 3.18 23.75
CA HIS A 138 -48.71 2.96 22.40
C HIS A 138 -47.68 3.37 21.34
N THR A 139 -46.99 4.49 21.54
CA THR A 139 -45.93 4.88 20.61
C THR A 139 -44.83 3.83 20.54
N ILE A 140 -44.44 3.28 21.70
CA ILE A 140 -43.41 2.23 21.74
C ILE A 140 -43.93 0.97 21.07
N LYS A 141 -45.15 0.57 21.41
CA LYS A 141 -45.77 -0.61 20.81
C LYS A 141 -45.67 -0.57 19.29
N GLN A 142 -45.94 0.59 18.68
CA GLN A 142 -45.91 0.67 17.23
CA GLN A 142 -45.90 0.68 17.22
C GLN A 142 -44.51 0.39 16.70
N ALA A 143 -43.48 0.94 17.34
CA ALA A 143 -42.12 0.71 16.86
C ALA A 143 -41.70 -0.76 17.06
N TRP A 144 -42.03 -1.34 18.20
CA TRP A 144 -41.65 -2.71 18.47
C TRP A 144 -42.38 -3.68 17.56
N GLU A 145 -43.64 -3.41 17.28
CA GLU A 145 -44.38 -4.33 16.44
C GLU A 145 -44.03 -4.21 14.97
N ALA A 146 -43.35 -3.12 14.57
CA ALA A 146 -42.86 -3.02 13.20
C ALA A 146 -41.67 -3.92 12.96
N ASN A 147 -41.06 -4.45 14.02
CA ASN A 147 -39.93 -5.38 13.92
C ASN A 147 -40.52 -6.77 14.17
N GLN A 148 -41.20 -7.31 13.15
CA GLN A 148 -41.92 -8.56 13.35
C GLN A 148 -40.99 -9.72 13.71
N HIS A 149 -39.76 -9.72 13.19
CA HIS A 149 -38.84 -10.81 13.48
C HIS A 149 -38.45 -10.84 14.95
N GLU A 150 -38.36 -9.68 15.58
CA GLU A 150 -38.10 -9.61 16.99
C GLU A 150 -39.21 -10.27 17.79
N LEU A 151 -40.47 -10.12 17.35
CA LEU A 151 -41.56 -10.75 18.08
C LEU A 151 -41.48 -12.27 17.97
N LEU A 152 -41.22 -12.77 16.75
CA LEU A 152 -41.03 -14.20 16.53
C LEU A 152 -39.88 -14.74 17.35
N TYR A 153 -38.77 -14.01 17.37
CA TYR A 153 -37.66 -14.41 18.23
C TYR A 153 -38.10 -14.54 19.69
N GLN A 154 -38.86 -13.59 20.19
CA GLN A 154 -39.22 -13.66 21.61
C GLN A 154 -40.15 -14.82 21.88
N LYS A 155 -41.07 -15.11 20.95
CA LYS A 155 -41.94 -16.27 21.15
C LYS A 155 -41.11 -17.53 21.26
N ASN A 156 -40.18 -17.74 20.32
CA ASN A 156 -39.31 -18.91 20.39
C ASN A 156 -38.53 -18.92 21.69
N TRP A 157 -38.04 -17.76 22.15
CA TRP A 157 -37.23 -17.76 23.37
C TRP A 157 -38.09 -18.17 24.58
N LEU A 158 -39.27 -17.58 24.69
CA LEU A 158 -40.16 -17.90 25.80
C LEU A 158 -40.58 -19.37 25.78
N GLU A 159 -40.92 -19.90 24.61
CA GLU A 159 -41.48 -21.24 24.54
C GLU A 159 -40.43 -22.34 24.50
N GLU A 160 -39.25 -22.11 23.89
CA GLU A 160 -38.28 -23.20 23.77
C GLU A 160 -37.03 -22.96 24.60
N GLU A 161 -36.35 -21.82 24.42
CA GLU A 161 -35.08 -21.61 25.09
C GLU A 161 -35.26 -21.51 26.60
N CYS A 162 -36.19 -20.66 27.04
CA CYS A 162 -36.38 -20.43 28.48
C CYS A 162 -36.68 -21.72 29.21
N ILE A 163 -37.56 -22.56 28.65
CA ILE A 163 -37.86 -23.84 29.30
C ILE A 163 -36.62 -24.71 29.35
N ALA A 164 -35.78 -24.64 28.31
CA ALA A 164 -34.56 -25.45 28.30
C ALA A 164 -33.58 -24.98 29.38
N TRP A 165 -33.47 -23.66 29.57
CA TRP A 165 -32.62 -23.14 30.64
C TRP A 165 -33.14 -23.59 32.00
N LEU A 166 -34.47 -23.46 32.19
CA LEU A 166 -35.11 -23.85 33.44
C LEU A 166 -34.83 -25.31 33.75
N LYS A 167 -35.00 -26.20 32.77
CA LYS A 167 -34.71 -27.60 33.05
C LYS A 167 -33.24 -27.81 33.39
N ARG A 168 -32.36 -27.06 32.75
CA ARG A 168 -30.95 -27.18 33.04
C ARG A 168 -30.64 -26.73 34.46
N PHE A 169 -31.19 -25.59 34.90
CA PHE A 169 -30.93 -25.09 36.23
C PHE A 169 -31.62 -25.95 37.29
N LEU A 170 -32.80 -26.51 36.97
CA LEU A 170 -33.47 -27.38 37.93
CA LEU A 170 -33.47 -27.38 37.93
C LEU A 170 -32.61 -28.59 38.26
N GLU A 171 -31.86 -29.10 37.29
CA GLU A 171 -30.98 -30.24 37.57
C GLU A 171 -29.75 -29.79 38.37
N TYR A 172 -29.12 -28.67 37.98
CA TYR A 172 -28.03 -28.11 38.78
C TYR A 172 -28.43 -27.98 40.25
N GLY A 173 -29.60 -27.39 40.51
CA GLY A 173 -29.99 -27.12 41.88
C GLY A 173 -30.94 -28.13 42.53
N LYS A 174 -30.94 -29.37 42.04
CA LYS A 174 -32.01 -30.28 42.43
C LYS A 174 -31.99 -30.61 43.94
N ASP A 175 -30.80 -30.66 44.54
CA ASP A 175 -30.71 -30.92 45.99
C ASP A 175 -31.42 -29.84 46.79
N THR A 176 -31.43 -28.61 46.30
CA THR A 176 -32.19 -27.55 46.97
C THR A 176 -33.64 -27.49 46.51
N LEU A 177 -33.85 -27.44 45.20
CA LEU A 177 -35.14 -27.06 44.64
C LEU A 177 -36.16 -28.18 44.66
N GLN A 178 -35.71 -29.43 44.62
CA GLN A 178 -36.67 -30.52 44.55
C GLN A 178 -36.87 -31.21 45.90
N ARG A 179 -36.34 -30.63 46.98
CA ARG A 179 -36.50 -31.27 48.29
C ARG A 179 -37.84 -30.89 48.92
N THR A 180 -38.16 -31.57 50.02
CA THR A 180 -39.35 -31.29 50.81
C THR A 180 -38.99 -31.31 52.29
N GLU A 181 -39.27 -30.21 52.98
CA GLU A 181 -39.20 -30.16 54.44
C GLU A 181 -40.60 -29.89 54.95
N PRO A 182 -41.25 -30.86 55.61
CA PRO A 182 -42.67 -30.69 56.02
C PRO A 182 -42.82 -29.65 57.12
N PRO A 183 -43.97 -29.01 57.22
CA PRO A 183 -44.16 -28.00 58.26
C PRO A 183 -44.31 -28.61 59.65
N LEU A 184 -43.85 -27.86 60.65
CA LEU A 184 -44.23 -28.06 62.06
C LEU A 184 -45.36 -27.09 62.39
N VAL A 185 -46.51 -27.60 62.84
CA VAL A 185 -47.73 -26.79 62.95
C VAL A 185 -48.26 -26.85 64.37
N ARG A 186 -48.71 -25.70 64.87
CA ARG A 186 -49.20 -25.61 66.25
C ARG A 186 -50.33 -24.59 66.27
N VAL A 187 -51.17 -24.66 67.31
CA VAL A 187 -52.29 -23.73 67.52
C VAL A 187 -52.14 -23.09 68.89
N ASN A 188 -52.37 -21.78 69.00
CA ASN A 188 -52.43 -21.16 70.32
C ASN A 188 -53.49 -20.07 70.34
N ARG A 189 -53.86 -19.66 71.56
CA ARG A 189 -54.85 -18.62 71.81
C ARG A 189 -54.19 -17.27 72.04
N LYS A 190 -54.80 -16.21 71.53
CA LYS A 190 -54.27 -14.86 71.69
C LYS A 190 -55.38 -13.82 71.66
N THR A 197 -60.48 -12.46 71.60
CA THR A 197 -59.52 -13.56 71.56
C THR A 197 -59.66 -14.38 70.27
N ALA A 198 -58.52 -14.83 69.73
CA ALA A 198 -58.50 -15.50 68.44
C ALA A 198 -57.60 -16.72 68.53
N LEU A 199 -57.83 -17.67 67.61
CA LEU A 199 -56.97 -18.84 67.47
C LEU A 199 -55.96 -18.55 66.38
N PHE A 200 -54.67 -18.77 66.68
CA PHE A 200 -53.60 -18.66 65.70
C PHE A 200 -53.09 -20.06 65.36
N CYS A 201 -53.09 -20.36 64.07
CA CYS A 201 -52.48 -21.57 63.56
C CYS A 201 -51.15 -21.18 62.92
N LYS A 202 -50.04 -21.74 63.41
CA LYS A 202 -48.71 -21.33 62.99
C LYS A 202 -47.92 -22.51 62.45
N ALA A 203 -47.29 -22.32 61.29
CA ALA A 203 -46.45 -23.35 60.69
C ALA A 203 -45.07 -22.78 60.47
N HIS A 204 -44.04 -23.60 60.67
CA HIS A 204 -42.69 -23.13 60.39
C HIS A 204 -41.84 -24.30 59.95
N GLY A 205 -40.65 -23.99 59.47
CA GLY A 205 -39.68 -25.00 59.11
C GLY A 205 -39.93 -25.70 57.80
N PHE A 206 -40.77 -25.16 56.91
CA PHE A 206 -41.12 -25.92 55.72
C PHE A 206 -40.45 -25.36 54.45
N TYR A 207 -40.32 -26.25 53.46
CA TYR A 207 -39.82 -25.96 52.11
C TYR A 207 -40.51 -26.97 51.20
N PRO A 208 -41.02 -26.56 50.01
CA PRO A 208 -41.02 -25.24 49.37
C PRO A 208 -41.93 -24.28 50.10
N PRO A 209 -41.83 -22.97 49.78
CA PRO A 209 -42.67 -21.99 50.48
C PRO A 209 -44.16 -22.08 50.20
N GLU A 210 -44.60 -22.69 49.08
CA GLU A 210 -46.04 -22.82 48.82
C GLU A 210 -46.74 -23.69 49.88
N ILE A 211 -47.73 -23.11 50.56
CA ILE A 211 -48.44 -23.78 51.66
C ILE A 211 -49.83 -23.16 51.69
N TYR A 212 -50.83 -23.96 52.07
CA TYR A 212 -52.19 -23.45 52.21
C TYR A 212 -52.67 -23.75 53.62
N MET A 213 -53.02 -22.71 54.37
CA MET A 213 -53.50 -22.83 55.74
C MET A 213 -54.87 -22.18 55.78
N THR A 214 -55.81 -22.83 56.48
CA THR A 214 -57.15 -22.30 56.62
C THR A 214 -57.70 -22.73 57.96
N TRP A 215 -58.74 -22.04 58.40
CA TRP A 215 -59.53 -22.44 59.56
C TRP A 215 -60.90 -22.88 59.08
N MET A 216 -61.39 -23.99 59.61
CA MET A 216 -62.76 -24.39 59.36
C MET A 216 -63.54 -24.43 60.65
N LYS A 217 -64.83 -24.17 60.53
CA LYS A 217 -65.79 -24.11 61.63
C LYS A 217 -66.82 -25.18 61.36
N ASN A 218 -66.84 -26.22 62.21
CA ASN A 218 -67.80 -27.33 62.09
C ASN A 218 -67.80 -27.95 60.69
N GLY A 219 -66.63 -27.96 60.05
CA GLY A 219 -66.50 -28.54 58.72
C GLY A 219 -66.83 -27.62 57.57
N GLU A 220 -67.09 -26.34 57.81
CA GLU A 220 -67.32 -25.36 56.76
C GLU A 220 -66.21 -24.31 56.82
N GLU A 221 -65.70 -23.94 55.65
CA GLU A 221 -64.71 -22.87 55.60
C GLU A 221 -65.41 -21.52 55.69
N ILE A 222 -64.76 -20.56 56.33
CA ILE A 222 -65.32 -19.22 56.45
C ILE A 222 -64.31 -18.20 55.92
N VAL A 223 -64.11 -18.19 54.59
CA VAL A 223 -62.95 -17.49 54.02
C VAL A 223 -62.93 -16.01 54.38
N GLN A 224 -64.12 -15.42 54.59
CA GLN A 224 -64.22 -13.98 54.87
C GLN A 224 -63.73 -13.63 56.28
N GLU A 225 -63.91 -14.53 57.25
CA GLU A 225 -63.55 -14.22 58.63
C GLU A 225 -62.11 -14.59 59.00
N ILE A 226 -61.36 -15.24 58.12
CA ILE A 226 -60.02 -15.71 58.43
C ILE A 226 -59.00 -14.62 58.10
N ASP A 227 -58.01 -14.47 58.97
CA ASP A 227 -56.89 -13.58 58.69
C ASP A 227 -55.67 -14.42 58.29
N TYR A 228 -55.18 -14.18 57.08
CA TYR A 228 -54.12 -14.98 56.50
C TYR A 228 -52.81 -14.23 56.62
N GLY A 229 -51.83 -14.83 57.30
CA GLY A 229 -50.50 -14.28 57.32
C GLY A 229 -49.72 -14.58 56.06
N ASP A 230 -48.70 -13.77 55.81
CA ASP A 230 -47.85 -13.94 54.65
C ASP A 230 -46.91 -15.12 54.86
N ILE A 231 -46.52 -15.78 53.76
CA ILE A 231 -45.43 -16.75 53.87
C ILE A 231 -44.13 -15.98 53.94
N LEU A 232 -43.35 -16.19 55.02
CA LEU A 232 -42.16 -15.39 55.28
C LEU A 232 -40.89 -16.24 55.35
N PRO A 233 -39.78 -15.74 54.79
CA PRO A 233 -38.50 -16.45 54.93
C PRO A 233 -38.04 -16.44 56.38
N SER A 234 -37.60 -17.59 56.85
CA SER A 234 -37.04 -17.71 58.21
C SER A 234 -35.56 -17.38 58.26
N GLY A 235 -34.87 -17.39 57.13
CA GLY A 235 -33.46 -17.07 57.06
C GLY A 235 -32.54 -18.24 56.85
N ASP A 236 -33.03 -19.48 57.03
CA ASP A 236 -32.21 -20.68 56.95
C ASP A 236 -32.57 -21.53 55.75
N GLY A 237 -33.31 -20.98 54.78
CA GLY A 237 -33.80 -21.72 53.65
C GLY A 237 -35.22 -22.25 53.80
N THR A 238 -35.82 -22.16 54.99
CA THR A 238 -37.20 -22.59 55.19
C THR A 238 -38.06 -21.37 55.46
N TYR A 239 -39.38 -21.61 55.57
CA TYR A 239 -40.40 -20.57 55.63
C TYR A 239 -41.34 -20.80 56.80
N GLN A 240 -42.09 -19.76 57.16
CA GLN A 240 -43.10 -19.85 58.20
C GLN A 240 -44.34 -19.08 57.74
N ALA A 241 -45.48 -19.38 58.35
CA ALA A 241 -46.73 -18.74 57.95
C ALA A 241 -47.73 -18.96 59.07
N TRP A 242 -48.84 -18.23 59.03
CA TRP A 242 -49.88 -18.40 60.05
C TRP A 242 -51.21 -17.97 59.47
N ALA A 243 -52.28 -18.37 60.16
CA ALA A 243 -53.63 -17.87 59.88
C ALA A 243 -54.36 -17.82 61.21
N SER A 244 -55.29 -16.86 61.34
CA SER A 244 -56.04 -16.69 62.58
C SER A 244 -57.53 -16.58 62.31
N ILE A 245 -58.32 -16.88 63.35
CA ILE A 245 -59.77 -16.76 63.30
C ILE A 245 -60.26 -16.34 64.68
N GLU A 246 -61.27 -15.47 64.71
CA GLU A 246 -61.77 -14.92 65.96
C GLU A 246 -62.80 -15.87 66.58
N LEU A 247 -62.73 -15.98 67.91
CA LEU A 247 -63.51 -16.96 68.65
C LEU A 247 -64.86 -16.38 69.07
N ASP A 248 -65.94 -17.10 68.76
CA ASP A 248 -67.29 -16.67 69.13
C ASP A 248 -67.63 -17.15 70.55
N PRO A 249 -67.83 -16.25 71.51
CA PRO A 249 -68.13 -16.68 72.88
C PRO A 249 -69.57 -17.11 73.09
N GLN A 250 -70.44 -16.98 72.09
CA GLN A 250 -71.88 -17.17 72.26
C GLN A 250 -72.37 -18.53 71.78
N SER A 251 -71.51 -19.32 71.15
CA SER A 251 -71.86 -20.68 70.73
C SER A 251 -70.59 -21.52 70.68
N SER A 252 -70.71 -22.79 71.05
CA SER A 252 -69.59 -23.72 70.86
C SER A 252 -69.55 -24.15 69.41
N ASN A 253 -68.36 -24.16 68.86
CA ASN A 253 -68.16 -24.67 67.51
C ASN A 253 -66.84 -25.43 67.53
N LEU A 254 -66.76 -26.47 66.72
CA LEU A 254 -65.49 -27.15 66.53
C LEU A 254 -64.69 -26.35 65.50
N TYR A 255 -63.56 -25.80 65.94
CA TYR A 255 -62.65 -25.10 65.05
C TYR A 255 -61.48 -26.03 64.74
N SER A 256 -61.01 -26.00 63.49
CA SER A 256 -59.88 -26.84 63.13
C SER A 256 -59.02 -26.12 62.10
N CYS A 257 -57.72 -26.23 62.28
CA CYS A 257 -56.77 -25.69 61.32
C CYS A 257 -56.45 -26.76 60.28
N HIS A 258 -56.39 -26.35 59.02
CA HIS A 258 -56.12 -27.23 57.89
C HIS A 258 -54.89 -26.70 57.17
N VAL A 259 -53.90 -27.55 56.96
CA VAL A 259 -52.65 -27.16 56.30
C VAL A 259 -52.38 -28.13 55.16
N GLU A 260 -52.11 -27.61 53.97
CA GLU A 260 -51.75 -28.44 52.84
C GLU A 260 -50.37 -28.02 52.37
N HIS A 261 -49.45 -29.00 52.29
CA HIS A 261 -48.09 -28.70 51.86
C HIS A 261 -47.56 -29.90 51.09
N SER A 262 -47.16 -29.66 49.84
CA SER A 262 -46.43 -30.64 49.02
CA SER A 262 -46.43 -30.64 49.04
C SER A 262 -47.10 -32.01 49.04
N GLY A 263 -48.41 -32.01 48.80
CA GLY A 263 -49.18 -33.25 48.67
C GLY A 263 -49.60 -33.94 49.96
N VAL A 264 -49.42 -33.30 51.12
CA VAL A 264 -49.83 -33.87 52.41
C VAL A 264 -50.79 -32.89 53.07
N HIS A 265 -51.90 -33.40 53.61
CA HIS A 265 -52.88 -32.59 54.32
CA HIS A 265 -52.88 -32.59 54.32
C HIS A 265 -52.82 -32.91 55.80
N MET A 266 -52.96 -31.88 56.62
CA MET A 266 -52.87 -32.00 58.07
C MET A 266 -54.04 -31.24 58.65
N VAL A 267 -54.66 -31.80 59.69
CA VAL A 267 -55.77 -31.19 60.39
C VAL A 267 -55.43 -31.15 61.87
N LEU A 268 -55.55 -29.97 62.49
CA LEU A 268 -55.41 -29.84 63.95
C LEU A 268 -56.75 -29.36 64.51
N GLN A 269 -57.42 -30.24 65.26
CA GLN A 269 -58.71 -29.90 65.87
C GLN A 269 -58.47 -29.24 67.22
N VAL A 270 -59.18 -28.15 67.49
CA VAL A 270 -59.00 -27.40 68.73
C VAL A 270 -60.02 -27.91 69.74
N PRO A 271 -59.60 -28.40 70.92
CA PRO A 271 -60.51 -28.92 71.91
C PRO A 271 -61.45 -27.84 72.49
N MET B 1 -46.94 9.99 40.06
CA MET B 1 -46.53 8.59 40.17
C MET B 1 -46.97 7.95 41.49
N ILE B 2 -47.18 6.64 41.47
CA ILE B 2 -47.68 5.90 42.61
C ILE B 2 -46.48 5.30 43.34
N GLN B 3 -46.30 5.73 44.59
CA GLN B 3 -45.29 5.18 45.49
C GLN B 3 -45.97 4.31 46.52
N ARG B 4 -45.36 3.17 46.83
CA ARG B 4 -45.96 2.17 47.71
C ARG B 4 -45.13 2.04 48.99
N THR B 5 -45.81 2.12 50.11
CA THR B 5 -45.13 2.13 51.38
C THR B 5 -44.76 0.70 51.79
N PRO B 6 -43.66 0.51 52.50
CA PRO B 6 -43.26 -0.85 52.84
C PRO B 6 -44.15 -1.46 53.93
N LYS B 7 -44.44 -2.75 53.77
CA LYS B 7 -44.98 -3.57 54.83
C LYS B 7 -43.81 -4.13 55.64
N ILE B 8 -43.92 -4.10 56.96
CA ILE B 8 -42.81 -4.38 57.86
C ILE B 8 -43.23 -5.48 58.83
N GLN B 9 -42.49 -6.57 58.85
CA GLN B 9 -42.83 -7.70 59.71
C GLN B 9 -41.61 -8.16 60.48
N VAL B 10 -41.75 -8.26 61.80
CA VAL B 10 -40.66 -8.56 62.72
C VAL B 10 -40.96 -9.88 63.41
N TYR B 11 -40.03 -10.82 63.34
CA TYR B 11 -40.33 -12.16 63.81
C TYR B 11 -39.01 -12.88 64.02
N SER B 12 -39.07 -13.96 64.79
CA SER B 12 -37.92 -14.82 65.03
C SER B 12 -37.88 -15.97 64.02
N ARG B 13 -36.66 -16.44 63.73
CA ARG B 13 -36.48 -17.60 62.87
C ARG B 13 -37.18 -18.84 63.43
N HIS B 14 -36.99 -19.12 64.72
CA HIS B 14 -37.61 -20.20 65.47
C HIS B 14 -38.59 -19.64 66.48
N PRO B 15 -39.59 -20.42 66.90
CA PRO B 15 -40.40 -20.02 68.05
C PRO B 15 -39.48 -19.73 69.23
N ALA B 16 -39.57 -18.52 69.75
CA ALA B 16 -38.58 -18.05 70.70
C ALA B 16 -38.76 -18.72 72.05
N GLU B 17 -37.65 -18.95 72.73
CA GLU B 17 -37.61 -19.42 74.10
C GLU B 17 -36.48 -18.69 74.78
N ASN B 18 -36.76 -18.07 75.93
CA ASN B 18 -35.76 -17.28 76.63
C ASN B 18 -34.52 -18.11 76.90
N GLY B 19 -33.35 -17.47 76.73
CA GLY B 19 -32.10 -18.13 76.97
C GLY B 19 -31.61 -19.04 75.86
N LYS B 20 -32.36 -19.16 74.77
CA LYS B 20 -31.96 -19.95 73.61
C LYS B 20 -31.59 -19.04 72.44
N SER B 21 -30.49 -19.38 71.78
CA SER B 21 -29.98 -18.56 70.69
C SER B 21 -30.93 -18.60 69.50
N ASN B 22 -31.13 -17.46 68.85
CA ASN B 22 -32.13 -17.34 67.79
C ASN B 22 -31.63 -16.31 66.77
N PHE B 23 -32.48 -16.02 65.78
CA PHE B 23 -32.29 -14.92 64.84
C PHE B 23 -33.54 -14.05 64.84
N LEU B 24 -33.37 -12.73 64.92
CA LEU B 24 -34.44 -11.77 64.76
C LEU B 24 -34.49 -11.31 63.32
N ASN B 25 -35.64 -11.45 62.67
CA ASN B 25 -35.82 -11.13 61.24
C ASN B 25 -36.69 -9.88 61.09
N CYS B 26 -36.35 -9.03 60.14
CA CYS B 26 -37.25 -7.94 59.75
C CYS B 26 -37.44 -8.03 58.24
N TYR B 27 -38.66 -8.35 57.82
CA TYR B 27 -38.96 -8.55 56.41
C TYR B 27 -39.73 -7.33 55.93
N VAL B 28 -39.15 -6.62 54.98
CA VAL B 28 -39.70 -5.38 54.48
C VAL B 28 -40.07 -5.60 53.01
N SER B 29 -41.32 -5.36 52.64
CA SER B 29 -41.79 -5.83 51.34
C SER B 29 -42.83 -4.88 50.78
N GLY B 30 -43.16 -5.09 49.50
CA GLY B 30 -44.20 -4.37 48.80
C GLY B 30 -43.93 -2.89 48.58
N PHE B 31 -42.69 -2.43 48.69
CA PHE B 31 -42.43 -1.01 48.56
C PHE B 31 -41.90 -0.65 47.16
N HIS B 32 -42.07 0.62 46.80
CA HIS B 32 -41.59 1.16 45.52
C HIS B 32 -41.48 2.68 45.64
N PRO B 33 -40.40 3.31 45.17
CA PRO B 33 -39.18 2.76 44.55
C PRO B 33 -38.22 2.10 45.56
N SER B 34 -37.03 1.75 45.11
CA SER B 34 -36.25 0.74 45.81
C SER B 34 -35.42 1.27 46.98
N ASP B 35 -35.17 2.57 47.09
CA ASP B 35 -34.32 3.07 48.17
C ASP B 35 -35.04 2.92 49.50
N ILE B 36 -34.36 2.33 50.47
CA ILE B 36 -34.97 2.09 51.77
C ILE B 36 -33.86 2.02 52.80
N GLU B 37 -34.19 2.36 54.04
CA GLU B 37 -33.27 2.30 55.17
C GLU B 37 -33.91 1.45 56.26
N VAL B 38 -33.16 0.47 56.76
CA VAL B 38 -33.65 -0.45 57.79
C VAL B 38 -32.59 -0.60 58.88
N ASP B 39 -33.02 -0.49 60.14
CA ASP B 39 -32.18 -0.78 61.30
C ASP B 39 -32.96 -1.68 62.26
N LEU B 40 -32.27 -2.62 62.87
CA LEU B 40 -32.84 -3.40 63.96
C LEU B 40 -32.44 -2.74 65.28
N LEU B 41 -33.38 -2.70 66.21
CA LEU B 41 -33.24 -1.99 67.48
C LEU B 41 -33.27 -2.99 68.64
N LYS B 42 -32.38 -2.79 69.60
CA LYS B 42 -32.44 -3.50 70.88
C LYS B 42 -32.62 -2.45 71.97
N ASN B 43 -33.77 -2.48 72.63
CA ASN B 43 -34.11 -1.52 73.70
C ASN B 43 -34.09 -0.09 73.19
N GLY B 44 -34.36 0.09 71.89
CA GLY B 44 -34.34 1.40 71.27
C GLY B 44 -33.00 1.86 70.75
N GLU B 45 -31.97 1.02 70.82
CA GLU B 45 -30.66 1.34 70.28
C GLU B 45 -30.38 0.49 69.05
N ARG B 46 -29.67 1.06 68.09
CA ARG B 46 -29.42 0.38 66.82
C ARG B 46 -28.41 -0.75 67.01
N ILE B 47 -28.77 -1.93 66.54
CA ILE B 47 -27.88 -3.09 66.59
C ILE B 47 -26.84 -2.97 65.48
N GLU B 48 -25.59 -3.29 65.81
CA GLU B 48 -24.47 -3.06 64.89
C GLU B 48 -24.30 -4.19 63.86
N LYS B 49 -24.17 -5.43 64.35
CA LYS B 49 -23.93 -6.58 63.47
C LYS B 49 -25.27 -7.08 62.94
N VAL B 50 -25.72 -6.47 61.84
CA VAL B 50 -27.01 -6.79 61.23
C VAL B 50 -26.76 -7.09 59.76
N GLU B 51 -27.21 -8.24 59.30
CA GLU B 51 -27.02 -8.66 57.93
C GLU B 51 -28.30 -8.46 57.12
N HIS B 52 -28.18 -8.48 55.79
CA HIS B 52 -29.38 -8.39 54.98
C HIS B 52 -29.17 -9.06 53.64
N SER B 53 -30.30 -9.50 53.07
CA SER B 53 -30.28 -10.06 51.74
C SER B 53 -30.08 -8.95 50.71
N ASP B 54 -29.68 -9.34 49.51
CA ASP B 54 -29.72 -8.43 48.37
C ASP B 54 -31.16 -7.98 48.11
N LEU B 55 -31.32 -6.76 47.57
CA LEU B 55 -32.61 -6.28 47.10
C LEU B 55 -33.25 -7.32 46.17
N SER B 56 -34.55 -7.56 46.35
CA SER B 56 -35.23 -8.65 45.66
C SER B 56 -36.45 -8.08 44.94
N PHE B 57 -36.85 -8.76 43.85
CA PHE B 57 -37.87 -8.22 42.93
C PHE B 57 -39.13 -9.06 42.95
N SER B 58 -40.28 -8.41 43.11
CA SER B 58 -41.55 -9.13 43.04
C SER B 58 -42.20 -8.95 41.68
N LYS B 59 -43.11 -9.90 41.34
CA LYS B 59 -43.80 -9.87 40.05
C LYS B 59 -44.68 -8.62 39.90
N ASP B 60 -45.15 -8.05 41.01
CA ASP B 60 -45.99 -6.86 40.92
C ASP B 60 -45.18 -5.57 40.85
N TRP B 61 -43.89 -5.70 40.61
CA TRP B 61 -42.91 -4.66 40.41
C TRP B 61 -42.42 -4.07 41.73
N SER B 62 -42.95 -4.48 42.88
CA SER B 62 -42.41 -3.92 44.12
C SER B 62 -41.15 -4.68 44.54
N PHE B 63 -40.56 -4.27 45.67
CA PHE B 63 -39.29 -4.80 46.14
C PHE B 63 -39.46 -5.37 47.54
N TYR B 64 -38.51 -6.21 47.93
CA TYR B 64 -38.51 -6.71 49.31
C TYR B 64 -37.08 -7.04 49.72
N LEU B 65 -36.88 -7.14 51.04
CA LEU B 65 -35.58 -7.37 51.66
CA LEU B 65 -35.61 -7.56 51.57
C LEU B 65 -35.81 -8.06 53.00
N LEU B 66 -34.84 -8.86 53.44
CA LEU B 66 -34.83 -9.46 54.77
C LEU B 66 -33.61 -8.93 55.53
N TYR B 67 -33.85 -8.35 56.69
CA TYR B 67 -32.78 -7.95 57.62
C TYR B 67 -32.82 -8.89 58.82
N TYR B 68 -31.66 -9.33 59.28
CA TYR B 68 -31.61 -10.28 60.39
C TYR B 68 -30.38 -10.08 61.25
N THR B 69 -30.48 -10.51 62.51
CA THR B 69 -29.33 -10.52 63.39
C THR B 69 -29.50 -11.67 64.38
N GLU B 70 -28.39 -12.29 64.74
CA GLU B 70 -28.44 -13.34 65.74
C GLU B 70 -28.65 -12.72 67.12
N PHE B 71 -29.45 -13.40 67.95
CA PHE B 71 -29.72 -12.88 69.29
C PHE B 71 -30.22 -13.98 70.21
N THR B 72 -30.11 -13.72 71.51
CA THR B 72 -30.74 -14.56 72.51
C THR B 72 -31.84 -13.77 73.20
N PRO B 73 -33.12 -14.12 73.01
CA PRO B 73 -34.20 -13.36 73.68
C PRO B 73 -34.19 -13.58 75.19
N THR B 74 -34.52 -12.52 75.92
CA THR B 74 -34.72 -12.56 77.36
C THR B 74 -36.06 -11.91 77.67
N GLU B 75 -36.44 -11.99 78.95
CA GLU B 75 -37.70 -11.36 79.38
C GLU B 75 -37.64 -9.85 79.25
N LYS B 76 -36.48 -9.25 79.52
CA LYS B 76 -36.33 -7.81 79.69
C LYS B 76 -36.12 -7.06 78.38
N ASP B 77 -35.38 -7.64 77.43
CA ASP B 77 -34.95 -6.91 76.24
C ASP B 77 -36.10 -6.75 75.24
N GLU B 78 -36.32 -5.52 74.78
CA GLU B 78 -37.30 -5.20 73.74
C GLU B 78 -36.60 -4.98 72.41
N TYR B 79 -37.16 -5.55 71.35
CA TYR B 79 -36.56 -5.52 70.02
C TYR B 79 -37.52 -4.89 69.01
N ALA B 80 -36.95 -4.30 67.95
CA ALA B 80 -37.78 -3.58 66.98
C ALA B 80 -37.02 -3.37 65.67
N CYS B 81 -37.80 -3.09 64.63
CA CYS B 81 -37.30 -2.73 63.31
C CYS B 81 -37.70 -1.30 62.99
N ARG B 82 -36.75 -0.52 62.48
CA ARG B 82 -36.97 0.88 62.12
C ARG B 82 -36.70 1.08 60.64
N VAL B 83 -37.67 1.61 59.92
CA VAL B 83 -37.65 1.68 58.46
C VAL B 83 -37.91 3.10 58.02
N ASN B 84 -37.11 3.60 57.07
CA ASN B 84 -37.45 4.84 56.41
C ASN B 84 -37.48 4.63 54.89
N HIS B 85 -38.42 5.31 54.25
CA HIS B 85 -38.71 5.19 52.83
C HIS B 85 -39.23 6.55 52.39
N VAL B 86 -39.25 6.81 51.07
CA VAL B 86 -39.71 8.11 50.60
C VAL B 86 -41.18 8.32 50.92
N THR B 87 -41.94 7.24 51.10
CA THR B 87 -43.36 7.30 51.45
C THR B 87 -43.63 7.55 52.93
N LEU B 88 -42.61 7.69 53.77
CA LEU B 88 -42.79 7.85 55.20
C LEU B 88 -42.36 9.24 55.65
N SER B 89 -43.24 9.92 56.39
CA SER B 89 -42.92 11.23 56.94
C SER B 89 -41.77 11.15 57.94
N GLN B 90 -41.80 10.17 58.83
CA GLN B 90 -40.76 9.91 59.81
C GLN B 90 -40.50 8.42 59.80
N PRO B 91 -39.33 7.98 60.27
CA PRO B 91 -39.07 6.54 60.40
C PRO B 91 -40.21 5.84 61.12
N LYS B 92 -40.53 4.63 60.67
CA LYS B 92 -41.62 3.84 61.21
C LYS B 92 -41.05 2.66 61.98
N ILE B 93 -41.51 2.50 63.21
CA ILE B 93 -40.96 1.53 64.16
C ILE B 93 -42.01 0.44 64.41
N VAL B 94 -41.61 -0.81 64.19
CA VAL B 94 -42.46 -1.98 64.42
C VAL B 94 -41.75 -2.85 65.45
N LYS B 95 -42.39 -3.07 66.60
CA LYS B 95 -41.78 -3.81 67.68
C LYS B 95 -42.01 -5.31 67.49
N TRP B 96 -41.04 -6.10 67.97
CA TRP B 96 -41.17 -7.55 67.97
C TRP B 96 -42.17 -7.98 69.04
N ASP B 97 -43.36 -8.42 68.61
CA ASP B 97 -44.40 -8.91 69.52
C ASP B 97 -44.32 -10.44 69.57
N ARG B 98 -43.89 -10.96 70.70
CA ARG B 98 -43.78 -12.40 70.92
C ARG B 98 -44.89 -12.91 71.85
N MET C 1 -7.86 18.09 -16.94
CA MET C 1 -6.94 18.19 -18.06
C MET C 1 -7.12 16.99 -18.99
N ARG C 2 -6.97 17.22 -20.29
CA ARG C 2 -7.10 16.13 -21.25
C ARG C 2 -5.81 15.32 -21.25
N THR C 3 -5.80 14.24 -22.03
CA THR C 3 -4.59 13.44 -22.17
C THR C 3 -3.55 14.17 -23.01
N HIS C 4 -2.28 14.07 -22.60
CA HIS C 4 -1.19 14.71 -23.32
C HIS C 4 0.01 13.76 -23.35
N SER C 5 0.90 13.98 -24.32
CA SER C 5 2.05 13.11 -24.45
C SER C 5 3.28 13.92 -24.87
N LEU C 6 4.45 13.36 -24.56
CA LEU C 6 5.73 13.92 -24.96
C LEU C 6 6.48 12.79 -25.63
N ARG C 7 7.03 13.02 -26.82
CA ARG C 7 7.81 11.96 -27.42
C ARG C 7 8.96 12.55 -28.22
N TYR C 8 10.07 11.83 -28.26
CA TYR C 8 11.20 12.19 -29.12
C TYR C 8 11.51 11.06 -30.07
N PHE C 9 11.76 11.40 -31.35
CA PHE C 9 12.17 10.42 -32.34
C PHE C 9 13.64 10.65 -32.73
N ARG C 10 14.33 9.57 -33.09
CA ARG C 10 15.59 9.67 -33.82
C ARG C 10 15.49 8.86 -35.09
N LEU C 11 16.10 9.37 -36.17
CA LEU C 11 16.16 8.70 -37.47
C LEU C 11 17.59 8.74 -37.96
N GLY C 12 18.17 7.57 -38.20
CA GLY C 12 19.51 7.46 -38.79
C GLY C 12 19.39 6.82 -40.17
N VAL C 13 20.21 7.30 -41.11
CA VAL C 13 20.23 6.79 -42.47
C VAL C 13 21.69 6.53 -42.84
N SER C 14 22.02 5.32 -43.26
CA SER C 14 23.39 5.04 -43.67
C SER C 14 23.52 5.42 -45.14
N ASP C 15 24.69 5.93 -45.50
CA ASP C 15 24.99 6.30 -46.88
C ASP C 15 23.83 7.07 -47.51
N PRO C 16 23.45 8.22 -46.95
CA PRO C 16 22.25 8.90 -47.45
C PRO C 16 22.46 9.44 -48.86
N ILE C 17 21.41 9.30 -49.67
CA ILE C 17 21.35 9.98 -50.96
C ILE C 17 21.50 11.48 -50.72
N HIS C 18 22.04 12.18 -51.71
CA HIS C 18 22.26 13.61 -51.61
C HIS C 18 21.00 14.33 -51.14
N GLY C 19 21.15 15.17 -50.11
CA GLY C 19 20.06 15.95 -49.58
C GLY C 19 19.29 15.34 -48.40
N VAL C 20 19.65 14.15 -47.96
CA VAL C 20 19.03 13.53 -46.79
C VAL C 20 20.05 13.52 -45.67
N PRO C 21 19.77 14.10 -44.49
CA PRO C 21 20.75 14.07 -43.40
C PRO C 21 20.98 12.66 -42.89
N GLU C 22 22.18 12.43 -42.39
CA GLU C 22 22.48 11.15 -41.76
C GLU C 22 21.70 10.94 -40.47
N PHE C 23 21.28 12.00 -39.79
CA PHE C 23 20.64 11.87 -38.48
C PHE C 23 19.70 13.05 -38.28
N ILE C 24 18.50 12.76 -37.78
CA ILE C 24 17.50 13.76 -37.43
C ILE C 24 16.90 13.33 -36.10
N SER C 25 16.57 14.30 -35.24
CA SER C 25 15.87 14.00 -34.01
C SER C 25 14.89 15.12 -33.73
N VAL C 26 13.63 14.76 -33.50
CA VAL C 26 12.56 15.74 -33.35
C VAL C 26 11.75 15.37 -32.12
N GLY C 27 11.40 16.38 -31.32
CA GLY C 27 10.51 16.18 -30.18
C GLY C 27 9.12 16.75 -30.45
N TYR C 28 8.11 16.13 -29.80
CA TYR C 28 6.72 16.52 -29.98
C TYR C 28 6.02 16.56 -28.63
N VAL C 29 5.11 17.51 -28.45
CA VAL C 29 4.09 17.44 -27.42
C VAL C 29 2.76 17.29 -28.15
N ASP C 30 2.03 16.21 -27.84
CA ASP C 30 0.87 15.81 -28.64
C ASP C 30 1.26 15.86 -30.12
N SER C 31 0.56 16.59 -30.95
CA SER C 31 0.96 16.59 -32.36
C SER C 31 1.84 17.78 -32.75
N HIS C 32 2.31 18.58 -31.78
CA HIS C 32 3.07 19.80 -32.03
C HIS C 32 4.57 19.53 -31.99
N PRO C 33 5.33 19.81 -33.06
CA PRO C 33 6.79 19.72 -32.95
C PRO C 33 7.29 20.75 -31.95
N ILE C 34 8.24 20.35 -31.10
CA ILE C 34 8.77 21.32 -30.14
C ILE C 34 10.27 21.56 -30.34
N THR C 35 10.99 20.57 -30.85
CA THR C 35 12.44 20.68 -30.94
C THR C 35 12.91 19.92 -32.16
N THR C 36 14.07 20.34 -32.72
CA THR C 36 14.65 19.66 -33.85
C THR C 36 16.18 19.77 -33.81
N TYR C 37 16.83 18.74 -34.36
CA TYR C 37 18.29 18.65 -34.47
C TYR C 37 18.56 17.81 -35.70
N ASP C 38 19.59 18.14 -36.47
CA ASP C 38 20.02 17.20 -37.49
C ASP C 38 21.52 17.32 -37.70
N SER C 39 22.06 16.36 -38.43
CA SER C 39 23.50 16.24 -38.65
C SER C 39 24.03 17.32 -39.59
N VAL C 40 23.16 18.12 -40.19
CA VAL C 40 23.62 19.24 -41.02
C VAL C 40 23.75 20.50 -40.19
N THR C 41 22.72 20.83 -39.40
CA THR C 41 22.83 22.01 -38.55
C THR C 41 23.71 21.74 -37.33
N ARG C 42 23.64 20.52 -36.79
CA ARG C 42 24.36 20.16 -35.56
C ARG C 42 23.99 21.05 -34.39
N GLN C 43 22.79 21.62 -34.42
CA GLN C 43 22.26 22.48 -33.35
C GLN C 43 20.87 22.02 -33.01
N LYS C 44 20.55 21.99 -31.71
CA LYS C 44 19.16 21.81 -31.29
C LYS C 44 18.47 23.15 -31.32
N GLU C 45 17.28 23.21 -31.91
CA GLU C 45 16.54 24.46 -32.08
C GLU C 45 15.06 24.25 -31.76
N PRO C 46 14.36 25.30 -31.32
CA PRO C 46 12.93 25.17 -31.05
C PRO C 46 12.11 25.06 -32.33
N ARG C 47 11.01 24.32 -32.23
CA ARG C 47 10.03 24.28 -33.32
CA ARG C 47 10.03 24.27 -33.31
C ARG C 47 8.69 24.86 -32.87
N ALA C 48 8.62 25.42 -31.67
CA ALA C 48 7.43 26.12 -31.23
C ALA C 48 7.90 27.41 -30.58
N PRO C 49 7.20 28.53 -30.82
CA PRO C 49 7.60 29.78 -30.18
C PRO C 49 7.50 29.76 -28.66
N TRP C 50 6.58 28.97 -28.09
CA TRP C 50 6.51 28.92 -26.62
C TRP C 50 7.62 28.07 -26.00
N MET C 51 8.34 27.26 -26.79
CA MET C 51 9.59 26.66 -26.32
C MET C 51 10.72 27.68 -26.34
N ALA C 52 10.88 28.37 -27.47
CA ALA C 52 11.89 29.41 -27.61
C ALA C 52 11.80 30.42 -26.49
N GLU C 53 10.58 30.80 -26.10
CA GLU C 53 10.38 31.85 -25.11
C GLU C 53 10.63 31.43 -23.68
N ASN C 54 10.60 30.13 -23.36
CA ASN C 54 10.71 29.73 -21.97
C ASN C 54 11.99 28.98 -21.61
N LEU C 55 12.76 28.52 -22.58
CA LEU C 55 13.99 27.79 -22.28
C LEU C 55 15.18 28.66 -22.66
N ALA C 56 16.08 28.91 -21.70
CA ALA C 56 17.22 29.80 -21.89
C ALA C 56 18.26 29.18 -22.82
N PRO C 57 19.20 29.99 -23.33
CA PRO C 57 20.22 29.44 -24.25
C PRO C 57 21.00 28.28 -23.66
N ASP C 58 21.19 28.24 -22.34
CA ASP C 58 21.86 27.11 -21.70
C ASP C 58 21.23 25.77 -22.07
N HIS C 59 19.90 25.73 -22.19
CA HIS C 59 19.21 24.48 -22.52
C HIS C 59 19.62 23.99 -23.91
N TRP C 60 19.45 24.85 -24.92
CA TRP C 60 19.78 24.45 -26.29
C TRP C 60 21.26 24.12 -26.41
N GLU C 61 22.12 24.87 -25.72
CA GLU C 61 23.57 24.62 -25.79
C GLU C 61 23.90 23.24 -25.23
N ARG C 62 23.35 22.91 -24.06
CA ARG C 62 23.64 21.64 -23.42
C ARG C 62 23.10 20.46 -24.23
N TYR C 63 21.85 20.53 -24.68
CA TYR C 63 21.32 19.41 -25.47
C TYR C 63 21.90 19.34 -26.88
N THR C 64 22.39 20.45 -27.43
CA THR C 64 23.14 20.35 -28.68
C THR C 64 24.34 19.42 -28.51
N GLN C 65 25.06 19.52 -27.38
CA GLN C 65 26.20 18.63 -27.16
C GLN C 65 25.75 17.19 -26.98
N LEU C 66 24.67 16.97 -26.21
CA LEU C 66 24.21 15.60 -26.02
C LEU C 66 23.77 14.99 -27.36
N LEU C 67 23.08 15.77 -28.20
CA LEU C 67 22.61 15.29 -29.50
C LEU C 67 23.76 14.93 -30.44
N ARG C 68 24.85 15.71 -30.40
CA ARG C 68 26.04 15.35 -31.16
C ARG C 68 26.55 13.99 -30.74
N GLY C 69 26.51 13.68 -29.43
CA GLY C 69 26.90 12.34 -29.01
C GLY C 69 25.88 11.27 -29.39
N TRP C 70 24.59 11.56 -29.21
CA TRP C 70 23.57 10.60 -29.61
C TRP C 70 23.61 10.32 -31.11
N GLN C 71 23.89 11.35 -31.91
CA GLN C 71 24.13 11.16 -33.34
C GLN C 71 25.22 10.12 -33.56
N GLN C 72 26.34 10.27 -32.87
CA GLN C 72 27.44 9.35 -33.12
C GLN C 72 27.10 7.93 -32.68
N MET C 73 26.41 7.79 -31.54
CA MET C 73 25.99 6.46 -31.09
C MET C 73 25.01 5.82 -32.08
N PHE C 74 24.08 6.61 -32.62
CA PHE C 74 23.16 6.09 -33.62
C PHE C 74 23.91 5.61 -34.85
N LYS C 75 24.94 6.36 -35.27
CA LYS C 75 25.72 5.98 -36.45
C LYS C 75 26.35 4.61 -36.25
N VAL C 76 26.94 4.40 -35.08
CA VAL C 76 27.67 3.16 -34.82
C VAL C 76 26.70 2.01 -34.61
N GLU C 77 25.58 2.25 -33.91
CA GLU C 77 24.57 1.21 -33.75
C GLU C 77 24.05 0.72 -35.09
N LEU C 78 23.79 1.64 -36.03
CA LEU C 78 23.28 1.19 -37.32
C LEU C 78 24.34 0.41 -38.09
N LYS C 79 25.62 0.79 -37.97
CA LYS C 79 26.68 -0.01 -38.59
C LYS C 79 26.72 -1.41 -38.03
N ARG C 80 26.55 -1.57 -36.71
CA ARG C 80 26.54 -2.91 -36.11
C ARG C 80 25.34 -3.71 -36.57
N LEU C 81 24.15 -3.10 -36.64
CA LEU C 81 22.97 -3.78 -37.18
C LEU C 81 23.22 -4.27 -38.61
N GLN C 82 23.77 -3.41 -39.47
CA GLN C 82 23.98 -3.88 -40.83
C GLN C 82 24.98 -5.02 -40.88
N ARG C 83 25.99 -5.01 -40.00
CA ARG C 83 26.93 -6.14 -39.99
C ARG C 83 26.22 -7.42 -39.57
N HIS C 84 25.33 -7.33 -38.55
CA HIS C 84 24.58 -8.50 -38.08
C HIS C 84 23.72 -9.09 -39.18
N TYR C 85 23.08 -8.23 -39.97
CA TYR C 85 22.21 -8.67 -41.06
C TYR C 85 22.96 -8.95 -42.36
N ASN C 86 24.24 -8.62 -42.45
CA ASN C 86 25.00 -8.68 -43.69
C ASN C 86 24.37 -7.80 -44.77
N HIS C 87 24.05 -6.56 -44.42
CA HIS C 87 23.35 -5.64 -45.31
C HIS C 87 24.30 -4.55 -45.79
N SER C 88 24.32 -4.33 -47.10
CA SER C 88 25.00 -3.15 -47.63
C SER C 88 23.95 -2.13 -48.08
N GLY C 89 24.43 -1.01 -48.63
CA GLY C 89 23.54 0.02 -49.09
C GLY C 89 22.96 0.81 -47.93
N SER C 90 21.90 1.55 -48.23
CA SER C 90 21.32 2.50 -47.30
C SER C 90 20.19 1.84 -46.52
N HIS C 91 20.29 1.89 -45.20
CA HIS C 91 19.24 1.37 -44.34
C HIS C 91 18.91 2.44 -43.32
N THR C 92 17.80 2.25 -42.59
CA THR C 92 17.33 3.23 -41.65
C THR C 92 17.20 2.60 -40.27
N TYR C 93 17.40 3.44 -39.27
CA TYR C 93 17.34 3.05 -37.87
C TYR C 93 16.53 4.13 -37.20
N GLN C 94 15.57 3.75 -36.36
CA GLN C 94 14.70 4.73 -35.73
C GLN C 94 14.48 4.36 -34.27
N ARG C 95 14.27 5.39 -33.46
CA ARG C 95 13.93 5.25 -32.05
C ARG C 95 12.75 6.16 -31.74
N MET C 96 11.91 5.72 -30.83
CA MET C 96 10.85 6.57 -30.30
C MET C 96 10.81 6.35 -28.79
N ILE C 97 10.90 7.41 -28.02
CA ILE C 97 10.75 7.33 -26.56
C ILE C 97 9.68 8.33 -26.14
N GLY C 98 8.95 8.05 -25.05
CA GLY C 98 7.96 9.03 -24.65
C GLY C 98 7.11 8.58 -23.49
N CYS C 99 6.19 9.46 -23.09
CA CYS C 99 5.30 9.21 -21.97
C CYS C 99 3.97 9.90 -22.25
N GLU C 100 2.92 9.41 -21.63
CA GLU C 100 1.63 10.08 -21.68
C GLU C 100 1.17 10.34 -20.25
N LEU C 101 0.51 11.47 -20.05
CA LEU C 101 -0.16 11.80 -18.80
C LEU C 101 -1.66 11.77 -19.11
N LEU C 102 -2.35 10.77 -18.58
CA LEU C 102 -3.75 10.53 -18.89
C LEU C 102 -4.64 11.45 -18.09
N GLU C 103 -5.85 11.65 -18.61
CA GLU C 103 -6.86 12.45 -17.95
C GLU C 103 -7.07 12.02 -16.50
N ASP C 104 -7.23 10.71 -16.25
CA ASP C 104 -7.44 10.23 -14.88
C ASP C 104 -6.19 10.34 -14.00
N GLY C 105 -5.06 10.77 -14.54
CA GLY C 105 -3.86 10.98 -13.75
C GLY C 105 -2.83 9.86 -13.80
N SER C 106 -3.19 8.72 -14.35
CA SER C 106 -2.20 7.66 -14.50
C SER C 106 -1.25 8.02 -15.66
N THR C 107 -0.22 7.20 -15.86
CA THR C 107 0.82 7.53 -16.83
C THR C 107 1.16 6.29 -17.64
N THR C 108 1.77 6.51 -18.79
CA THR C 108 2.33 5.43 -19.60
C THR C 108 3.66 5.91 -20.12
N GLY C 109 4.48 4.96 -20.55
CA GLY C 109 5.83 5.25 -21.03
C GLY C 109 6.20 4.20 -22.05
N PHE C 110 7.03 4.57 -23.02
CA PHE C 110 7.35 3.64 -24.09
C PHE C 110 8.71 4.02 -24.66
N LEU C 111 9.42 3.01 -25.15
CA LEU C 111 10.73 3.16 -25.77
C LEU C 111 10.88 2.00 -26.75
N GLN C 112 11.10 2.34 -28.02
CA GLN C 112 10.99 1.36 -29.10
C GLN C 112 12.00 1.73 -30.17
N TYR C 113 12.53 0.71 -30.86
CA TYR C 113 13.44 0.88 -31.98
C TYR C 113 12.90 0.14 -33.19
N ALA C 114 13.20 0.70 -34.38
CA ALA C 114 12.86 0.07 -35.64
C ALA C 114 14.07 0.04 -36.55
N TYR C 115 14.14 -0.98 -37.41
CA TYR C 115 15.16 -1.09 -38.44
C TYR C 115 14.45 -1.20 -39.77
N ASP C 116 14.83 -0.36 -40.73
CA ASP C 116 14.16 -0.31 -42.04
C ASP C 116 12.64 -0.14 -41.92
N GLY C 117 12.23 0.65 -40.94
CA GLY C 117 10.83 1.01 -40.78
C GLY C 117 9.95 -0.03 -40.10
N GLN C 118 10.53 -1.11 -39.57
CA GLN C 118 9.78 -2.21 -38.97
C GLN C 118 10.19 -2.38 -37.52
N ASP C 119 9.25 -2.76 -36.63
CA ASP C 119 9.60 -2.98 -35.21
C ASP C 119 10.85 -3.86 -35.07
N PHE C 120 11.71 -3.49 -34.13
CA PHE C 120 12.97 -4.21 -33.94
C PHE C 120 13.08 -4.61 -32.47
N LEU C 121 13.03 -3.63 -31.57
CA LEU C 121 13.18 -3.83 -30.13
C LEU C 121 12.17 -2.97 -29.39
N ILE C 122 11.45 -3.56 -28.42
CA ILE C 122 10.43 -2.85 -27.64
C ILE C 122 10.78 -3.03 -26.16
N PHE C 123 10.94 -1.93 -25.44
CA PHE C 123 11.31 -2.01 -24.02
C PHE C 123 10.09 -2.32 -23.15
N ASN C 124 10.29 -3.24 -22.19
CA ASN C 124 9.25 -3.60 -21.23
C ASN C 124 9.75 -3.08 -19.89
N LYS C 125 9.26 -1.90 -19.50
CA LYS C 125 9.73 -1.27 -18.27
C LYS C 125 9.13 -1.91 -17.02
N ASP C 126 8.13 -2.80 -17.17
CA ASP C 126 7.58 -3.48 -16.00
C ASP C 126 8.35 -4.73 -15.64
N THR C 127 9.03 -5.34 -16.60
CA THR C 127 9.96 -6.42 -16.29
C THR C 127 11.42 -6.06 -16.56
N LEU C 128 11.70 -4.83 -17.00
CA LEU C 128 13.06 -4.41 -17.32
C LEU C 128 13.71 -5.32 -18.35
N SER C 129 13.03 -5.51 -19.46
CA SER C 129 13.56 -6.39 -20.48
C SER C 129 13.22 -5.80 -21.84
N TRP C 130 13.93 -6.26 -22.85
CA TRP C 130 13.66 -5.86 -24.22
C TRP C 130 13.02 -7.01 -24.98
N LEU C 131 11.95 -6.71 -25.71
CA LEU C 131 11.33 -7.68 -26.58
C LEU C 131 11.94 -7.57 -27.98
N ALA C 132 12.46 -8.69 -28.50
CA ALA C 132 13.17 -8.76 -29.78
C ALA C 132 12.32 -9.46 -30.83
N VAL C 133 12.33 -8.93 -32.06
CA VAL C 133 11.54 -9.53 -33.15
C VAL C 133 12.24 -10.68 -33.88
N ASP C 134 13.57 -10.75 -33.87
CA ASP C 134 14.25 -11.83 -34.60
C ASP C 134 15.58 -12.09 -33.91
N ASN C 135 16.41 -12.94 -34.53
CA ASN C 135 17.65 -13.35 -33.88
C ASN C 135 18.64 -12.19 -33.77
N VAL C 136 18.67 -11.27 -34.73
CA VAL C 136 19.59 -10.13 -34.63
C VAL C 136 19.18 -9.24 -33.45
N ALA C 137 17.89 -8.90 -33.38
CA ALA C 137 17.38 -8.17 -32.24
C ALA C 137 17.65 -8.92 -30.93
N HIS C 138 17.59 -10.24 -30.94
CA HIS C 138 17.88 -11.00 -29.72
C HIS C 138 19.33 -10.81 -29.28
N THR C 139 20.27 -10.75 -30.25
CA THR C 139 21.67 -10.49 -29.94
C THR C 139 21.83 -9.13 -29.28
N ILE C 140 21.11 -8.12 -29.77
CA ILE C 140 21.20 -6.79 -29.18
C ILE C 140 20.52 -6.77 -27.81
N LYS C 141 19.37 -7.43 -27.69
CA LYS C 141 18.70 -7.57 -26.38
C LYS C 141 19.65 -8.11 -25.32
N GLN C 142 20.41 -9.16 -25.65
CA GLN C 142 21.28 -9.74 -24.63
C GLN C 142 22.38 -8.76 -24.22
N ALA C 143 22.89 -7.97 -25.14
CA ALA C 143 23.86 -6.96 -24.74
C ALA C 143 23.22 -5.89 -23.87
N TRP C 144 22.05 -5.39 -24.27
CA TRP C 144 21.45 -4.29 -23.51
C TRP C 144 20.95 -4.74 -22.15
N GLU C 145 20.43 -5.97 -22.03
CA GLU C 145 19.94 -6.43 -20.74
C GLU C 145 21.05 -6.73 -19.74
N ALA C 146 22.31 -6.86 -20.18
CA ALA C 146 23.42 -7.03 -19.26
C ALA C 146 23.72 -5.79 -18.43
N ASN C 147 23.18 -4.62 -18.80
CA ASN C 147 23.44 -3.39 -18.05
C ASN C 147 22.21 -3.06 -17.20
N GLN C 148 22.12 -3.74 -16.06
CA GLN C 148 20.97 -3.59 -15.16
C GLN C 148 20.73 -2.12 -14.78
N HIS C 149 21.80 -1.37 -14.50
CA HIS C 149 21.63 0.02 -14.05
C HIS C 149 21.03 0.89 -15.16
N GLU C 150 21.43 0.66 -16.41
CA GLU C 150 20.83 1.43 -17.48
C GLU C 150 19.35 1.10 -17.65
N LEU C 151 18.96 -0.15 -17.46
CA LEU C 151 17.53 -0.50 -17.49
C LEU C 151 16.77 0.24 -16.38
N LEU C 152 17.35 0.30 -15.17
CA LEU C 152 16.72 1.04 -14.08
C LEU C 152 16.66 2.52 -14.39
N TYR C 153 17.74 3.07 -14.96
CA TYR C 153 17.74 4.47 -15.35
C TYR C 153 16.62 4.75 -16.35
N GLN C 154 16.43 3.86 -17.32
N GLN C 154 16.43 3.87 -17.34
CA GLN C 154 15.40 4.10 -18.31
CA GLN C 154 15.40 4.11 -18.33
C GLN C 154 14.02 4.06 -17.71
C GLN C 154 14.01 4.05 -17.72
N LYS C 155 13.80 3.14 -16.76
CA LYS C 155 12.49 3.06 -16.10
C LYS C 155 12.20 4.36 -15.37
N ASN C 156 13.18 4.84 -14.61
CA ASN C 156 13.03 6.13 -13.94
C ASN C 156 12.78 7.25 -14.94
N TRP C 157 13.46 7.25 -16.08
CA TRP C 157 13.27 8.34 -17.02
C TRP C 157 11.85 8.35 -17.57
N LEU C 158 11.37 7.18 -18.01
CA LEU C 158 10.01 7.07 -18.53
C LEU C 158 8.96 7.41 -17.48
N GLU C 159 9.15 6.97 -16.23
CA GLU C 159 8.06 7.12 -15.26
C GLU C 159 8.08 8.44 -14.52
N GLU C 160 9.25 9.04 -14.36
CA GLU C 160 9.38 10.26 -13.54
C GLU C 160 9.85 11.45 -14.35
N GLU C 161 11.04 11.39 -14.97
CA GLU C 161 11.59 12.55 -15.67
C GLU C 161 10.74 12.94 -16.88
N CYS C 162 10.33 11.96 -17.69
CA CYS C 162 9.57 12.31 -18.88
C CYS C 162 8.26 13.03 -18.50
N ILE C 163 7.61 12.57 -17.44
CA ILE C 163 6.36 13.21 -17.02
C ILE C 163 6.63 14.63 -16.50
N ALA C 164 7.71 14.82 -15.74
CA ALA C 164 8.02 16.17 -15.27
C ALA C 164 8.34 17.11 -16.44
N TRP C 165 9.05 16.63 -17.46
CA TRP C 165 9.25 17.47 -18.64
C TRP C 165 7.92 17.80 -19.31
N LEU C 166 7.07 16.78 -19.47
CA LEU C 166 5.79 17.03 -20.11
C LEU C 166 4.99 18.09 -19.35
N LYS C 167 4.94 18.00 -18.01
CA LYS C 167 4.14 18.98 -17.28
C LYS C 167 4.74 20.38 -17.42
N ARG C 168 6.06 20.45 -17.54
CA ARG C 168 6.71 21.73 -17.71
C ARG C 168 6.37 22.34 -19.06
N PHE C 169 6.49 21.55 -20.12
CA PHE C 169 6.13 22.03 -21.47
C PHE C 169 4.64 22.32 -21.58
N LEU C 170 3.80 21.54 -20.90
CA LEU C 170 2.37 21.80 -20.98
CA LEU C 170 2.37 21.79 -20.94
C LEU C 170 2.04 23.19 -20.43
N GLU C 171 2.77 23.63 -19.40
CA GLU C 171 2.55 24.98 -18.88
C GLU C 171 3.09 26.03 -19.84
N TYR C 172 4.32 25.87 -20.33
CA TYR C 172 4.86 26.80 -21.32
C TYR C 172 3.89 27.02 -22.49
N GLY C 173 3.32 25.94 -23.03
CA GLY C 173 2.49 26.07 -24.21
C GLY C 173 1.00 26.04 -23.95
N LYS C 174 0.59 26.41 -22.73
CA LYS C 174 -0.79 26.20 -22.31
CA LYS C 174 -0.79 26.19 -22.32
C LYS C 174 -1.78 26.94 -23.21
N ASP C 175 -1.43 28.17 -23.65
CA ASP C 175 -2.34 28.91 -24.51
C ASP C 175 -2.59 28.21 -25.83
N THR C 176 -1.67 27.35 -26.27
CA THR C 176 -1.87 26.51 -27.45
C THR C 176 -2.47 25.15 -27.09
N LEU C 177 -1.79 24.42 -26.20
CA LEU C 177 -2.08 23.00 -25.98
C LEU C 177 -3.38 22.77 -25.23
N GLN C 178 -3.79 23.73 -24.40
CA GLN C 178 -4.93 23.51 -23.52
C GLN C 178 -6.16 24.29 -23.96
N ARG C 179 -6.14 24.90 -25.13
CA ARG C 179 -7.30 25.60 -25.65
C ARG C 179 -8.28 24.62 -26.28
N THR C 180 -9.48 25.10 -26.58
CA THR C 180 -10.49 24.34 -27.29
C THR C 180 -11.06 25.20 -28.40
N GLU C 181 -11.12 24.66 -29.61
CA GLU C 181 -11.83 25.32 -30.73
C GLU C 181 -12.86 24.31 -31.19
N PRO C 182 -14.13 24.53 -30.92
CA PRO C 182 -15.15 23.54 -31.21
C PRO C 182 -15.32 23.36 -32.72
N PRO C 183 -15.79 22.20 -33.16
CA PRO C 183 -15.97 21.96 -34.60
C PRO C 183 -17.17 22.69 -35.20
N LEU C 184 -17.00 23.11 -36.44
CA LEU C 184 -18.12 23.49 -37.30
C LEU C 184 -18.54 22.21 -38.02
N VAL C 185 -19.79 21.79 -37.89
CA VAL C 185 -20.19 20.50 -38.45
C VAL C 185 -21.38 20.71 -39.36
N ARG C 186 -21.39 20.05 -40.51
CA ARG C 186 -22.53 20.13 -41.40
C ARG C 186 -22.82 18.74 -41.95
N VAL C 187 -24.07 18.52 -42.35
CA VAL C 187 -24.46 17.29 -43.03
C VAL C 187 -24.87 17.62 -44.45
N ASN C 188 -24.37 16.86 -45.41
CA ASN C 188 -24.74 17.01 -46.81
C ASN C 188 -25.39 15.72 -47.30
N ARG C 189 -26.46 15.84 -48.08
CA ARG C 189 -27.03 14.68 -48.74
C ARG C 189 -27.05 14.90 -50.25
N LYS C 190 -26.83 13.82 -50.98
CA LYS C 190 -26.80 13.91 -52.43
C LYS C 190 -27.14 12.56 -53.03
N GLU C 191 -27.95 12.54 -54.09
CA GLU C 191 -28.13 11.31 -54.83
C GLU C 191 -26.90 11.09 -55.71
N THR C 192 -26.35 9.88 -55.69
CA THR C 192 -25.13 9.67 -56.44
C THR C 192 -25.42 8.77 -57.64
N PHE C 193 -24.89 7.54 -57.61
CA PHE C 193 -25.37 6.53 -58.54
C PHE C 193 -26.89 6.43 -58.41
N PRO C 194 -27.63 6.30 -59.52
CA PRO C 194 -29.10 6.26 -59.44
C PRO C 194 -29.60 5.34 -58.36
N GLY C 195 -30.53 5.84 -57.54
CA GLY C 195 -31.04 5.09 -56.40
C GLY C 195 -30.19 5.11 -55.13
N VAL C 196 -28.97 5.64 -55.17
CA VAL C 196 -28.06 5.62 -54.03
C VAL C 196 -27.91 7.04 -53.50
N THR C 197 -28.29 7.25 -52.24
CA THR C 197 -28.13 8.55 -51.59
C THR C 197 -26.99 8.47 -50.59
N ALA C 198 -26.03 9.38 -50.71
CA ALA C 198 -24.90 9.45 -49.79
C ALA C 198 -25.12 10.59 -48.80
N LEU C 199 -24.84 10.31 -47.52
CA LEU C 199 -24.82 11.33 -46.47
C LEU C 199 -23.39 11.54 -45.98
N PHE C 200 -22.94 12.79 -45.98
CA PHE C 200 -21.61 13.17 -45.50
C PHE C 200 -21.78 14.07 -44.26
N CYS C 201 -21.05 13.76 -43.21
CA CYS C 201 -21.01 14.57 -42.01
C CYS C 201 -19.59 15.10 -41.92
N LYS C 202 -19.42 16.41 -42.03
CA LYS C 202 -18.12 17.03 -42.22
C LYS C 202 -17.86 18.02 -41.11
N ALA C 203 -16.67 17.96 -40.51
CA ALA C 203 -16.27 18.82 -39.40
C ALA C 203 -14.98 19.53 -39.78
N HIS C 204 -14.86 20.80 -39.42
CA HIS C 204 -13.59 21.48 -39.56
C HIS C 204 -13.46 22.57 -38.49
N GLY C 205 -12.28 23.18 -38.45
CA GLY C 205 -12.03 24.25 -37.50
C GLY C 205 -11.81 23.83 -36.07
N PHE C 206 -11.60 22.53 -35.79
CA PHE C 206 -11.56 22.12 -34.39
C PHE C 206 -10.14 21.90 -33.87
N TYR C 207 -9.97 22.11 -32.57
CA TYR C 207 -8.73 21.79 -31.84
C TYR C 207 -9.16 21.43 -30.42
N PRO C 208 -8.60 20.38 -29.82
CA PRO C 208 -7.57 19.45 -30.27
C PRO C 208 -8.05 18.52 -31.39
N PRO C 209 -7.13 17.82 -32.05
CA PRO C 209 -7.54 16.98 -33.20
C PRO C 209 -8.40 15.79 -32.81
N GLU C 210 -8.37 15.35 -31.56
CA GLU C 210 -9.15 14.20 -31.13
C GLU C 210 -10.64 14.52 -31.21
N ILE C 211 -11.37 13.75 -32.02
CA ILE C 211 -12.80 13.98 -32.26
C ILE C 211 -13.41 12.62 -32.55
N TYR C 212 -14.67 12.45 -32.14
CA TYR C 212 -15.42 11.23 -32.40
CA TYR C 212 -15.41 11.23 -32.41
C TYR C 212 -16.61 11.57 -33.28
N MET C 213 -16.78 10.82 -34.37
CA MET C 213 -17.88 11.07 -35.31
C MET C 213 -18.48 9.72 -35.66
N THR C 214 -19.80 9.63 -35.63
CA THR C 214 -20.42 8.38 -36.06
C THR C 214 -21.79 8.69 -36.61
N TRP C 215 -22.37 7.72 -37.31
CA TRP C 215 -23.73 7.81 -37.78
C TRP C 215 -24.62 6.85 -37.01
N MET C 216 -25.81 7.31 -36.64
CA MET C 216 -26.77 6.47 -35.95
C MET C 216 -28.09 6.44 -36.74
N LYS C 217 -28.82 5.34 -36.56
CA LYS C 217 -30.13 5.14 -37.19
C LYS C 217 -31.14 4.99 -36.07
N ASN C 218 -32.19 5.81 -36.11
CA ASN C 218 -33.27 5.76 -35.12
C ASN C 218 -32.73 5.82 -33.70
N GLY C 219 -31.59 6.50 -33.50
CA GLY C 219 -30.97 6.56 -32.19
C GLY C 219 -30.15 5.35 -31.80
N GLU C 220 -30.06 4.33 -32.65
CA GLU C 220 -29.20 3.16 -32.42
C GLU C 220 -28.06 3.09 -33.45
N GLU C 221 -27.05 2.30 -33.10
CA GLU C 221 -25.84 2.27 -33.91
C GLU C 221 -26.10 1.65 -35.28
N ILE C 222 -25.24 2.03 -36.24
CA ILE C 222 -25.33 1.53 -37.61
C ILE C 222 -24.77 0.12 -37.67
N VAL C 223 -25.17 -0.62 -38.70
CA VAL C 223 -24.50 -1.87 -39.06
C VAL C 223 -23.99 -1.87 -40.49
N GLN C 224 -24.37 -0.87 -41.30
CA GLN C 224 -23.87 -0.72 -42.66
C GLN C 224 -22.46 -0.14 -42.65
N GLU C 225 -21.87 0.01 -43.83
CA GLU C 225 -20.47 0.41 -43.92
C GLU C 225 -20.38 1.93 -43.76
N ILE C 226 -19.61 2.39 -42.79
CA ILE C 226 -19.30 3.81 -42.65
C ILE C 226 -17.91 4.05 -43.21
N ASP C 227 -17.78 5.09 -44.03
CA ASP C 227 -16.49 5.56 -44.53
CA ASP C 227 -16.47 5.55 -44.49
C ASP C 227 -16.03 6.71 -43.63
N TYR C 228 -14.76 6.71 -43.23
CA TYR C 228 -14.19 7.73 -42.37
C TYR C 228 -13.09 8.50 -43.11
N GLY C 229 -13.12 9.83 -43.02
CA GLY C 229 -12.02 10.62 -43.52
C GLY C 229 -10.99 10.81 -42.43
N ASP C 230 -9.74 10.92 -42.83
CA ASP C 230 -8.65 11.14 -41.89
C ASP C 230 -8.85 12.48 -41.18
N ILE C 231 -8.28 12.59 -39.98
CA ILE C 231 -8.21 13.88 -39.29
C ILE C 231 -7.00 14.61 -39.87
N LEU C 232 -7.23 15.65 -40.64
CA LEU C 232 -6.22 16.33 -41.42
C LEU C 232 -5.99 17.73 -40.87
N PRO C 233 -4.74 18.21 -40.88
CA PRO C 233 -4.47 19.58 -40.43
C PRO C 233 -4.89 20.56 -41.50
N SER C 234 -5.54 21.65 -41.09
CA SER C 234 -5.99 22.60 -42.09
C SER C 234 -4.95 23.67 -42.38
N GLY C 235 -3.84 23.68 -41.63
CA GLY C 235 -2.74 24.58 -41.86
C GLY C 235 -2.68 25.75 -40.91
N ASP C 236 -3.77 26.02 -40.18
CA ASP C 236 -3.89 27.17 -39.29
C ASP C 236 -3.91 26.76 -37.80
N GLY C 237 -3.47 25.55 -37.49
CA GLY C 237 -3.59 25.04 -36.12
C GLY C 237 -4.86 24.28 -35.81
N THR C 238 -5.84 24.21 -36.72
CA THR C 238 -7.05 23.43 -36.50
C THR C 238 -7.11 22.26 -37.48
N TYR C 239 -8.12 21.41 -37.32
CA TYR C 239 -8.21 20.13 -38.04
C TYR C 239 -9.58 19.96 -38.68
N GLN C 240 -9.68 18.98 -39.58
CA GLN C 240 -10.93 18.70 -40.27
C GLN C 240 -11.05 17.18 -40.45
N ALA C 241 -12.28 16.69 -40.49
CA ALA C 241 -12.57 15.25 -40.62
C ALA C 241 -14.00 15.08 -41.10
N TRP C 242 -14.36 13.83 -41.48
CA TRP C 242 -15.71 13.58 -41.97
C TRP C 242 -16.02 12.10 -41.81
N ALA C 243 -17.32 11.77 -41.88
CA ALA C 243 -17.76 10.39 -41.96
C ALA C 243 -18.96 10.30 -42.89
N SER C 244 -19.08 9.21 -43.65
CA SER C 244 -20.21 9.13 -44.56
C SER C 244 -20.85 7.76 -44.54
N ILE C 245 -22.11 7.72 -44.97
CA ILE C 245 -22.88 6.49 -45.11
C ILE C 245 -23.76 6.60 -46.35
N GLU C 246 -24.38 5.47 -46.71
CA GLU C 246 -25.45 5.44 -47.71
C GLU C 246 -26.78 5.37 -46.99
N LEU C 247 -27.73 6.18 -47.43
CA LEU C 247 -29.07 6.14 -46.89
C LEU C 247 -29.81 4.96 -47.49
N ASP C 248 -30.58 4.26 -46.66
CA ASP C 248 -31.33 3.12 -47.16
C ASP C 248 -32.55 3.60 -47.95
N PRO C 249 -32.76 3.10 -49.19
CA PRO C 249 -33.87 3.53 -50.04
C PRO C 249 -35.27 3.18 -49.50
N SER C 252 -37.04 3.97 -45.07
CA SER C 252 -37.72 4.75 -44.04
C SER C 252 -37.06 4.56 -42.67
N ASN C 253 -36.05 5.38 -42.40
CA ASN C 253 -35.34 5.40 -41.13
C ASN C 253 -34.80 6.81 -40.91
N LEU C 254 -34.57 7.14 -39.64
CA LEU C 254 -34.13 8.47 -39.24
C LEU C 254 -32.62 8.44 -38.89
N TYR C 255 -31.81 9.10 -39.70
CA TYR C 255 -30.35 9.08 -39.55
C TYR C 255 -29.84 10.35 -38.90
N SER C 256 -28.83 10.21 -38.05
CA SER C 256 -28.22 11.37 -37.42
C SER C 256 -26.73 11.15 -37.29
N CYS C 257 -25.97 12.24 -37.41
CA CYS C 257 -24.53 12.26 -37.17
CA CYS C 257 -24.55 12.12 -37.12
C CYS C 257 -24.27 12.72 -35.74
N HIS C 258 -23.45 12.01 -35.01
CA HIS C 258 -23.10 12.33 -33.63
C HIS C 258 -21.62 12.71 -33.60
N VAL C 259 -21.32 13.88 -33.04
CA VAL C 259 -19.94 14.35 -32.93
C VAL C 259 -19.65 14.63 -31.47
N GLU C 260 -18.54 14.09 -30.98
CA GLU C 260 -18.13 14.38 -29.61
C GLU C 260 -16.76 15.07 -29.66
N HIS C 261 -16.64 16.23 -29.03
CA HIS C 261 -15.37 16.94 -29.08
C HIS C 261 -15.21 17.66 -27.75
N SER C 262 -14.14 17.31 -27.03
CA SER C 262 -13.72 18.03 -25.83
C SER C 262 -14.85 18.21 -24.82
N GLY C 263 -15.56 17.13 -24.53
CA GLY C 263 -16.62 17.20 -23.51
C GLY C 263 -17.96 17.76 -24.00
N VAL C 264 -18.12 17.99 -25.30
CA VAL C 264 -19.37 18.51 -25.83
C VAL C 264 -19.88 17.52 -26.89
N HIS C 265 -21.13 17.09 -26.77
CA HIS C 265 -21.74 16.20 -27.75
CA HIS C 265 -21.78 16.18 -27.73
C HIS C 265 -22.67 16.99 -28.67
N MET C 266 -22.67 16.64 -29.93
CA MET C 266 -23.47 17.35 -30.91
C MET C 266 -24.18 16.34 -31.78
N VAL C 267 -25.45 16.57 -32.07
CA VAL C 267 -26.23 15.68 -32.93
C VAL C 267 -26.75 16.51 -34.09
N LEU C 268 -26.62 15.96 -35.31
CA LEU C 268 -27.20 16.59 -36.49
C LEU C 268 -28.14 15.58 -37.16
N GLN C 269 -29.45 15.85 -37.10
CA GLN C 269 -30.47 14.96 -37.64
CA GLN C 269 -30.45 14.94 -37.64
C GLN C 269 -30.72 15.28 -39.09
N VAL C 270 -30.78 14.25 -39.93
CA VAL C 270 -31.02 14.42 -41.35
C VAL C 270 -32.54 14.50 -41.55
N PRO C 271 -33.07 15.61 -42.05
CA PRO C 271 -34.50 15.80 -42.30
C PRO C 271 -35.09 14.70 -43.19
N GLY D 2 20.80 27.47 -5.98
CA GLY D 2 20.13 26.73 -7.03
C GLY D 2 20.02 25.24 -6.75
N GLN D 3 20.93 24.47 -7.36
CA GLN D 3 21.03 23.05 -7.10
C GLN D 3 22.10 22.80 -6.06
N ASN D 4 21.81 21.90 -5.11
CA ASN D 4 22.66 21.71 -3.95
C ASN D 4 22.75 20.23 -3.61
N ILE D 5 23.91 19.84 -3.08
CA ILE D 5 24.10 18.52 -2.53
CA ILE D 5 24.15 18.51 -2.56
C ILE D 5 24.90 18.64 -1.24
N ASP D 6 24.41 17.99 -0.19
CA ASP D 6 25.02 18.15 1.14
C ASP D 6 25.46 16.82 1.70
N GLN D 7 26.72 16.75 2.11
CA GLN D 7 27.17 15.59 2.87
C GLN D 7 28.08 16.12 3.97
N PRO D 8 28.19 15.42 5.11
CA PRO D 8 29.06 15.92 6.19
C PRO D 8 30.52 16.07 5.72
N THR D 9 31.21 17.07 6.30
CA THR D 9 32.61 17.31 5.98
C THR D 9 33.48 16.14 6.44
N GLU D 10 33.21 15.62 7.63
CA GLU D 10 34.09 14.61 8.19
C GLU D 10 33.26 13.69 9.07
N MET D 11 33.68 12.43 9.16
CA MET D 11 33.11 11.50 10.13
C MET D 11 34.21 10.60 10.68
N THR D 12 34.04 10.20 11.95
CA THR D 12 34.98 9.33 12.64
C THR D 12 34.21 8.17 13.26
N ALA D 13 34.70 6.96 13.06
CA ALA D 13 34.06 5.76 13.57
C ALA D 13 35.15 4.79 13.99
N THR D 14 34.79 3.76 14.74
CA THR D 14 35.76 2.82 15.29
C THR D 14 35.90 1.59 14.41
N GLU D 15 37.13 1.12 14.28
CA GLU D 15 37.41 -0.09 13.51
C GLU D 15 36.53 -1.25 13.97
N GLY D 16 36.01 -2.00 13.01
CA GLY D 16 35.08 -3.08 13.30
C GLY D 16 33.63 -2.67 13.41
N ALA D 17 33.35 -1.38 13.53
CA ALA D 17 31.98 -0.93 13.68
C ALA D 17 31.39 -0.64 12.29
N ILE D 18 30.36 0.20 12.26
CA ILE D 18 29.65 0.56 11.05
C ILE D 18 29.58 2.07 10.97
N VAL D 19 29.43 2.60 9.76
CA VAL D 19 29.22 4.04 9.62
C VAL D 19 28.29 4.27 8.45
N GLN D 20 27.42 5.25 8.60
CA GLN D 20 26.46 5.65 7.57
C GLN D 20 26.78 7.07 7.14
N ILE D 21 27.15 7.25 5.86
CA ILE D 21 27.45 8.57 5.31
C ILE D 21 26.24 9.04 4.51
N ASN D 22 25.61 10.12 4.98
CA ASN D 22 24.41 10.67 4.40
C ASN D 22 24.74 11.64 3.27
N CYS D 23 23.84 11.71 2.30
CA CYS D 23 23.93 12.67 1.20
C CYS D 23 22.51 13.14 0.90
N THR D 24 22.22 14.43 1.06
CA THR D 24 20.95 14.94 0.58
C THR D 24 21.19 15.87 -0.61
N TYR D 25 20.21 15.94 -1.50
CA TYR D 25 20.37 16.71 -2.73
C TYR D 25 19.07 17.42 -3.05
N GLN D 26 19.18 18.66 -3.56
CA GLN D 26 18.06 19.37 -4.16
C GLN D 26 18.48 19.72 -5.59
N THR D 27 17.90 19.05 -6.57
CA THR D 27 18.27 19.26 -7.96
C THR D 27 17.02 19.52 -8.78
N SER D 28 17.21 20.13 -9.94
CA SER D 28 16.14 20.21 -10.95
C SER D 28 16.29 18.96 -11.79
N GLY D 29 15.43 17.98 -11.54
CA GLY D 29 15.51 16.69 -12.18
C GLY D 29 16.51 15.75 -11.51
N PHE D 30 16.37 14.47 -11.84
CA PHE D 30 17.15 13.42 -11.19
C PHE D 30 17.34 12.27 -12.15
N ASN D 31 18.59 11.93 -12.46
CA ASN D 31 18.88 10.78 -13.32
C ASN D 31 19.86 9.82 -12.67
N GLY D 32 20.02 9.89 -11.36
CA GLY D 32 20.75 8.88 -10.62
C GLY D 32 21.74 9.52 -9.68
N LEU D 33 22.20 8.76 -8.68
CA LEU D 33 23.08 9.25 -7.63
C LEU D 33 24.26 8.29 -7.55
N PHE D 34 25.47 8.84 -7.53
CA PHE D 34 26.72 8.09 -7.52
C PHE D 34 27.44 8.27 -6.20
N TRP D 35 28.15 7.23 -5.79
CA TRP D 35 29.18 7.36 -4.76
C TRP D 35 30.53 6.97 -5.33
N TYR D 36 31.56 7.73 -4.94
CA TYR D 36 32.95 7.49 -5.31
C TYR D 36 33.80 7.50 -4.05
N GLN D 37 34.83 6.65 -4.05
CA GLN D 37 35.83 6.62 -2.99
C GLN D 37 37.10 7.28 -3.50
N GLN D 38 37.70 8.14 -2.68
CA GLN D 38 38.97 8.77 -3.06
C GLN D 38 39.93 8.72 -1.87
N HIS D 39 40.90 7.83 -1.95
CA HIS D 39 41.98 7.83 -0.97
C HIS D 39 42.84 9.08 -1.12
N ALA D 40 43.46 9.48 -0.03
CA ALA D 40 44.34 10.64 -0.05
C ALA D 40 45.41 10.49 -1.12
N GLY D 41 45.58 11.53 -1.92
CA GLY D 41 46.59 11.53 -2.96
C GLY D 41 46.24 10.73 -4.19
N GLU D 42 45.05 10.13 -4.25
CA GLU D 42 44.67 9.27 -5.36
C GLU D 42 43.46 9.81 -6.11
N ALA D 43 43.11 9.13 -7.25
CA ALA D 43 41.93 9.40 -8.04
C ALA D 43 40.67 8.84 -7.40
N PRO D 44 39.52 9.48 -7.60
CA PRO D 44 38.25 8.86 -7.21
C PRO D 44 38.00 7.60 -8.02
N THR D 45 37.35 6.62 -7.39
CA THR D 45 36.89 5.43 -8.07
C THR D 45 35.42 5.15 -7.73
N PHE D 46 34.70 4.66 -8.73
CA PHE D 46 33.27 4.43 -8.63
C PHE D 46 32.94 3.39 -7.57
N LEU D 47 32.00 3.70 -6.67
CA LEU D 47 31.48 2.72 -5.73
C LEU D 47 30.11 2.20 -6.10
N SER D 48 29.15 3.09 -6.40
CA SER D 48 27.77 2.64 -6.58
C SER D 48 27.01 3.66 -7.38
N TYR D 49 25.89 3.21 -7.94
CA TYR D 49 24.88 4.02 -8.61
C TYR D 49 23.50 3.57 -8.18
N ASN D 50 22.67 4.51 -7.75
CA ASN D 50 21.28 4.23 -7.45
C ASN D 50 20.42 5.20 -8.24
N VAL D 51 19.28 4.74 -8.75
CA VAL D 51 18.34 5.68 -9.36
C VAL D 51 16.88 5.38 -8.97
N LEU D 52 16.56 4.13 -8.62
CA LEU D 52 15.24 3.80 -8.05
C LEU D 52 15.37 3.53 -6.55
N ASP D 53 14.23 3.42 -5.86
CA ASP D 53 14.29 3.32 -4.41
C ASP D 53 14.80 1.94 -3.99
N GLY D 54 15.69 1.92 -3.02
CA GLY D 54 16.05 0.68 -2.35
C GLY D 54 17.51 0.70 -1.92
N LEU D 55 17.97 -0.46 -1.49
CA LEU D 55 19.29 -0.68 -0.89
C LEU D 55 20.02 -1.69 -1.75
N GLU D 56 21.21 -1.33 -2.25
CA GLU D 56 22.05 -2.27 -2.96
C GLU D 56 23.35 -2.52 -2.19
N GLU D 57 23.66 -3.78 -1.99
CA GLU D 57 24.83 -4.21 -1.23
C GLU D 57 25.90 -4.73 -2.18
N LYS D 58 27.13 -4.26 -1.99
CA LYS D 58 28.30 -4.76 -2.72
C LYS D 58 29.39 -5.02 -1.68
N GLY D 59 29.56 -6.27 -1.27
CA GLY D 59 30.57 -6.56 -0.26
C GLY D 59 30.15 -5.92 1.05
N ARG D 60 31.09 -5.20 1.68
CA ARG D 60 30.84 -4.55 2.96
C ARG D 60 30.13 -3.20 2.79
N PHE D 61 29.95 -2.73 1.56
CA PHE D 61 29.37 -1.43 1.27
C PHE D 61 27.96 -1.59 0.76
N SER D 62 27.05 -0.73 1.25
CA SER D 62 25.67 -0.70 0.81
C SER D 62 25.29 0.73 0.44
N SER D 63 24.53 0.89 -0.64
CA SER D 63 24.07 2.19 -1.05
C SER D 63 22.54 2.21 -1.06
N PHE D 64 21.97 3.21 -0.40
CA PHE D 64 20.53 3.35 -0.22
C PHE D 64 20.07 4.63 -0.90
N LEU D 65 18.87 4.60 -1.47
CA LEU D 65 18.31 5.83 -2.04
C LEU D 65 16.84 5.95 -1.67
N SER D 66 16.43 7.16 -1.27
CA SER D 66 15.02 7.52 -1.16
C SER D 66 14.76 8.70 -2.10
N ARG D 67 14.05 8.41 -3.20
CA ARG D 67 13.76 9.43 -4.19
CA ARG D 67 13.80 9.46 -4.18
C ARG D 67 12.87 10.53 -3.63
N SER D 68 11.90 10.15 -2.80
CA SER D 68 10.91 11.11 -2.32
C SER D 68 11.49 12.03 -1.25
N LYS D 69 12.48 11.58 -0.48
CA LYS D 69 13.15 12.42 0.49
C LYS D 69 14.43 13.06 -0.04
N GLY D 70 14.80 12.81 -1.29
CA GLY D 70 16.02 13.39 -1.86
C GLY D 70 17.22 13.09 -0.99
N TYR D 71 17.44 11.80 -0.73
CA TYR D 71 18.35 11.38 0.33
C TYR D 71 19.00 10.05 -0.07
N SER D 72 20.31 9.94 0.11
CA SER D 72 21.00 8.67 -0.04
C SER D 72 21.93 8.46 1.15
N TYR D 73 22.21 7.21 1.49
CA TYR D 73 23.35 6.98 2.36
C TYR D 73 24.26 5.91 1.79
N LEU D 74 25.51 5.99 2.18
CA LEU D 74 26.51 4.95 1.96
C LEU D 74 26.81 4.31 3.30
N LEU D 75 26.67 2.99 3.39
CA LEU D 75 26.81 2.27 4.65
C LEU D 75 28.01 1.34 4.58
N LEU D 76 28.97 1.51 5.48
CA LEU D 76 30.14 0.65 5.52
C LEU D 76 30.08 -0.20 6.78
N LYS D 77 30.14 -1.52 6.61
CA LYS D 77 30.13 -2.49 7.69
C LYS D 77 31.52 -3.05 7.94
N GLU D 78 31.74 -3.56 9.15
CA GLU D 78 33.02 -4.12 9.61
C GLU D 78 34.19 -3.23 9.22
N LEU D 79 34.12 -1.97 9.69
CA LEU D 79 35.06 -0.95 9.27
C LEU D 79 36.49 -1.42 9.43
N GLN D 80 37.30 -1.22 8.39
CA GLN D 80 38.72 -1.49 8.38
C GLN D 80 39.50 -0.19 8.22
N MET D 81 40.74 -0.15 8.76
CA MET D 81 41.59 1.03 8.61
C MET D 81 41.69 1.45 7.15
N LYS D 82 41.64 0.50 6.21
CA LYS D 82 41.82 0.86 4.81
C LYS D 82 40.61 1.58 4.24
N ASP D 83 39.51 1.67 5.00
CA ASP D 83 38.34 2.43 4.60
C ASP D 83 38.50 3.93 4.86
N SER D 84 39.56 4.35 5.55
CA SER D 84 39.89 5.77 5.65
C SER D 84 40.14 6.36 4.27
N ALA D 85 39.36 7.39 3.93
CA ALA D 85 39.30 7.89 2.56
C ALA D 85 38.25 9.00 2.58
N SER D 86 38.17 9.75 1.49
CA SER D 86 37.02 10.61 1.29
C SER D 86 36.00 9.90 0.41
N TYR D 87 34.73 10.18 0.67
CA TYR D 87 33.60 9.58 -0.04
C TYR D 87 32.81 10.71 -0.66
N LEU D 88 32.69 10.68 -1.98
CA LEU D 88 32.07 11.75 -2.75
C LEU D 88 30.72 11.25 -3.26
N CYS D 89 29.66 12.01 -2.99
CA CYS D 89 28.35 11.80 -3.58
CA CYS D 89 28.39 11.74 -3.63
C CYS D 89 28.15 12.76 -4.74
N ALA D 90 27.47 12.31 -5.80
CA ALA D 90 27.25 13.15 -6.97
C ALA D 90 25.92 12.81 -7.62
N VAL D 91 25.18 13.82 -8.09
CA VAL D 91 23.85 13.58 -8.66
C VAL D 91 23.81 14.11 -10.08
N LYS D 92 23.25 13.33 -10.99
CA LYS D 92 22.97 13.76 -12.35
C LYS D 92 21.61 14.45 -12.40
N ASP D 93 21.59 15.70 -12.82
CA ASP D 93 20.35 16.45 -12.87
C ASP D 93 19.60 16.17 -14.18
N SER D 94 18.56 16.97 -14.45
CA SER D 94 17.70 16.70 -15.60
C SER D 94 18.45 16.79 -16.92
N ASN D 95 19.58 17.50 -16.97
CA ASN D 95 20.34 17.61 -18.21
C ASN D 95 21.62 16.79 -18.17
N TYR D 96 21.66 15.77 -17.31
CA TYR D 96 22.78 14.83 -17.15
C TYR D 96 24.08 15.50 -16.71
N GLN D 97 24.01 16.69 -16.13
CA GLN D 97 25.20 17.28 -15.55
C GLN D 97 25.39 16.69 -14.15
N LEU D 98 26.64 16.35 -13.82
CA LEU D 98 26.93 15.83 -12.49
C LEU D 98 27.08 16.99 -11.52
N ILE D 99 26.37 16.92 -10.40
CA ILE D 99 26.52 17.90 -9.33
C ILE D 99 27.22 17.20 -8.17
N TRP D 100 28.36 17.73 -7.76
CA TRP D 100 29.24 17.02 -6.83
C TRP D 100 29.07 17.55 -5.42
N GLY D 101 28.92 16.65 -4.45
CA GLY D 101 29.11 17.04 -3.06
C GLY D 101 30.57 17.29 -2.76
N ALA D 102 30.81 18.04 -1.69
CA ALA D 102 32.19 18.42 -1.37
C ALA D 102 32.99 17.29 -0.72
N GLY D 103 32.38 16.13 -0.50
CA GLY D 103 33.09 14.98 0.04
C GLY D 103 33.02 14.89 1.55
N THR D 104 33.05 13.65 2.04
CA THR D 104 33.13 13.32 3.46
C THR D 104 34.43 12.59 3.72
N LYS D 105 35.31 13.19 4.54
CA LYS D 105 36.52 12.48 4.96
C LYS D 105 36.15 11.52 6.09
N LEU D 106 36.39 10.22 5.90
CA LEU D 106 36.08 9.19 6.89
C LEU D 106 37.38 8.82 7.60
N ILE D 107 37.37 8.93 8.92
CA ILE D 107 38.51 8.60 9.78
C ILE D 107 38.13 7.41 10.65
N ILE D 108 38.97 6.38 10.65
CA ILE D 108 38.71 5.15 11.40
C ILE D 108 39.65 5.11 12.59
N LYS D 109 39.09 5.08 13.81
CA LYS D 109 39.87 4.91 15.03
C LYS D 109 40.21 3.44 15.24
N PRO D 110 41.48 3.08 15.33
CA PRO D 110 41.81 1.70 15.69
C PRO D 110 41.39 1.41 17.13
N ASP D 111 41.03 0.17 17.39
CA ASP D 111 40.71 -0.25 18.75
C ASP D 111 42.01 -0.67 19.42
N ILE D 112 42.55 0.18 20.28
CA ILE D 112 43.86 -0.08 20.89
C ILE D 112 43.64 -1.04 22.05
N GLN D 113 44.16 -2.27 21.92
CA GLN D 113 43.89 -3.30 22.91
C GLN D 113 44.62 -3.01 24.22
N ASN D 114 45.91 -2.64 24.15
CA ASN D 114 46.76 -2.51 25.34
C ASN D 114 47.50 -1.18 25.33
N PRO D 115 46.84 -0.08 25.67
CA PRO D 115 47.50 1.24 25.59
C PRO D 115 48.70 1.32 26.50
N ASP D 116 49.77 1.92 25.98
CA ASP D 116 51.03 2.08 26.72
C ASP D 116 51.59 3.46 26.42
N PRO D 117 50.87 4.52 26.79
CA PRO D 117 51.26 5.87 26.35
C PRO D 117 52.66 6.23 26.84
N ALA D 118 53.45 6.80 25.93
CA ALA D 118 54.85 7.11 26.23
C ALA D 118 55.36 8.19 25.29
N VAL D 119 56.39 8.91 25.75
CA VAL D 119 57.06 9.92 24.94
C VAL D 119 58.54 9.58 24.92
N TYR D 120 59.08 9.31 23.75
CA TYR D 120 60.47 8.89 23.60
C TYR D 120 61.25 9.96 22.86
N GLN D 121 62.57 9.96 23.07
CA GLN D 121 63.47 10.84 22.34
C GLN D 121 64.33 10.00 21.41
N LEU D 122 64.35 10.37 20.14
CA LEU D 122 65.16 9.72 19.12
C LEU D 122 66.30 10.66 18.76
N ARG D 123 67.47 10.09 18.49
CA ARG D 123 68.62 10.91 18.10
C ARG D 123 68.95 10.65 16.64
N ASP D 124 69.40 11.70 15.96
CA ASP D 124 69.80 11.57 14.57
C ASP D 124 70.96 10.58 14.46
N SER D 125 70.88 9.69 13.47
CA SER D 125 72.03 8.82 13.21
C SER D 125 73.23 9.61 12.69
N LYS D 126 73.03 10.84 12.21
CA LYS D 126 74.10 11.72 11.72
C LYS D 126 74.68 12.60 12.83
N SER D 127 73.85 13.45 13.45
CA SER D 127 74.32 14.33 14.52
C SER D 127 73.22 14.73 15.51
N SER D 131 67.30 14.53 17.50
CA SER D 131 66.47 15.61 18.04
C SER D 131 65.00 15.54 17.60
N VAL D 132 64.28 14.49 18.01
CA VAL D 132 62.86 14.32 17.73
C VAL D 132 62.19 13.62 18.90
N CYS D 133 60.99 14.09 19.27
CA CYS D 133 60.19 13.45 20.33
C CYS D 133 58.99 12.73 19.72
N LEU D 134 58.81 11.48 20.12
CA LEU D 134 57.74 10.61 19.60
C LEU D 134 56.79 10.28 20.74
N PHE D 135 55.55 10.75 20.63
CA PHE D 135 54.46 10.34 21.52
C PHE D 135 53.75 9.17 20.86
N THR D 136 53.63 8.05 21.58
CA THR D 136 53.18 6.84 20.92
C THR D 136 52.41 5.96 21.87
N ASP D 137 51.67 5.00 21.29
CA ASP D 137 50.99 3.94 21.99
C ASP D 137 49.86 4.45 22.90
N PHE D 138 49.36 5.66 22.66
CA PHE D 138 48.23 6.12 23.43
C PHE D 138 46.93 5.63 22.81
N ASP D 139 45.89 5.62 23.64
CA ASP D 139 44.57 5.16 23.25
C ASP D 139 43.93 6.11 22.25
N SER D 140 43.09 5.55 21.38
CA SER D 140 42.54 6.30 20.25
C SER D 140 41.63 7.44 20.67
N GLN D 141 41.20 7.50 21.93
CA GLN D 141 40.43 8.64 22.37
C GLN D 141 41.28 9.90 22.54
N THR D 142 42.61 9.76 22.65
CA THR D 142 43.49 10.92 22.87
C THR D 142 43.70 11.70 21.56
N ASN D 143 43.58 13.02 21.66
CA ASN D 143 43.81 13.92 20.54
C ASN D 143 45.07 14.75 20.78
N VAL D 144 45.79 15.04 19.69
CA VAL D 144 47.02 15.81 19.74
C VAL D 144 46.75 17.20 19.19
N SER D 145 47.19 18.21 19.92
CA SER D 145 46.98 19.60 19.53
C SER D 145 48.23 20.17 18.85
N GLN D 146 48.01 21.23 18.07
CA GLN D 146 49.07 21.87 17.32
C GLN D 146 50.00 22.65 18.25
N SER D 147 51.14 23.07 17.70
CA SER D 147 52.15 23.77 18.46
C SER D 147 51.84 25.26 18.57
N LYS D 148 51.90 25.78 19.80
CA LYS D 148 51.77 27.22 19.98
C LYS D 148 52.96 27.95 19.36
N ASP D 149 54.18 27.53 19.73
CA ASP D 149 55.38 28.09 19.13
C ASP D 149 55.48 27.69 17.66
N SER D 150 55.87 28.65 16.82
CA SER D 150 56.07 28.44 15.39
C SER D 150 57.48 27.94 15.07
N ASP D 151 58.35 27.80 16.07
CA ASP D 151 59.65 27.19 15.93
C ASP D 151 59.72 25.78 16.48
N VAL D 152 58.60 25.23 16.96
CA VAL D 152 58.44 23.82 17.26
C VAL D 152 57.31 23.27 16.40
N TYR D 153 57.47 22.06 15.90
CA TYR D 153 56.55 21.47 14.96
C TYR D 153 55.97 20.18 15.54
N ILE D 154 54.65 20.05 15.47
CA ILE D 154 53.94 18.86 15.95
C ILE D 154 53.08 18.34 14.82
N THR D 155 53.28 17.09 14.44
CA THR D 155 52.41 16.45 13.48
C THR D 155 51.09 16.04 14.14
N ASP D 156 50.09 15.75 13.32
CA ASP D 156 48.87 15.16 13.89
C ASP D 156 49.05 13.66 14.05
N LYS D 157 48.10 13.03 14.74
CA LYS D 157 48.31 11.63 15.06
C LYS D 157 48.21 10.76 13.80
N CYS D 158 48.94 9.67 13.83
CA CYS D 158 49.09 8.77 12.70
C CYS D 158 48.89 7.36 13.25
N VAL D 159 48.23 6.51 12.49
CA VAL D 159 47.99 5.13 12.90
C VAL D 159 48.83 4.22 12.03
N LEU D 160 49.62 3.36 12.65
CA LEU D 160 50.39 2.39 11.88
C LEU D 160 49.92 0.99 12.22
N ASP D 161 50.04 0.10 11.25
CA ASP D 161 49.61 -1.28 11.35
C ASP D 161 50.78 -2.20 11.04
N MET D 162 51.25 -2.93 12.05
CA MET D 162 52.20 -4.02 11.83
C MET D 162 51.36 -5.27 11.60
N ARG D 163 51.10 -5.57 10.32
CA ARG D 163 50.19 -6.67 9.98
C ARG D 163 50.75 -8.03 10.38
N SER D 164 52.08 -8.21 10.35
CA SER D 164 52.69 -9.48 10.72
C SER D 164 52.44 -9.84 12.19
N MET D 165 52.08 -8.87 13.03
CA MET D 165 51.85 -9.12 14.44
CA MET D 165 51.85 -9.10 14.45
C MET D 165 50.45 -8.69 14.90
N ASP D 166 49.58 -8.28 13.97
CA ASP D 166 48.20 -7.84 14.28
C ASP D 166 48.18 -6.79 15.40
N PHE D 167 48.98 -5.74 15.22
CA PHE D 167 49.18 -4.70 16.23
C PHE D 167 49.14 -3.32 15.58
N LYS D 168 48.26 -2.45 16.08
CA LYS D 168 48.16 -1.07 15.64
C LYS D 168 48.53 -0.13 16.77
N SER D 169 49.10 1.02 16.42
CA SER D 169 49.45 2.00 17.43
C SER D 169 49.31 3.40 16.84
N ASN D 170 48.91 4.34 17.68
CA ASN D 170 48.88 5.77 17.37
C ASN D 170 50.24 6.39 17.67
N SER D 171 50.59 7.42 16.92
CA SER D 171 51.78 8.19 17.28
C SER D 171 51.65 9.61 16.72
N ALA D 172 52.46 10.50 17.30
CA ALA D 172 52.64 11.86 16.83
C ALA D 172 54.09 12.26 17.11
N VAL D 173 54.65 13.08 16.23
CA VAL D 173 56.05 13.48 16.32
C VAL D 173 56.12 14.97 16.60
N ALA D 174 57.16 15.38 17.32
CA ALA D 174 57.42 16.78 17.63
C ALA D 174 58.91 17.02 17.51
N TRP D 175 59.29 18.20 17.02
CA TRP D 175 60.71 18.53 16.93
C TRP D 175 60.89 20.04 16.85
N SER D 176 62.12 20.48 17.14
CA SER D 176 62.45 21.90 17.10
C SER D 176 63.96 22.07 17.11
N ASN D 177 64.41 23.19 16.54
CA ASN D 177 65.82 23.56 16.54
C ASN D 177 66.16 24.50 17.69
N LYS D 178 65.16 24.94 18.46
CA LYS D 178 65.44 25.66 19.69
C LYS D 178 66.22 24.77 20.65
N SER D 179 66.94 25.41 21.56
CA SER D 179 67.80 24.72 22.52
C SER D 179 67.07 24.36 23.81
N ASP D 180 66.03 25.10 24.17
CA ASP D 180 65.30 24.86 25.41
C ASP D 180 64.27 23.74 25.28
N PHE D 181 63.76 23.49 24.08
CA PHE D 181 62.73 22.48 23.88
C PHE D 181 63.26 21.08 24.17
N ALA D 182 62.49 20.31 24.94
CA ALA D 182 62.83 18.92 25.25
C ALA D 182 61.54 18.12 25.33
N CYS D 183 61.70 16.79 25.33
CA CYS D 183 60.55 15.90 25.20
C CYS D 183 59.61 15.95 26.40
N ALA D 184 60.07 16.46 27.54
CA ALA D 184 59.22 16.52 28.73
C ALA D 184 58.00 17.41 28.49
N ASN D 185 58.18 18.54 27.81
CA ASN D 185 57.11 19.50 27.59
C ASN D 185 56.76 19.63 26.11
N ALA D 186 57.07 18.62 25.30
CA ALA D 186 56.82 18.72 23.87
C ALA D 186 55.32 18.75 23.58
N PHE D 187 54.53 18.00 24.34
CA PHE D 187 53.11 17.84 24.06
C PHE D 187 52.23 18.52 25.10
N ASN D 188 52.76 19.58 25.74
CA ASN D 188 52.02 20.28 26.78
C ASN D 188 50.68 20.80 26.28
N ASN D 189 50.65 21.34 25.06
CA ASN D 189 49.41 21.91 24.54
C ASN D 189 48.32 20.87 24.32
N SER D 190 48.65 19.58 24.41
CA SER D 190 47.65 18.51 24.28
C SER D 190 47.26 18.01 25.67
N ILE D 191 46.22 17.18 25.70
CA ILE D 191 45.69 16.62 26.95
C ILE D 191 46.25 15.20 27.05
N ILE D 192 47.34 15.07 27.78
CA ILE D 192 48.10 13.82 27.84
C ILE D 192 47.45 12.83 28.80
N PRO D 193 47.56 11.52 28.56
CA PRO D 193 47.07 10.55 29.54
C PRO D 193 47.91 10.59 30.81
N GLU D 194 47.24 10.35 31.95
CA GLU D 194 47.91 10.48 33.24
C GLU D 194 49.05 9.46 33.38
N ASP D 195 48.83 8.23 32.90
CA ASP D 195 49.80 7.14 33.03
C ASP D 195 50.94 7.24 32.02
N THR D 196 51.15 8.39 31.40
CA THR D 196 52.14 8.52 30.32
C THR D 196 53.55 8.29 30.86
N PHE D 197 54.34 7.56 30.08
CA PHE D 197 55.69 7.20 30.47
C PHE D 197 56.67 8.21 29.89
N PHE D 198 57.47 8.83 30.75
CA PHE D 198 58.57 9.69 30.34
C PHE D 198 59.88 9.08 30.84
N PRO D 199 60.59 8.31 30.02
CA PRO D 199 61.83 7.69 30.49
C PRO D 199 62.91 8.72 30.82
N SER D 200 63.75 8.38 31.81
CA SER D 200 64.86 9.23 32.23
C SER D 200 66.11 9.03 31.37
N GLY E 4 43.01 2.55 -17.16
CA GLY E 4 42.47 2.88 -18.46
C GLY E 4 42.72 4.33 -18.94
N VAL E 5 42.81 5.27 -18.01
CA VAL E 5 42.94 6.70 -18.32
C VAL E 5 44.33 7.15 -17.90
N THR E 6 45.11 7.68 -18.86
CA THR E 6 46.49 8.08 -18.63
C THR E 6 46.60 9.59 -18.79
N GLN E 7 46.99 10.29 -17.74
CA GLN E 7 47.22 11.73 -17.86
C GLN E 7 48.62 12.08 -17.37
N THR E 8 49.18 13.12 -17.97
CA THR E 8 50.53 13.57 -17.66
C THR E 8 50.54 15.10 -17.73
N PRO E 9 51.42 15.76 -16.96
CA PRO E 9 52.38 15.20 -16.00
C PRO E 9 51.74 15.01 -14.63
N LYS E 10 52.42 14.23 -13.75
CA LYS E 10 51.93 14.06 -12.38
C LYS E 10 52.08 15.34 -11.57
N PHE E 11 53.19 16.07 -11.77
CA PHE E 11 53.51 17.28 -11.03
C PHE E 11 54.09 18.30 -12.01
N GLN E 12 53.84 19.58 -11.74
CA GLN E 12 54.43 20.64 -12.57
C GLN E 12 54.48 21.94 -11.81
N VAL E 13 55.65 22.59 -11.81
CA VAL E 13 55.81 23.95 -11.31
C VAL E 13 55.80 24.91 -12.49
N LEU E 14 54.98 25.96 -12.43
CA LEU E 14 54.94 26.98 -13.46
C LEU E 14 55.12 28.36 -12.86
N LYS E 15 55.81 29.23 -13.60
CA LYS E 15 55.82 30.65 -13.27
C LYS E 15 54.56 31.32 -13.87
N THR E 16 54.05 32.33 -13.18
CA THR E 16 52.93 33.11 -13.73
C THR E 16 53.21 33.53 -15.18
N GLY E 17 52.18 33.42 -16.04
CA GLY E 17 52.32 33.79 -17.43
C GLY E 17 52.84 32.69 -18.34
N GLN E 18 53.37 31.61 -17.77
CA GLN E 18 53.80 30.46 -18.56
C GLN E 18 52.57 29.72 -19.10
N SER E 19 52.75 29.11 -20.27
CA SER E 19 51.73 28.25 -20.86
C SER E 19 52.06 26.80 -20.52
N MET E 20 51.07 25.92 -20.68
CA MET E 20 51.20 24.55 -20.25
CA MET E 20 51.27 24.53 -20.38
C MET E 20 50.10 23.72 -20.89
N THR E 21 50.39 22.48 -21.26
CA THR E 21 49.36 21.56 -21.75
C THR E 21 49.40 20.28 -20.93
N LEU E 22 48.24 19.85 -20.45
CA LEU E 22 48.08 18.55 -19.81
CA LEU E 22 48.08 18.54 -19.82
C LEU E 22 47.50 17.58 -20.83
N GLN E 23 48.02 16.36 -20.82
CA GLN E 23 47.60 15.34 -21.77
C GLN E 23 46.77 14.29 -21.06
N CYS E 24 45.84 13.69 -21.81
CA CYS E 24 44.95 12.67 -21.30
C CYS E 24 44.55 11.75 -22.44
N ALA E 25 44.75 10.46 -22.24
CA ALA E 25 44.40 9.46 -23.23
C ALA E 25 43.72 8.31 -22.54
N GLN E 26 42.71 7.74 -23.18
CA GLN E 26 42.04 6.55 -22.70
C GLN E 26 41.90 5.59 -23.87
N ASP E 27 42.13 4.30 -23.60
CA ASP E 27 41.97 3.29 -24.65
CA ASP E 27 42.03 3.24 -24.58
C ASP E 27 40.82 2.33 -24.31
N MET E 28 39.75 2.88 -23.74
CA MET E 28 38.56 2.12 -23.40
C MET E 28 37.42 2.31 -24.40
N ASN E 29 37.70 2.91 -25.56
CA ASN E 29 36.69 3.25 -26.58
C ASN E 29 35.59 4.13 -26.00
N HIS E 30 35.91 4.95 -25.02
CA HIS E 30 34.89 5.83 -24.47
C HIS E 30 34.65 7.01 -25.38
N ASN E 31 33.42 7.50 -25.37
CA ASN E 31 33.12 8.66 -26.20
C ASN E 31 33.25 9.98 -25.47
N SER E 32 33.00 10.04 -24.16
CA SER E 32 32.94 11.31 -23.46
C SER E 32 34.20 11.47 -22.60
N MET E 33 34.75 12.68 -22.59
CA MET E 33 35.95 12.97 -21.82
C MET E 33 35.78 14.32 -21.12
N TYR E 34 36.45 14.48 -19.99
CA TYR E 34 36.17 15.56 -19.04
C TYR E 34 37.47 16.02 -18.42
N TRP E 35 37.57 17.32 -18.14
CA TRP E 35 38.66 17.86 -17.32
C TRP E 35 38.06 18.53 -16.10
N TYR E 36 38.48 18.09 -14.91
CA TYR E 36 38.02 18.62 -13.64
C TYR E 36 39.21 19.24 -12.90
N ARG E 37 38.92 20.21 -12.04
CA ARG E 37 39.87 20.56 -10.99
C ARG E 37 39.27 20.30 -9.63
N GLN E 38 40.13 19.93 -8.68
CA GLN E 38 39.74 19.64 -7.30
C GLN E 38 40.52 20.55 -6.36
N ASP E 39 39.79 21.28 -5.53
CA ASP E 39 40.30 22.29 -4.61
C ASP E 39 39.70 22.03 -3.25
N PRO E 40 40.45 22.27 -2.18
CA PRO E 40 39.96 21.92 -0.83
C PRO E 40 38.62 22.57 -0.53
N GLY E 41 37.72 21.79 0.07
CA GLY E 41 36.49 22.32 0.62
C GLY E 41 35.30 22.37 -0.32
N MET E 42 35.47 22.02 -1.59
CA MET E 42 34.37 22.10 -2.53
C MET E 42 34.36 20.86 -3.42
N GLY E 43 33.21 20.63 -4.04
CA GLY E 43 33.11 19.52 -4.98
C GLY E 43 33.88 19.80 -6.25
N LEU E 44 34.26 18.71 -6.92
CA LEU E 44 34.92 18.78 -8.22
C LEU E 44 34.21 19.78 -9.11
N ARG E 45 34.99 20.54 -9.87
CA ARG E 45 34.45 21.54 -10.79
C ARG E 45 34.90 21.22 -12.21
N LEU E 46 33.92 21.06 -13.10
CA LEU E 46 34.20 20.78 -14.50
C LEU E 46 34.77 22.01 -15.20
N ILE E 47 35.84 21.82 -15.95
CA ILE E 47 36.46 22.92 -16.69
C ILE E 47 35.93 22.93 -18.11
N TYR E 48 36.12 21.82 -18.81
CA TYR E 48 35.65 21.62 -20.18
C TYR E 48 35.30 20.15 -20.32
N TYR E 49 34.46 19.83 -21.30
CA TYR E 49 34.16 18.43 -21.58
C TYR E 49 33.99 18.23 -23.08
N SER E 50 33.96 16.96 -23.47
CA SER E 50 33.84 16.57 -24.86
C SER E 50 32.85 15.41 -24.85
N ALA E 51 31.61 15.68 -25.22
CA ALA E 51 30.57 14.65 -25.13
C ALA E 51 30.85 13.52 -26.11
N SER E 52 31.54 13.82 -27.21
CA SER E 52 31.94 12.78 -28.16
CA SER E 52 31.87 12.82 -28.23
C SER E 52 33.05 13.34 -29.04
N GLU E 53 33.65 12.46 -29.82
CA GLU E 53 34.70 12.91 -30.72
C GLU E 53 34.16 14.03 -31.61
N GLY E 54 34.91 15.09 -31.78
CA GLY E 54 34.45 16.13 -32.70
C GLY E 54 33.56 17.20 -32.09
N THR E 55 33.40 17.22 -30.78
CA THR E 55 32.73 18.35 -30.13
C THR E 55 33.29 18.53 -28.73
N THR E 56 33.29 19.77 -28.26
CA THR E 56 33.70 20.11 -26.91
C THR E 56 32.86 21.28 -26.46
N ASP E 57 32.80 21.51 -25.16
CA ASP E 57 32.06 22.65 -24.65
C ASP E 57 32.56 23.00 -23.26
N LYS E 58 32.26 24.23 -22.86
CA LYS E 58 32.69 24.73 -21.55
C LYS E 58 31.94 24.06 -20.43
N GLY E 59 32.64 23.85 -19.32
CA GLY E 59 31.99 23.47 -18.08
C GLY E 59 31.72 24.66 -17.21
N GLU E 60 31.88 24.47 -15.90
CA GLU E 60 31.57 25.50 -14.92
C GLU E 60 32.69 26.53 -14.79
N VAL E 61 33.95 26.15 -14.99
CA VAL E 61 35.07 27.07 -14.76
CA VAL E 61 35.08 27.05 -14.75
C VAL E 61 35.99 27.11 -15.97
N PRO E 62 35.51 27.53 -17.15
CA PRO E 62 36.37 27.50 -18.34
C PRO E 62 37.38 28.64 -18.48
N ASN E 63 37.26 29.73 -17.71
CA ASN E 63 38.08 30.91 -18.00
C ASN E 63 39.54 30.68 -17.62
N GLY E 64 40.44 30.96 -18.54
CA GLY E 64 41.85 30.69 -18.35
C GLY E 64 42.30 29.38 -18.96
N TYR E 65 41.37 28.58 -19.49
CA TYR E 65 41.70 27.29 -20.05
C TYR E 65 41.14 27.14 -21.47
N ASN E 66 41.70 26.20 -22.22
CA ASN E 66 41.12 25.74 -23.48
CA ASN E 66 41.05 25.72 -23.43
C ASN E 66 41.42 24.25 -23.61
N VAL E 67 40.67 23.58 -24.50
CA VAL E 67 40.85 22.14 -24.72
C VAL E 67 40.86 21.82 -26.22
N SER E 68 41.44 20.66 -26.55
CA SER E 68 41.28 20.05 -27.86
C SER E 68 40.95 18.58 -27.70
N ARG E 69 39.84 18.14 -28.31
CA ARG E 69 39.60 16.71 -28.45
C ARG E 69 40.33 16.30 -29.71
N LEU E 70 41.54 15.77 -29.55
CA LEU E 70 42.39 15.53 -30.71
C LEU E 70 41.88 14.38 -31.57
N ASN E 71 41.22 13.40 -30.97
CA ASN E 71 40.70 12.20 -31.63
C ASN E 71 39.87 11.48 -30.57
N LYS E 72 39.35 10.28 -30.86
CA LYS E 72 38.51 9.62 -29.86
C LYS E 72 39.25 9.39 -28.54
N ARG E 73 40.56 9.15 -28.60
CA ARG E 73 41.32 8.71 -27.43
C ARG E 73 41.81 9.85 -26.54
N GLU E 74 41.99 11.06 -27.07
CA GLU E 74 42.84 12.07 -26.42
C GLU E 74 42.14 13.41 -26.26
N PHE E 75 42.33 14.02 -25.09
CA PHE E 75 41.64 15.26 -24.73
C PHE E 75 42.64 16.10 -23.95
N SER E 76 43.20 17.13 -24.58
CA SER E 76 44.25 17.93 -23.96
CA SER E 76 44.24 17.90 -23.92
C SER E 76 43.67 19.18 -23.32
N LEU E 77 44.25 19.60 -22.21
CA LEU E 77 43.85 20.81 -21.52
C LEU E 77 45.03 21.77 -21.56
N ARG E 78 44.77 23.02 -21.96
CA ARG E 78 45.81 24.03 -22.06
CA ARG E 78 45.79 24.04 -22.09
C ARG E 78 45.52 25.18 -21.12
N LEU E 79 46.57 25.63 -20.44
CA LEU E 79 46.56 26.85 -19.64
C LEU E 79 47.26 27.92 -20.46
N GLU E 80 46.52 28.98 -20.81
CA GLU E 80 47.00 30.02 -21.71
C GLU E 80 48.20 30.75 -21.12
N SER E 81 47.96 31.40 -19.99
CA SER E 81 48.93 32.23 -19.30
C SER E 81 48.65 31.95 -17.83
N ALA E 82 49.47 31.09 -17.23
CA ALA E 82 49.11 30.54 -15.92
C ALA E 82 49.00 31.66 -14.89
N ALA E 83 47.93 31.60 -14.09
CA ALA E 83 47.74 32.48 -12.94
C ALA E 83 47.77 31.67 -11.65
N PRO E 84 48.15 32.31 -10.53
CA PRO E 84 48.20 31.55 -9.27
C PRO E 84 46.86 30.92 -8.89
N SER E 85 45.74 31.47 -9.35
CA SER E 85 44.44 30.86 -9.04
C SER E 85 44.27 29.49 -9.68
N GLN E 86 45.12 29.13 -10.64
CA GLN E 86 45.08 27.83 -11.30
C GLN E 86 45.93 26.77 -10.60
N THR E 87 46.60 27.12 -9.50
CA THR E 87 47.20 26.13 -8.62
C THR E 87 46.13 25.17 -8.11
N SER E 88 46.24 23.89 -8.47
CA SER E 88 45.15 22.96 -8.18
C SER E 88 45.61 21.54 -8.47
N VAL E 89 44.70 20.59 -8.24
CA VAL E 89 44.81 19.21 -8.71
C VAL E 89 43.80 19.04 -9.84
N TYR E 90 44.29 18.63 -11.02
CA TYR E 90 43.48 18.47 -12.22
C TYR E 90 43.26 17.00 -12.47
N PHE E 91 42.01 16.62 -12.76
CA PHE E 91 41.68 15.24 -13.10
C PHE E 91 41.02 15.18 -14.47
N CYS E 92 41.54 14.33 -15.33
CA CYS E 92 40.84 13.94 -16.55
CA CYS E 92 40.79 13.98 -16.52
C CYS E 92 40.03 12.69 -16.26
N ALA E 93 38.87 12.57 -16.90
CA ALA E 93 38.01 11.42 -16.73
C ALA E 93 37.35 11.11 -18.05
N SER E 94 36.83 9.90 -18.17
CA SER E 94 36.09 9.48 -19.35
C SER E 94 34.96 8.56 -18.92
N SER E 95 33.95 8.48 -19.78
CA SER E 95 32.83 7.59 -19.61
C SER E 95 32.36 7.15 -20.99
N VAL E 96 31.68 5.99 -21.02
CA VAL E 96 31.25 5.41 -22.29
C VAL E 96 30.49 6.45 -23.10
N TRP E 97 29.49 7.08 -22.49
CA TRP E 97 28.70 8.06 -23.21
C TRP E 97 28.31 9.16 -22.25
N THR E 98 27.72 10.20 -22.78
CA THR E 98 27.08 11.18 -21.94
C THR E 98 25.62 11.27 -22.36
N GLY E 99 24.81 11.84 -21.49
CA GLY E 99 23.38 11.74 -21.69
C GLY E 99 22.84 10.34 -21.51
N GLU E 100 23.50 9.56 -20.65
CA GLU E 100 23.04 8.27 -20.12
C GLU E 100 23.19 8.35 -18.60
N GLY E 101 22.13 8.05 -17.88
CA GLY E 101 22.14 8.32 -16.43
C GLY E 101 23.09 7.44 -15.63
N SER E 102 23.16 6.14 -15.96
CA SER E 102 23.86 5.19 -15.09
C SER E 102 25.38 5.12 -15.30
N GLY E 103 25.93 5.75 -16.34
CA GLY E 103 27.32 5.47 -16.73
C GLY E 103 28.31 6.23 -15.85
N GLU E 104 29.28 5.52 -15.28
CA GLU E 104 30.18 6.13 -14.30
C GLU E 104 31.43 6.70 -14.97
N LEU E 105 32.14 7.54 -14.21
CA LEU E 105 33.39 8.12 -14.63
C LEU E 105 34.56 7.23 -14.25
N PHE E 106 35.56 7.20 -15.15
CA PHE E 106 36.86 6.59 -14.91
C PHE E 106 37.87 7.72 -14.90
N PHE E 107 38.60 7.87 -13.78
CA PHE E 107 39.48 9.03 -13.58
C PHE E 107 40.93 8.70 -13.87
N GLY E 108 41.65 9.65 -14.48
CA GLY E 108 43.10 9.62 -14.49
C GLY E 108 43.67 9.83 -13.09
N GLU E 109 44.99 9.73 -12.99
CA GLU E 109 45.66 9.72 -11.69
C GLU E 109 45.81 11.10 -11.08
N GLY E 110 45.55 12.16 -11.83
CA GLY E 110 45.66 13.49 -11.27
C GLY E 110 46.97 14.17 -11.67
N SER E 111 46.90 15.50 -11.77
CA SER E 111 48.07 16.31 -12.10
C SER E 111 48.12 17.47 -11.11
N ARG E 112 49.18 17.54 -10.31
CA ARG E 112 49.32 18.59 -9.32
C ARG E 112 50.09 19.75 -9.93
N LEU E 113 49.41 20.88 -10.14
CA LEU E 113 50.05 22.08 -10.70
C LEU E 113 50.20 23.13 -9.61
N THR E 114 51.39 23.73 -9.53
CA THR E 114 51.62 24.88 -8.67
C THR E 114 52.14 26.02 -9.52
N VAL E 115 51.41 27.14 -9.52
CA VAL E 115 51.80 28.33 -10.29
C VAL E 115 52.33 29.37 -9.33
N LEU E 116 53.58 29.82 -9.54
CA LEU E 116 54.30 30.68 -8.61
C LEU E 116 54.73 31.98 -9.29
N GLU E 117 54.74 33.07 -8.52
CA GLU E 117 55.17 34.37 -9.07
C GLU E 117 56.59 34.29 -9.61
N ASP E 118 57.47 33.57 -8.92
CA ASP E 118 58.82 33.29 -9.41
C ASP E 118 59.24 31.97 -8.78
N LEU E 119 60.42 31.47 -9.17
CA LEU E 119 60.88 30.17 -8.72
C LEU E 119 61.90 30.25 -7.57
N LYS E 120 62.14 31.44 -7.04
CA LYS E 120 63.27 31.63 -6.14
C LYS E 120 63.08 30.97 -4.77
N ASN E 121 61.86 30.56 -4.43
CA ASN E 121 61.65 29.88 -3.17
C ASN E 121 61.52 28.37 -3.34
N VAL E 122 61.75 27.84 -4.55
CA VAL E 122 61.66 26.39 -4.74
C VAL E 122 62.88 25.73 -4.11
N PHE E 123 62.64 24.74 -3.24
CA PHE E 123 63.71 24.03 -2.52
C PHE E 123 63.37 22.55 -2.41
N PRO E 124 64.35 21.67 -2.63
CA PRO E 124 64.13 20.26 -2.34
C PRO E 124 64.14 20.04 -0.84
N PRO E 125 63.68 18.88 -0.36
CA PRO E 125 63.75 18.60 1.07
C PRO E 125 65.16 18.20 1.50
N GLU E 126 65.47 18.50 2.76
CA GLU E 126 66.52 17.77 3.47
C GLU E 126 65.86 16.59 4.18
N VAL E 127 66.50 15.42 4.11
CA VAL E 127 65.95 14.19 4.67
C VAL E 127 66.87 13.66 5.76
N ALA E 128 66.28 13.25 6.88
CA ALA E 128 67.03 12.70 8.00
C ALA E 128 66.21 11.57 8.63
N VAL E 129 66.91 10.55 9.13
CA VAL E 129 66.28 9.41 9.80
C VAL E 129 66.80 9.34 11.23
N PHE E 130 65.89 9.13 12.16
CA PHE E 130 66.20 9.11 13.59
C PHE E 130 65.98 7.69 14.12
N GLU E 131 67.00 7.20 14.84
CA GLU E 131 67.10 5.83 15.32
C GLU E 131 66.22 5.62 16.54
N PRO E 132 65.68 4.41 16.69
CA PRO E 132 64.78 4.12 17.81
C PRO E 132 65.43 4.40 19.15
N SER E 133 64.59 4.82 20.10
CA SER E 133 65.01 5.05 21.46
C SER E 133 65.29 3.72 22.17
N GLU E 134 66.39 3.67 22.93
CA GLU E 134 66.64 2.50 23.76
C GLU E 134 65.52 2.29 24.78
N ALA E 135 64.89 3.38 25.24
CA ALA E 135 63.83 3.26 26.22
C ALA E 135 62.58 2.60 25.62
N GLU E 136 62.26 2.92 24.37
CA GLU E 136 61.13 2.24 23.70
C GLU E 136 61.42 0.76 23.54
N ILE E 137 62.67 0.41 23.23
CA ILE E 137 63.02 -0.99 23.00
C ILE E 137 62.76 -1.80 24.26
N SER E 138 63.37 -1.41 25.37
CA SER E 138 63.22 -2.18 26.60
C SER E 138 61.78 -2.17 27.12
N HIS E 139 61.03 -1.09 26.87
CA HIS E 139 59.69 -0.96 27.45
C HIS E 139 58.62 -1.67 26.64
N THR E 140 58.76 -1.75 25.31
CA THR E 140 57.72 -2.30 24.45
C THR E 140 58.18 -3.42 23.55
N GLN E 141 59.48 -3.73 23.52
CA GLN E 141 60.07 -4.71 22.61
CA GLN E 141 60.04 -4.72 22.61
C GLN E 141 59.78 -4.37 21.16
N LYS E 142 59.55 -3.09 20.87
CA LYS E 142 59.39 -2.58 19.52
C LYS E 142 60.34 -1.41 19.32
N ALA E 143 60.55 -1.03 18.05
CA ALA E 143 61.48 0.04 17.71
C ALA E 143 60.91 0.84 16.57
N THR E 144 60.75 2.16 16.77
CA THR E 144 60.17 3.05 15.77
C THR E 144 61.27 3.93 15.19
N LEU E 145 61.42 3.89 13.87
CA LEU E 145 62.26 4.86 13.18
C LEU E 145 61.41 6.02 12.71
N VAL E 146 61.99 7.22 12.71
CA VAL E 146 61.28 8.41 12.22
C VAL E 146 62.10 9.06 11.11
N CYS E 147 61.43 9.39 10.01
CA CYS E 147 62.02 10.12 8.88
CA CYS E 147 62.05 10.13 8.92
C CYS E 147 61.41 11.51 8.81
N LEU E 148 62.25 12.54 8.69
CA LEU E 148 61.79 13.93 8.55
C LEU E 148 62.28 14.51 7.24
N ALA E 149 61.35 15.03 6.44
CA ALA E 149 61.69 15.81 5.25
C ALA E 149 61.29 17.25 5.56
N THR E 150 62.25 18.17 5.44
CA THR E 150 62.04 19.53 5.92
C THR E 150 62.55 20.54 4.91
N GLY E 151 61.93 21.73 4.94
CA GLY E 151 62.38 22.87 4.19
C GLY E 151 62.06 22.85 2.71
N PHE E 152 61.11 22.03 2.26
CA PHE E 152 60.87 21.92 0.82
C PHE E 152 59.71 22.80 0.37
N TYR E 153 59.69 23.10 -0.93
CA TYR E 153 58.71 23.99 -1.54
C TYR E 153 58.81 23.87 -3.06
N PRO E 154 57.69 23.66 -3.79
CA PRO E 154 56.35 23.54 -3.20
C PRO E 154 56.13 22.19 -2.56
N ASP E 155 54.90 22.00 -2.09
CA ASP E 155 54.46 20.76 -1.47
C ASP E 155 54.20 19.71 -2.56
N HIS E 156 55.30 19.23 -3.17
CA HIS E 156 55.27 18.20 -4.22
C HIS E 156 56.24 17.08 -3.83
N VAL E 157 55.91 16.29 -2.82
CA VAL E 157 56.80 15.22 -2.40
C VAL E 157 56.04 13.93 -2.25
N GLU E 158 56.76 12.82 -2.40
CA GLU E 158 56.27 11.49 -2.10
C GLU E 158 57.35 10.80 -1.30
N LEU E 159 57.00 10.36 -0.09
CA LEU E 159 57.93 9.70 0.82
C LEU E 159 57.61 8.21 0.89
N SER E 160 58.66 7.39 0.97
CA SER E 160 58.55 5.94 1.01
C SER E 160 59.70 5.36 1.82
N TRP E 161 59.47 4.19 2.40
CA TRP E 161 60.50 3.45 3.14
C TRP E 161 60.98 2.24 2.36
N TRP E 162 62.24 1.88 2.58
CA TRP E 162 62.86 0.70 1.98
C TRP E 162 63.71 0.01 3.03
N VAL E 163 63.43 -1.27 3.28
CA VAL E 163 64.13 -2.08 4.28
C VAL E 163 64.85 -3.20 3.55
N ASN E 164 66.18 -3.22 3.62
CA ASN E 164 67.01 -4.22 2.96
C ASN E 164 66.81 -4.21 1.44
N GLY E 165 66.58 -3.03 0.87
CA GLY E 165 66.42 -2.87 -0.56
C GLY E 165 65.00 -3.02 -1.09
N LYS E 166 64.06 -3.51 -0.29
CA LYS E 166 62.69 -3.71 -0.73
C LYS E 166 61.76 -2.74 -0.01
N GLU E 167 60.73 -2.28 -0.72
CA GLU E 167 59.78 -1.32 -0.16
C GLU E 167 58.80 -2.04 0.76
N VAL E 168 58.39 -1.33 1.82
CA VAL E 168 57.49 -1.90 2.82
C VAL E 168 56.36 -0.92 3.09
N HIS E 169 55.17 -1.46 3.34
CA HIS E 169 54.01 -0.67 3.73
C HIS E 169 53.51 -0.99 5.12
N SER E 170 53.81 -2.18 5.64
CA SER E 170 53.43 -2.56 6.99
C SER E 170 54.36 -1.89 8.00
N GLY E 171 53.77 -1.40 9.10
CA GLY E 171 54.52 -0.70 10.11
C GLY E 171 54.84 0.74 9.79
N VAL E 172 54.23 1.31 8.76
CA VAL E 172 54.55 2.65 8.25
C VAL E 172 53.32 3.53 8.35
N CYS E 173 53.51 4.78 8.77
CA CYS E 173 52.49 5.82 8.65
CA CYS E 173 52.50 5.80 8.58
C CYS E 173 53.19 7.13 8.32
N THR E 174 52.75 7.78 7.25
CA THR E 174 53.31 9.05 6.82
C THR E 174 52.22 10.10 7.00
N ASP E 175 52.60 11.30 7.45
CA ASP E 175 51.62 12.37 7.60
C ASP E 175 50.84 12.54 6.31
N PRO E 176 49.50 12.62 6.37
CA PRO E 176 48.73 12.82 5.12
C PRO E 176 49.09 14.11 4.40
N GLN E 177 49.33 15.19 5.14
CA GLN E 177 49.70 16.49 4.58
C GLN E 177 50.91 17.03 5.31
N PRO E 178 51.75 17.81 4.63
CA PRO E 178 52.89 18.42 5.31
C PRO E 178 52.41 19.52 6.24
N LEU E 179 53.30 19.95 7.12
CA LEU E 179 52.99 21.11 7.92
C LEU E 179 53.83 22.30 7.44
N LYS E 180 53.37 23.50 7.77
CA LYS E 180 53.99 24.73 7.33
C LYS E 180 55.03 25.16 8.35
N GLU E 181 56.28 25.31 7.90
CA GLU E 181 57.34 25.66 8.84
C GLU E 181 57.25 27.12 9.27
N GLN E 182 56.66 27.98 8.44
CA GLN E 182 56.47 29.39 8.74
C GLN E 182 55.00 29.70 8.50
N PRO E 183 54.12 29.35 9.44
CA PRO E 183 52.69 29.40 9.15
C PRO E 183 52.18 30.78 8.75
N ALA E 184 52.82 31.85 9.22
CA ALA E 184 52.35 33.19 8.88
C ALA E 184 52.82 33.69 7.51
N LEU E 185 53.77 33.01 6.87
CA LEU E 185 54.27 33.45 5.59
C LEU E 185 53.44 32.86 4.46
N ASN E 186 53.12 33.70 3.46
CA ASN E 186 52.34 33.23 2.32
C ASN E 186 53.09 32.14 1.55
N ASP E 187 54.43 32.14 1.61
CA ASP E 187 55.25 31.16 0.89
C ASP E 187 56.03 30.26 1.83
N SER E 188 55.39 29.87 2.95
CA SER E 188 56.04 28.98 3.90
C SER E 188 56.54 27.72 3.21
N ARG E 189 57.73 27.29 3.61
CA ARG E 189 58.25 25.97 3.23
C ARG E 189 57.62 24.90 4.13
N TYR E 190 57.87 23.64 3.82
CA TYR E 190 57.07 22.53 4.37
C TYR E 190 57.95 21.50 5.05
N ALA E 191 57.35 20.70 5.94
CA ALA E 191 58.01 19.58 6.58
C ALA E 191 57.06 18.39 6.62
N LEU E 192 57.62 17.18 6.48
CA LEU E 192 56.81 15.96 6.47
C LEU E 192 57.54 14.91 7.29
N SER E 193 56.78 14.13 8.06
CA SER E 193 57.33 13.09 8.92
C SER E 193 56.66 11.76 8.60
N SER E 194 57.43 10.70 8.71
CA SER E 194 56.93 9.34 8.60
C SER E 194 57.59 8.49 9.67
N ARG E 195 56.89 7.45 10.12
CA ARG E 195 57.42 6.50 11.10
C ARG E 195 57.41 5.10 10.49
N LEU E 196 58.44 4.32 10.83
CA LEU E 196 58.49 2.90 10.53
C LEU E 196 58.72 2.15 11.84
N ARG E 197 57.80 1.27 12.21
CA ARG E 197 57.94 0.52 13.44
C ARG E 197 58.25 -0.92 13.11
N VAL E 198 59.26 -1.48 13.77
CA VAL E 198 59.65 -2.87 13.63
C VAL E 198 59.82 -3.46 15.02
N SER E 199 59.93 -4.78 15.08
CA SER E 199 60.26 -5.44 16.33
C SER E 199 61.68 -5.10 16.77
N ALA E 200 61.89 -5.07 18.09
CA ALA E 200 63.21 -4.74 18.61
C ALA E 200 64.26 -5.73 18.12
N THR E 201 63.89 -7.00 17.97
CA THR E 201 64.81 -7.98 17.43
C THR E 201 65.20 -7.64 16.00
N PHE E 202 64.26 -7.10 15.22
CA PHE E 202 64.52 -6.76 13.83
C PHE E 202 65.43 -5.54 13.70
N TRP E 203 65.42 -4.66 14.70
CA TRP E 203 66.29 -3.50 14.72
C TRP E 203 67.67 -3.82 15.30
N GLN E 204 67.74 -4.69 16.31
CA GLN E 204 69.01 -5.00 16.96
C GLN E 204 69.92 -5.86 16.08
N ASN E 205 69.44 -6.33 14.93
CA ASN E 205 70.25 -7.12 14.02
C ASN E 205 71.00 -6.20 13.06
N PRO E 206 72.34 -6.18 13.08
CA PRO E 206 73.08 -5.23 12.22
C PRO E 206 73.09 -5.59 10.75
N ARG E 207 72.36 -6.63 10.35
CA ARG E 207 72.29 -6.99 8.94
C ARG E 207 71.14 -6.32 8.21
N ASN E 208 70.32 -5.52 8.89
CA ASN E 208 69.16 -4.87 8.29
C ASN E 208 69.47 -3.42 7.95
N HIS E 209 69.20 -3.04 6.71
CA HIS E 209 69.42 -1.69 6.20
C HIS E 209 68.09 -0.97 6.05
N PHE E 210 67.99 0.20 6.68
CA PHE E 210 66.77 1.01 6.63
C PHE E 210 67.08 2.30 5.88
N ARG E 211 66.21 2.65 4.95
CA ARG E 211 66.37 3.89 4.20
C ARG E 211 65.00 4.51 3.96
N CYS E 212 64.90 5.80 4.25
CA CYS E 212 63.74 6.61 3.88
CA CYS E 212 63.73 6.58 3.85
C CYS E 212 64.11 7.45 2.68
N GLN E 213 63.29 7.40 1.63
CA GLN E 213 63.55 8.14 0.41
C GLN E 213 62.39 9.07 0.13
N VAL E 214 62.70 10.25 -0.38
CA VAL E 214 61.71 11.28 -0.62
C VAL E 214 61.88 11.75 -2.05
N GLN E 215 60.88 11.48 -2.88
CA GLN E 215 60.90 12.00 -4.24
C GLN E 215 60.35 13.43 -4.22
N PHE E 216 61.13 14.37 -4.74
CA PHE E 216 60.74 15.77 -4.84
C PHE E 216 60.44 16.12 -6.30
N TYR E 217 59.39 16.90 -6.52
CA TYR E 217 59.04 17.35 -7.88
C TYR E 217 59.22 18.85 -7.96
N GLY E 218 60.23 19.28 -8.72
CA GLY E 218 60.61 20.67 -8.74
C GLY E 218 60.72 21.17 -10.16
N LEU E 219 61.79 21.87 -10.48
CA LEU E 219 61.98 22.43 -11.80
C LEU E 219 62.52 21.35 -12.75
N SER E 220 62.40 21.62 -14.05
CA SER E 220 62.94 20.73 -15.06
C SER E 220 64.21 21.33 -15.66
N GLU E 221 64.82 20.59 -16.59
CA GLU E 221 65.99 21.11 -17.28
C GLU E 221 65.68 22.40 -18.02
N ASN E 222 64.46 22.52 -18.57
CA ASN E 222 64.11 23.66 -19.40
C ASN E 222 64.05 24.98 -18.63
N ASP E 223 63.91 24.92 -17.32
CA ASP E 223 63.72 26.13 -16.52
C ASP E 223 65.04 26.87 -16.36
N GLU E 224 64.95 28.19 -16.34
CA GLU E 224 66.12 29.05 -16.17
C GLU E 224 66.45 29.19 -14.69
N TRP E 225 67.74 29.19 -14.37
CA TRP E 225 68.18 29.26 -12.98
C TRP E 225 69.42 30.14 -12.87
N THR E 226 69.36 31.15 -11.98
CA THR E 226 70.41 32.17 -11.87
C THR E 226 70.73 32.41 -10.39
N GLN E 227 71.23 31.39 -9.71
CA GLN E 227 71.53 31.50 -8.28
C GLN E 227 72.72 30.63 -7.92
N ASP E 228 73.43 31.05 -6.88
CA ASP E 228 74.58 30.31 -6.39
C ASP E 228 74.18 28.90 -5.95
N ARG E 229 73.01 28.76 -5.32
CA ARG E 229 72.58 27.46 -4.84
C ARG E 229 72.21 26.55 -6.02
N ALA E 230 72.32 25.25 -5.79
CA ALA E 230 72.04 24.28 -6.84
C ALA E 230 70.60 24.42 -7.32
N LYS E 231 70.41 24.23 -8.62
CA LYS E 231 69.08 24.32 -9.21
C LYS E 231 68.16 23.30 -8.53
N PRO E 232 66.99 23.71 -8.02
CA PRO E 232 66.09 22.76 -7.31
C PRO E 232 65.26 21.90 -8.26
N VAL E 233 65.94 20.95 -8.92
CA VAL E 233 65.26 20.10 -9.88
C VAL E 233 64.58 18.95 -9.17
N THR E 234 63.63 18.33 -9.88
CA THR E 234 63.08 17.04 -9.49
C THR E 234 64.20 16.10 -9.09
N GLN E 235 64.05 15.42 -7.95
CA GLN E 235 65.18 14.64 -7.44
C GLN E 235 64.71 13.79 -6.27
N ILE E 236 65.54 12.81 -5.92
CA ILE E 236 65.32 11.94 -4.77
C ILE E 236 66.36 12.28 -3.70
N VAL E 237 65.90 12.46 -2.47
CA VAL E 237 66.76 12.70 -1.32
C VAL E 237 66.47 11.60 -0.30
N SER E 238 67.53 10.96 0.20
CA SER E 238 67.41 9.77 1.03
C SER E 238 68.22 9.93 2.31
N ALA E 239 67.92 9.07 3.28
CA ALA E 239 68.70 8.97 4.49
C ALA E 239 68.69 7.51 4.93
N GLU E 240 69.76 7.10 5.60
CA GLU E 240 70.05 5.69 5.86
C GLU E 240 70.29 5.47 7.35
N ALA E 241 70.02 4.24 7.78
CA ALA E 241 70.30 3.82 9.15
C ALA E 241 70.57 2.32 9.16
N TRP E 242 71.56 1.91 9.93
CA TRP E 242 71.86 0.50 10.17
C TRP E 242 71.44 0.12 11.58
N GLY E 243 71.00 -1.13 11.72
CA GLY E 243 70.59 -1.61 13.04
C GLY E 243 71.78 -1.75 13.98
N ARG E 244 71.62 -1.24 15.20
CA ARG E 244 72.65 -1.30 16.23
C ARG E 244 72.18 -2.21 17.36
N ALA E 245 73.11 -2.97 17.91
CA ALA E 245 72.81 -3.85 19.04
C ALA E 245 72.70 -3.06 20.34
N MET F 1 13.35 -5.58 -47.13
CA MET F 1 13.17 -4.13 -47.04
C MET F 1 11.80 -3.77 -47.56
N ILE F 2 10.93 -3.30 -46.68
CA ILE F 2 9.57 -2.95 -47.03
C ILE F 2 9.51 -1.43 -47.19
N GLN F 3 9.12 -0.98 -48.38
CA GLN F 3 8.92 0.43 -48.66
C GLN F 3 7.43 0.71 -48.72
N ARG F 4 7.03 1.89 -48.29
CA ARG F 4 5.62 2.26 -48.23
C ARG F 4 5.42 3.52 -49.05
N THR F 5 4.50 3.47 -50.04
CA THR F 5 4.34 4.59 -50.95
C THR F 5 3.45 5.66 -50.29
N PRO F 6 3.65 6.93 -50.60
CA PRO F 6 2.93 7.97 -49.85
C PRO F 6 1.43 7.99 -50.19
N LYS F 7 0.64 8.20 -49.16
CA LYS F 7 -0.74 8.68 -49.27
C LYS F 7 -0.71 10.19 -49.51
N ILE F 8 -1.56 10.68 -50.43
CA ILE F 8 -1.49 12.06 -50.87
C ILE F 8 -2.91 12.64 -50.84
N GLN F 9 -3.13 13.66 -50.02
CA GLN F 9 -4.47 14.20 -49.85
C GLN F 9 -4.40 15.71 -50.10
N VAL F 10 -5.27 16.19 -50.97
CA VAL F 10 -5.29 17.58 -51.42
C VAL F 10 -6.64 18.18 -51.09
N TYR F 11 -6.66 19.30 -50.38
CA TYR F 11 -7.90 19.80 -49.82
C TYR F 11 -7.67 21.23 -49.37
N SER F 12 -8.74 21.99 -49.27
CA SER F 12 -8.64 23.38 -48.90
C SER F 12 -8.80 23.55 -47.39
N ARG F 13 -8.24 24.65 -46.89
CA ARG F 13 -8.27 24.92 -45.45
C ARG F 13 -9.70 25.12 -44.96
N HIS F 14 -10.45 25.97 -45.64
CA HIS F 14 -11.87 26.24 -45.42
C HIS F 14 -12.70 25.66 -46.57
N PRO F 15 -13.99 25.41 -46.35
CA PRO F 15 -14.88 25.06 -47.47
C PRO F 15 -14.73 26.04 -48.63
N ALA F 16 -14.49 25.50 -49.81
CA ALA F 16 -14.07 26.30 -50.95
C ALA F 16 -15.24 27.03 -51.60
N GLU F 17 -14.97 28.26 -52.05
CA GLU F 17 -15.94 29.01 -52.83
C GLU F 17 -15.15 29.86 -53.82
N ASN F 18 -15.49 29.74 -55.11
CA ASN F 18 -14.83 30.54 -56.13
C ASN F 18 -14.85 32.01 -55.76
N GLY F 19 -13.70 32.66 -55.93
CA GLY F 19 -13.61 34.08 -55.68
C GLY F 19 -13.29 34.45 -54.25
N LYS F 20 -13.14 33.47 -53.37
CA LYS F 20 -12.86 33.73 -51.97
C LYS F 20 -11.49 33.18 -51.62
N SER F 21 -10.61 34.05 -51.10
CA SER F 21 -9.28 33.64 -50.69
C SER F 21 -9.33 32.45 -49.74
N ASN F 22 -8.38 31.52 -49.90
CA ASN F 22 -8.36 30.25 -49.20
C ASN F 22 -6.92 29.79 -49.12
N PHE F 23 -6.71 28.58 -48.61
CA PHE F 23 -5.40 27.92 -48.65
C PHE F 23 -5.59 26.52 -49.20
N LEU F 24 -4.64 26.09 -50.03
CA LEU F 24 -4.61 24.74 -50.57
C LEU F 24 -3.56 23.92 -49.85
N ASN F 25 -3.97 22.75 -49.37
CA ASN F 25 -3.13 21.87 -48.58
C ASN F 25 -2.84 20.60 -49.38
N CYS F 26 -1.62 20.10 -49.27
CA CYS F 26 -1.30 18.76 -49.76
C CYS F 26 -0.62 18.06 -48.59
N TYR F 27 -1.31 17.07 -48.03
CA TYR F 27 -0.81 16.29 -46.90
C TYR F 27 -0.32 14.94 -47.41
N VAL F 28 0.96 14.66 -47.21
CA VAL F 28 1.63 13.48 -47.77
C VAL F 28 2.09 12.63 -46.60
N SER F 29 1.68 11.36 -46.55
CA SER F 29 1.83 10.65 -45.29
C SER F 29 2.00 9.16 -45.52
N GLY F 30 2.39 8.49 -44.44
CA GLY F 30 2.52 7.05 -44.44
C GLY F 30 3.62 6.47 -45.29
N PHE F 31 4.63 7.26 -45.68
CA PHE F 31 5.67 6.76 -46.55
C PHE F 31 6.93 6.36 -45.79
N HIS F 32 7.71 5.48 -46.41
CA HIS F 32 9.01 5.04 -45.93
C HIS F 32 9.76 4.50 -47.14
N PRO F 33 11.04 4.87 -47.38
CA PRO F 33 11.93 5.69 -46.55
C PRO F 33 11.60 7.20 -46.65
N SER F 34 12.47 8.09 -46.12
CA SER F 34 12.07 9.48 -45.87
C SER F 34 12.30 10.44 -47.04
N ASP F 35 13.11 10.08 -48.05
CA ASP F 35 13.37 10.98 -49.17
C ASP F 35 12.10 11.19 -50.00
N ILE F 36 11.68 12.44 -50.14
CA ILE F 36 10.42 12.74 -50.84
C ILE F 36 10.54 14.12 -51.49
N GLU F 37 9.90 14.27 -52.65
CA GLU F 37 9.77 15.58 -53.30
C GLU F 37 8.30 15.93 -53.48
N VAL F 38 7.91 17.16 -53.11
CA VAL F 38 6.52 17.60 -53.23
C VAL F 38 6.50 18.99 -53.88
N ASP F 39 5.64 19.17 -54.88
CA ASP F 39 5.39 20.47 -55.49
C ASP F 39 3.89 20.67 -55.61
N LEU F 40 3.45 21.92 -55.45
CA LEU F 40 2.06 22.28 -55.74
C LEU F 40 2.00 22.91 -57.13
N LEU F 41 0.95 22.57 -57.88
CA LEU F 41 0.83 23.01 -59.27
C LEU F 41 -0.45 23.81 -59.47
N LYS F 42 -0.35 24.87 -60.27
CA LYS F 42 -1.51 25.59 -60.78
C LYS F 42 -1.52 25.45 -62.29
N ASN F 43 -2.57 24.81 -62.83
CA ASN F 43 -2.67 24.57 -64.26
C ASN F 43 -1.40 23.93 -64.82
N GLY F 44 -0.83 22.98 -64.08
CA GLY F 44 0.32 22.24 -64.54
C GLY F 44 1.67 22.83 -64.20
N GLU F 45 1.72 24.10 -63.78
CA GLU F 45 2.98 24.79 -63.53
C GLU F 45 3.25 24.91 -62.03
N ARG F 46 4.51 24.73 -61.65
CA ARG F 46 4.88 24.75 -60.25
C ARG F 46 4.60 26.13 -59.65
N ILE F 47 4.05 26.14 -58.43
CA ILE F 47 3.74 27.38 -57.71
C ILE F 47 4.94 27.72 -56.83
N GLU F 48 5.39 28.97 -56.90
CA GLU F 48 6.66 29.34 -56.26
C GLU F 48 6.50 29.61 -54.76
N LYS F 49 5.45 30.31 -54.33
CA LYS F 49 5.30 30.65 -52.91
C LYS F 49 4.58 29.49 -52.20
N VAL F 50 5.34 28.50 -51.75
CA VAL F 50 4.77 27.32 -51.09
C VAL F 50 5.45 27.12 -49.76
N GLU F 51 4.64 26.99 -48.69
CA GLU F 51 5.12 26.69 -47.36
C GLU F 51 5.03 25.20 -47.08
N HIS F 52 5.86 24.70 -46.17
CA HIS F 52 5.72 23.31 -45.79
C HIS F 52 6.25 23.11 -44.38
N SER F 53 5.76 22.05 -43.76
CA SER F 53 6.29 21.65 -42.46
C SER F 53 7.57 20.83 -42.65
N ASP F 54 8.36 20.75 -41.60
CA ASP F 54 9.44 19.79 -41.59
C ASP F 54 8.89 18.35 -41.70
N LEU F 55 9.76 17.45 -42.14
CA LEU F 55 9.46 16.02 -42.09
C LEU F 55 9.06 15.64 -40.67
N SER F 56 7.98 14.87 -40.56
CA SER F 56 7.41 14.55 -39.26
C SER F 56 7.30 13.05 -39.08
N PHE F 57 7.25 12.61 -37.82
CA PHE F 57 7.43 11.20 -37.48
C PHE F 57 6.14 10.59 -36.95
N SER F 58 5.76 9.45 -37.50
CA SER F 58 4.62 8.71 -36.95
C SER F 58 5.08 7.54 -36.10
N LYS F 59 4.19 7.11 -35.19
CA LYS F 59 4.46 5.98 -34.30
C LYS F 59 4.65 4.67 -35.05
N ASP F 60 4.13 4.55 -36.29
CA ASP F 60 4.29 3.31 -37.06
C ASP F 60 5.55 3.34 -37.93
N TRP F 61 6.42 4.32 -37.71
CA TRP F 61 7.77 4.49 -38.27
C TRP F 61 7.73 5.14 -39.64
N SER F 62 6.55 5.44 -40.19
CA SER F 62 6.47 6.18 -41.44
C SER F 62 6.56 7.68 -41.16
N PHE F 63 6.48 8.49 -42.22
CA PHE F 63 6.72 9.93 -42.15
C PHE F 63 5.54 10.65 -42.80
N TYR F 64 5.41 11.93 -42.49
CA TYR F 64 4.38 12.75 -43.11
C TYR F 64 4.85 14.20 -43.18
N LEU F 65 4.22 14.95 -44.07
CA LEU F 65 4.55 16.36 -44.31
CA LEU F 65 4.46 16.38 -44.08
C LEU F 65 3.30 17.08 -44.78
N LEU F 66 3.25 18.39 -44.56
CA LEU F 66 2.17 19.24 -45.07
C LEU F 66 2.77 20.35 -45.93
N TYR F 67 2.33 20.45 -47.19
CA TYR F 67 2.65 21.58 -48.08
C TYR F 67 1.41 22.42 -48.26
N TYR F 68 1.55 23.75 -48.25
CA TYR F 68 0.37 24.56 -48.52
C TYR F 68 0.73 25.89 -49.17
N THR F 69 -0.28 26.51 -49.78
CA THR F 69 -0.13 27.81 -50.44
C THR F 69 -1.45 28.56 -50.38
N GLU F 70 -1.35 29.88 -50.25
CA GLU F 70 -2.53 30.73 -50.34
C GLU F 70 -3.01 30.76 -51.79
N PHE F 71 -4.32 30.63 -52.01
CA PHE F 71 -4.85 30.76 -53.36
C PHE F 71 -6.29 31.25 -53.30
N THR F 72 -6.78 31.73 -54.45
CA THR F 72 -8.19 32.02 -54.63
C THR F 72 -8.72 31.08 -55.70
N PRO F 73 -9.61 30.14 -55.36
CA PRO F 73 -10.11 29.21 -56.38
C PRO F 73 -10.99 29.91 -57.41
N THR F 74 -10.91 29.43 -58.64
CA THR F 74 -11.73 29.89 -59.76
C THR F 74 -12.18 28.67 -60.56
N GLU F 75 -13.30 28.83 -61.26
CA GLU F 75 -13.85 27.74 -62.08
C GLU F 75 -12.82 27.23 -63.10
N LYS F 76 -11.95 28.12 -63.59
CA LYS F 76 -11.03 27.79 -64.68
C LYS F 76 -9.74 27.16 -64.20
N ASP F 77 -9.26 27.51 -63.01
CA ASP F 77 -7.95 27.06 -62.53
C ASP F 77 -8.00 25.65 -61.98
N GLU F 78 -7.04 24.82 -62.37
CA GLU F 78 -6.88 23.45 -61.90
C GLU F 78 -5.67 23.37 -60.97
N TYR F 79 -5.83 22.79 -59.80
CA TYR F 79 -4.73 22.66 -58.87
C TYR F 79 -4.39 21.20 -58.65
N ALA F 80 -3.11 20.94 -58.33
CA ALA F 80 -2.67 19.57 -58.09
C ALA F 80 -1.45 19.57 -57.17
N CYS F 81 -1.18 18.39 -56.61
CA CYS F 81 -0.01 18.11 -55.81
C CYS F 81 0.81 17.05 -56.53
N ARG F 82 2.10 17.32 -56.77
CA ARG F 82 2.97 16.41 -57.50
C ARG F 82 4.04 15.84 -56.57
N VAL F 83 4.13 14.52 -56.47
CA VAL F 83 4.95 13.87 -55.46
C VAL F 83 5.88 12.87 -56.11
N ASN F 84 7.14 12.84 -55.68
CA ASN F 84 8.03 11.76 -56.10
C ASN F 84 8.62 11.09 -54.86
N HIS F 85 8.84 9.78 -54.98
CA HIS F 85 9.29 8.93 -53.90
C HIS F 85 9.89 7.68 -54.56
N VAL F 86 10.78 7.02 -53.83
CA VAL F 86 11.50 5.87 -54.41
C VAL F 86 10.53 4.77 -54.81
N THR F 87 9.37 4.69 -54.15
CA THR F 87 8.39 3.69 -54.54
C THR F 87 7.72 4.02 -55.88
N LEU F 88 7.89 5.23 -56.40
CA LEU F 88 7.16 5.67 -57.58
C LEU F 88 8.13 5.71 -58.74
N SER F 89 7.74 5.09 -59.86
CA SER F 89 8.65 5.12 -61.00
C SER F 89 8.64 6.48 -61.67
N GLN F 90 7.53 7.22 -61.59
CA GLN F 90 7.52 8.59 -62.07
C GLN F 90 6.74 9.44 -61.10
N PRO F 91 6.91 10.77 -61.13
CA PRO F 91 6.13 11.64 -60.26
C PRO F 91 4.64 11.40 -60.40
N LYS F 92 3.95 11.41 -59.26
CA LYS F 92 2.50 11.23 -59.22
C LYS F 92 1.86 12.60 -59.04
N ILE F 93 0.96 12.95 -59.97
CA ILE F 93 0.24 14.21 -59.94
C ILE F 93 -1.17 13.93 -59.44
N VAL F 94 -1.52 14.50 -58.29
CA VAL F 94 -2.81 14.26 -57.66
C VAL F 94 -3.64 15.55 -57.74
N LYS F 95 -4.77 15.49 -58.44
CA LYS F 95 -5.57 16.68 -58.69
C LYS F 95 -6.43 17.03 -57.49
N TRP F 96 -6.55 18.32 -57.18
CA TRP F 96 -7.52 18.78 -56.19
C TRP F 96 -8.94 18.50 -56.71
N ASP F 97 -9.77 17.87 -55.86
CA ASP F 97 -11.14 17.53 -56.26
C ASP F 97 -12.13 18.67 -56.12
N ARG F 98 -11.67 19.87 -55.74
CA ARG F 98 -12.46 21.12 -55.73
C ARG F 98 -13.53 21.14 -54.64
N ASP F 99 -13.31 20.51 -53.49
CA ASP F 99 -14.35 20.55 -52.46
C ASP F 99 -13.87 21.19 -51.13
N GLY G 2 -19.30 -31.02 19.03
CA GLY G 2 -19.47 -29.58 19.19
C GLY G 2 -20.58 -29.00 18.32
N GLN G 3 -20.54 -27.69 18.07
CA GLN G 3 -21.56 -27.03 17.28
C GLN G 3 -21.14 -27.04 15.82
N ASN G 4 -22.06 -27.37 14.91
CA ASN G 4 -21.72 -27.55 13.50
CA ASN G 4 -21.66 -27.37 13.51
C ASN G 4 -22.83 -27.02 12.61
N ILE G 5 -22.46 -26.45 11.48
CA ILE G 5 -23.40 -26.03 10.44
CA ILE G 5 -23.43 -26.09 10.46
C ILE G 5 -22.87 -26.57 9.13
N ASP G 6 -23.74 -27.18 8.34
CA ASP G 6 -23.27 -27.81 7.11
C ASP G 6 -24.07 -27.35 5.91
N GLN G 7 -23.37 -27.04 4.84
CA GLN G 7 -24.05 -26.67 3.60
C GLN G 7 -23.16 -27.12 2.45
N PRO G 8 -23.72 -27.40 1.28
CA PRO G 8 -22.90 -27.94 0.19
C PRO G 8 -21.89 -26.90 -0.26
N THR G 9 -20.73 -27.37 -0.76
CA THR G 9 -19.66 -26.45 -1.19
C THR G 9 -20.08 -25.66 -2.41
N GLU G 10 -20.73 -26.31 -3.38
CA GLU G 10 -21.02 -25.63 -4.64
C GLU G 10 -22.28 -26.24 -5.24
N MET G 11 -23.01 -25.42 -6.00
CA MET G 11 -24.16 -25.87 -6.76
C MET G 11 -24.17 -25.16 -8.11
N THR G 12 -24.62 -25.86 -9.14
CA THR G 12 -24.71 -25.29 -10.48
C THR G 12 -26.12 -25.53 -11.01
N ALA G 13 -26.76 -24.46 -11.49
CA ALA G 13 -28.11 -24.54 -12.04
C ALA G 13 -28.19 -23.67 -13.29
N THR G 14 -29.28 -23.79 -14.04
CA THR G 14 -29.44 -23.07 -15.29
C THR G 14 -30.28 -21.81 -15.09
N GLU G 15 -29.92 -20.76 -15.83
CA GLU G 15 -30.69 -19.52 -15.83
C GLU G 15 -32.17 -19.81 -16.03
N GLY G 16 -33.02 -19.14 -15.26
CA GLY G 16 -34.47 -19.34 -15.36
C GLY G 16 -35.02 -20.46 -14.50
N ALA G 17 -34.16 -21.29 -13.92
CA ALA G 17 -34.61 -22.45 -13.18
C ALA G 17 -34.70 -22.09 -11.69
N ILE G 18 -34.90 -23.09 -10.84
CA ILE G 18 -35.05 -22.92 -9.39
CA ILE G 18 -34.93 -22.80 -9.42
C ILE G 18 -33.94 -23.71 -8.73
N VAL G 19 -33.46 -23.25 -7.59
CA VAL G 19 -32.42 -23.97 -6.86
C VAL G 19 -32.76 -23.87 -5.39
N GLN G 20 -32.48 -24.93 -4.65
CA GLN G 20 -32.69 -24.95 -3.20
C GLN G 20 -31.35 -25.16 -2.52
N ILE G 21 -30.95 -24.22 -1.65
CA ILE G 21 -29.65 -24.33 -0.99
C ILE G 21 -29.94 -24.79 0.43
N ASN G 22 -29.40 -25.95 0.82
CA ASN G 22 -29.69 -26.54 2.15
C ASN G 22 -28.67 -26.14 3.19
N CYS G 23 -29.13 -26.06 4.43
CA CYS G 23 -28.29 -25.77 5.58
C CYS G 23 -28.81 -26.62 6.74
N THR G 24 -27.98 -27.50 7.27
N THR G 24 -27.91 -27.40 7.34
CA THR G 24 -28.34 -28.21 8.48
CA THR G 24 -28.24 -28.31 8.45
C THR G 24 -27.45 -27.70 9.60
C THR G 24 -27.35 -27.96 9.64
N TYR G 25 -27.96 -27.78 10.82
CA TYR G 25 -27.22 -27.28 11.97
C TYR G 25 -27.46 -28.13 13.20
N GLN G 26 -26.41 -28.29 13.99
CA GLN G 26 -26.46 -28.90 15.33
C GLN G 26 -25.83 -27.89 16.27
N THR G 27 -26.63 -27.29 17.15
CA THR G 27 -26.14 -26.21 17.98
C THR G 27 -26.60 -26.41 19.41
N SER G 28 -25.97 -25.66 20.32
CA SER G 28 -26.39 -25.68 21.71
C SER G 28 -27.39 -24.55 21.87
N GLY G 29 -28.68 -24.88 21.71
CA GLY G 29 -29.75 -23.92 21.73
C GLY G 29 -29.90 -23.24 20.36
N PHE G 30 -30.99 -22.50 20.22
CA PHE G 30 -31.34 -21.95 18.92
C PHE G 30 -32.11 -20.66 19.11
N ASN G 31 -31.57 -19.57 18.54
CA ASN G 31 -32.22 -18.27 18.56
C ASN G 31 -32.36 -17.68 17.16
N GLY G 32 -32.33 -18.54 16.14
CA GLY G 32 -32.64 -18.07 14.81
C GLY G 32 -31.53 -18.39 13.81
N LEU G 33 -31.90 -18.40 12.55
CA LEU G 33 -31.06 -18.83 11.44
C LEU G 33 -31.10 -17.74 10.39
N PHE G 34 -29.91 -17.33 9.94
CA PHE G 34 -29.74 -16.27 8.96
C PHE G 34 -29.21 -16.83 7.66
N TRP G 35 -29.66 -16.22 6.55
CA TRP G 35 -28.98 -16.37 5.26
C TRP G 35 -28.38 -15.03 4.83
N TYR G 36 -27.14 -15.08 4.31
CA TYR G 36 -26.44 -13.93 3.74
C TYR G 36 -26.00 -14.26 2.32
N GLN G 37 -26.00 -13.24 1.45
CA GLN G 37 -25.46 -13.36 0.09
C GLN G 37 -24.09 -12.69 0.05
N GLN G 38 -23.13 -13.31 -0.63
CA GLN G 38 -21.81 -12.69 -0.76
C GLN G 38 -21.32 -12.87 -2.20
N HIS G 39 -21.39 -11.79 -2.97
CA HIS G 39 -20.78 -11.79 -4.30
C HIS G 39 -19.25 -11.87 -4.19
N ALA G 40 -18.63 -12.47 -5.19
CA ALA G 40 -17.18 -12.64 -5.15
C ALA G 40 -16.49 -11.29 -4.99
N GLY G 41 -15.57 -11.20 -4.04
CA GLY G 41 -14.86 -9.96 -3.80
C GLY G 41 -15.64 -8.92 -3.03
N GLU G 42 -16.84 -9.23 -2.54
CA GLU G 42 -17.67 -8.23 -1.88
C GLU G 42 -17.95 -8.67 -0.46
N ALA G 43 -18.63 -7.79 0.25
CA ALA G 43 -19.13 -7.99 1.61
C ALA G 43 -20.41 -8.86 1.61
N PRO G 44 -20.57 -9.74 2.60
CA PRO G 44 -21.86 -10.42 2.78
C PRO G 44 -22.97 -9.40 3.05
N THR G 45 -24.17 -9.68 2.54
CA THR G 45 -25.31 -8.84 2.89
C THR G 45 -26.48 -9.73 3.31
N PHE G 46 -27.27 -9.21 4.25
CA PHE G 46 -28.36 -9.95 4.86
C PHE G 46 -29.46 -10.27 3.84
N LEU G 47 -29.91 -11.53 3.80
CA LEU G 47 -31.06 -11.96 3.00
C LEU G 47 -32.30 -12.26 3.83
N SER G 48 -32.17 -13.00 4.93
CA SER G 48 -33.36 -13.49 5.60
C SER G 48 -33.02 -13.96 7.00
N TYR G 49 -34.07 -14.02 7.82
CA TYR G 49 -34.01 -14.55 9.17
C TYR G 49 -35.23 -15.41 9.43
N ASN G 50 -35.04 -16.63 9.96
CA ASN G 50 -36.13 -17.51 10.37
C ASN G 50 -35.87 -17.99 11.79
N VAL G 51 -36.94 -18.08 12.58
CA VAL G 51 -36.78 -18.60 13.94
C VAL G 51 -37.96 -19.50 14.34
N LEU G 52 -39.14 -19.29 13.78
CA LEU G 52 -40.21 -20.28 13.89
C LEU G 52 -40.29 -21.12 12.62
N ASP G 53 -41.07 -22.18 12.70
CA ASP G 53 -41.14 -23.13 11.59
C ASP G 53 -41.93 -22.56 10.42
N GLY G 54 -41.49 -22.87 9.20
CA GLY G 54 -42.29 -22.53 8.04
C GLY G 54 -41.47 -21.83 6.98
N LEU G 55 -42.18 -21.35 5.97
CA LEU G 55 -41.61 -20.70 4.78
C LEU G 55 -41.91 -19.21 4.82
N GLU G 56 -40.89 -18.36 4.59
CA GLU G 56 -41.08 -16.93 4.42
C GLU G 56 -40.61 -16.54 3.02
N GLU G 57 -41.34 -15.67 2.32
CA GLU G 57 -41.02 -15.26 0.97
C GLU G 57 -40.57 -13.80 0.94
N LYS G 58 -39.55 -13.51 0.11
CA LYS G 58 -38.99 -12.16 -0.09
C LYS G 58 -38.61 -12.01 -1.56
N GLY G 59 -39.56 -11.54 -2.37
CA GLY G 59 -39.30 -11.48 -3.80
C GLY G 59 -39.10 -12.87 -4.37
N ARG G 60 -38.04 -13.03 -5.18
CA ARG G 60 -37.71 -14.32 -5.79
C ARG G 60 -37.08 -15.31 -4.81
N PHE G 61 -36.78 -14.90 -3.57
CA PHE G 61 -36.13 -15.77 -2.59
C PHE G 61 -37.13 -16.11 -1.49
N SER G 62 -37.11 -17.34 -1.07
CA SER G 62 -37.86 -17.75 0.11
CA SER G 62 -37.86 -17.78 0.09
C SER G 62 -36.93 -18.53 1.02
N SER G 63 -37.24 -18.49 2.31
CA SER G 63 -36.43 -19.17 3.30
CA SER G 63 -36.42 -19.19 3.28
C SER G 63 -37.34 -20.03 4.17
N PHE G 64 -36.98 -21.30 4.30
CA PHE G 64 -37.75 -22.27 5.05
C PHE G 64 -36.96 -22.70 6.28
N LEU G 65 -37.66 -22.97 7.39
CA LEU G 65 -37.02 -23.52 8.58
C LEU G 65 -37.86 -24.65 9.18
N SER G 66 -37.19 -25.73 9.58
CA SER G 66 -37.75 -26.76 10.46
C SER G 66 -36.86 -26.90 11.70
N ARG G 67 -37.35 -26.40 12.84
CA ARG G 67 -36.55 -26.48 14.07
C ARG G 67 -36.35 -27.92 14.52
N SER G 68 -37.37 -28.78 14.37
CA SER G 68 -37.20 -30.13 14.90
C SER G 68 -36.24 -30.94 14.04
N LYS G 69 -36.12 -30.64 12.74
CA LYS G 69 -35.14 -31.33 11.92
C LYS G 69 -33.79 -30.62 11.87
N GLY G 70 -33.69 -29.42 12.44
CA GLY G 70 -32.45 -28.65 12.40
C GLY G 70 -32.02 -28.39 10.97
N TYR G 71 -32.94 -27.88 10.14
CA TYR G 71 -32.50 -27.56 8.78
CA TYR G 71 -32.70 -27.73 8.70
C TYR G 71 -33.33 -26.45 8.19
N SER G 72 -32.69 -25.79 7.23
CA SER G 72 -33.26 -24.66 6.54
C SER G 72 -32.87 -24.79 5.07
N TYR G 73 -33.71 -24.25 4.19
CA TYR G 73 -33.23 -24.03 2.84
C TYR G 73 -33.49 -22.59 2.42
N LEU G 74 -32.65 -22.11 1.52
CA LEU G 74 -32.86 -20.88 0.77
C LEU G 74 -33.29 -21.28 -0.64
N LEU G 75 -34.45 -20.81 -1.08
CA LEU G 75 -35.02 -21.18 -2.37
C LEU G 75 -34.94 -19.97 -3.32
N LEU G 76 -34.23 -20.13 -4.43
CA LEU G 76 -34.10 -19.07 -5.43
C LEU G 76 -34.89 -19.47 -6.67
N LYS G 77 -35.88 -18.66 -7.05
CA LYS G 77 -36.71 -18.91 -8.22
C LYS G 77 -36.27 -18.00 -9.38
N GLU G 78 -36.56 -18.43 -10.61
CA GLU G 78 -36.29 -17.64 -11.82
C GLU G 78 -34.86 -17.11 -11.81
N LEU G 79 -33.92 -18.04 -11.71
CA LEU G 79 -32.52 -17.69 -11.54
C LEU G 79 -32.05 -16.75 -12.64
N GLN G 80 -31.29 -15.73 -12.25
CA GLN G 80 -30.62 -14.82 -13.17
C GLN G 80 -29.13 -14.86 -12.93
N MET G 81 -28.37 -14.41 -13.92
CA MET G 81 -26.91 -14.41 -13.79
C MET G 81 -26.44 -13.66 -12.56
N LYS G 82 -27.13 -12.59 -12.17
CA LYS G 82 -26.68 -11.84 -11.01
C LYS G 82 -26.88 -12.60 -9.69
N ASP G 83 -27.57 -13.74 -9.70
CA ASP G 83 -27.63 -14.59 -8.52
C ASP G 83 -26.35 -15.38 -8.27
N SER G 84 -25.40 -15.38 -9.21
CA SER G 84 -24.11 -16.05 -9.00
C SER G 84 -23.41 -15.39 -7.82
N ALA G 85 -23.18 -16.18 -6.76
CA ALA G 85 -22.67 -15.63 -5.51
C ALA G 85 -22.47 -16.80 -4.55
N SER G 86 -21.84 -16.53 -3.40
CA SER G 86 -21.89 -17.52 -2.33
C SER G 86 -23.03 -17.18 -1.38
N TYR G 87 -23.65 -18.21 -0.82
CA TYR G 87 -24.76 -18.05 0.11
C TYR G 87 -24.34 -18.67 1.44
N LEU G 88 -24.36 -17.87 2.50
CA LEU G 88 -23.82 -18.26 3.80
C LEU G 88 -24.99 -18.42 4.75
N CYS G 89 -25.06 -19.54 5.45
CA CYS G 89 -26.05 -19.78 6.49
CA CYS G 89 -26.06 -19.67 6.49
C CYS G 89 -25.38 -19.59 7.85
N ALA G 90 -26.12 -19.03 8.81
CA ALA G 90 -25.53 -18.83 10.13
C ALA G 90 -26.62 -18.92 11.19
N VAL G 91 -26.28 -19.52 12.32
CA VAL G 91 -27.25 -19.81 13.38
C VAL G 91 -26.77 -19.17 14.68
N LYS G 92 -27.68 -18.49 15.38
CA LYS G 92 -27.42 -17.98 16.73
CA LYS G 92 -27.42 -17.98 16.72
C LYS G 92 -27.70 -19.07 17.75
N ASP G 93 -26.71 -19.40 18.60
CA ASP G 93 -26.90 -20.43 19.62
C ASP G 93 -27.51 -19.84 20.90
N SER G 94 -27.54 -20.63 21.99
CA SER G 94 -28.26 -20.21 23.18
CA SER G 94 -28.23 -20.24 23.22
C SER G 94 -27.68 -18.93 23.79
N ASN G 95 -26.41 -18.63 23.54
CA ASN G 95 -25.81 -17.41 24.06
C ASN G 95 -25.62 -16.35 22.98
N TYR G 96 -26.41 -16.43 21.90
CA TYR G 96 -26.42 -15.44 20.81
C TYR G 96 -25.11 -15.40 20.04
N GLN G 97 -24.29 -16.44 20.13
CA GLN G 97 -23.11 -16.52 19.27
C GLN G 97 -23.50 -17.08 17.91
N LEU G 98 -22.99 -16.48 16.86
CA LEU G 98 -23.24 -16.92 15.48
C LEU G 98 -22.29 -18.05 15.12
N ILE G 99 -22.82 -19.16 14.66
CA ILE G 99 -22.00 -20.23 14.11
C ILE G 99 -22.23 -20.15 12.59
N TRP G 100 -21.15 -20.00 11.81
CA TRP G 100 -21.24 -19.74 10.36
C TRP G 100 -20.98 -21.01 9.55
N GLY G 101 -21.85 -21.28 8.59
CA GLY G 101 -21.52 -22.29 7.60
C GLY G 101 -20.42 -21.81 6.66
N ALA G 102 -19.80 -22.76 5.96
CA ALA G 102 -18.69 -22.41 5.09
C ALA G 102 -19.13 -21.81 3.75
N GLY G 103 -20.42 -21.72 3.49
CA GLY G 103 -20.94 -21.08 2.30
C GLY G 103 -21.12 -22.03 1.15
N THR G 104 -22.14 -21.75 0.34
CA THR G 104 -22.38 -22.51 -0.88
C THR G 104 -22.15 -21.55 -2.05
N LYS G 105 -21.24 -21.92 -2.95
CA LYS G 105 -21.04 -21.13 -4.17
C LYS G 105 -22.06 -21.50 -5.24
N LEU G 106 -22.89 -20.56 -5.66
CA LEU G 106 -23.90 -20.85 -6.67
C LEU G 106 -23.41 -20.37 -8.04
N ILE G 107 -23.32 -21.30 -8.98
CA ILE G 107 -22.90 -21.04 -10.37
C ILE G 107 -24.13 -21.17 -11.27
N ILE G 108 -24.33 -20.19 -12.14
CA ILE G 108 -25.51 -20.15 -13.00
C ILE G 108 -25.05 -20.30 -14.44
N LYS G 109 -25.67 -21.25 -15.16
CA LYS G 109 -25.37 -21.43 -16.58
CA LYS G 109 -25.37 -21.43 -16.58
C LYS G 109 -26.32 -20.57 -17.41
N PRO G 110 -25.80 -19.69 -18.28
CA PRO G 110 -26.69 -18.87 -19.09
C PRO G 110 -27.34 -19.73 -20.14
N ASP G 111 -28.50 -19.29 -20.59
CA ASP G 111 -29.18 -19.95 -21.67
C ASP G 111 -28.69 -19.34 -22.98
N ILE G 112 -27.85 -20.07 -23.71
CA ILE G 112 -27.29 -19.59 -24.96
C ILE G 112 -28.28 -19.94 -26.07
N GLN G 113 -28.96 -18.92 -26.59
CA GLN G 113 -30.02 -19.18 -27.56
C GLN G 113 -29.48 -19.62 -28.91
N ASN G 114 -28.33 -19.10 -29.34
CA ASN G 114 -27.79 -19.40 -30.67
C ASN G 114 -26.31 -19.72 -30.60
N PRO G 115 -25.94 -20.92 -30.11
CA PRO G 115 -24.51 -21.26 -29.98
C PRO G 115 -23.79 -21.21 -31.32
N ASP G 116 -22.55 -20.73 -31.30
CA ASP G 116 -21.74 -20.61 -32.48
C ASP G 116 -20.28 -20.90 -32.09
N PRO G 117 -20.00 -22.08 -31.49
CA PRO G 117 -18.66 -22.33 -30.93
C PRO G 117 -17.57 -22.05 -31.95
N ALA G 118 -16.50 -21.37 -31.50
CA ALA G 118 -15.39 -21.03 -32.38
C ALA G 118 -14.13 -20.78 -31.54
N VAL G 119 -12.96 -21.00 -32.16
CA VAL G 119 -11.67 -20.68 -31.57
C VAL G 119 -10.98 -19.68 -32.49
N TYR G 120 -10.76 -18.48 -31.99
CA TYR G 120 -10.17 -17.40 -32.78
C TYR G 120 -8.78 -17.08 -32.27
N GLN G 121 -7.94 -16.70 -33.21
CA GLN G 121 -6.61 -16.20 -32.91
C GLN G 121 -6.66 -14.69 -32.81
N LEU G 122 -6.38 -14.15 -31.64
N LEU G 122 -6.39 -14.14 -31.63
CA LEU G 122 -6.32 -12.70 -31.53
CA LEU G 122 -6.33 -12.69 -31.52
C LEU G 122 -5.04 -12.15 -32.17
C LEU G 122 -5.03 -12.15 -32.13
N ARG G 123 -5.04 -10.85 -32.40
CA ARG G 123 -3.88 -10.21 -33.02
C ARG G 123 -2.74 -10.12 -32.00
N ASP G 124 -1.52 -10.43 -32.44
CA ASP G 124 -0.36 -10.23 -31.56
C ASP G 124 -0.28 -8.76 -31.10
N SER G 125 0.22 -8.55 -29.89
CA SER G 125 0.58 -7.22 -29.41
C SER G 125 2.07 -7.02 -29.66
N LYS G 126 2.47 -5.86 -30.21
CA LYS G 126 3.90 -5.63 -30.39
C LYS G 126 4.66 -5.54 -29.07
N SER G 127 3.99 -5.42 -27.94
CA SER G 127 4.66 -5.35 -26.65
C SER G 127 4.67 -6.67 -25.90
N SER G 128 4.27 -7.77 -26.52
CA SER G 128 4.16 -9.03 -25.78
C SER G 128 4.63 -10.17 -26.67
N ASP G 129 5.31 -11.15 -26.08
CA ASP G 129 5.69 -12.35 -26.81
C ASP G 129 4.59 -13.43 -26.85
N LYS G 130 3.41 -13.16 -26.28
CA LYS G 130 2.39 -14.20 -26.19
C LYS G 130 1.54 -14.28 -27.46
N SER G 131 1.14 -15.49 -27.81
CA SER G 131 0.05 -15.76 -28.74
C SER G 131 -1.22 -16.06 -27.94
N VAL G 132 -2.36 -15.51 -28.36
CA VAL G 132 -3.58 -15.54 -27.54
C VAL G 132 -4.74 -16.06 -28.40
N CYS G 133 -5.45 -17.05 -27.89
CA CYS G 133 -6.57 -17.72 -28.56
CA CYS G 133 -6.60 -17.54 -28.62
C CYS G 133 -7.81 -17.58 -27.70
N LEU G 134 -8.96 -17.38 -28.32
CA LEU G 134 -10.22 -17.19 -27.61
C LEU G 134 -11.20 -18.25 -28.08
N PHE G 135 -11.65 -19.09 -27.14
CA PHE G 135 -12.73 -20.05 -27.37
C PHE G 135 -14.02 -19.38 -26.93
N THR G 136 -15.00 -19.25 -27.82
CA THR G 136 -16.14 -18.39 -27.49
C THR G 136 -17.41 -18.90 -28.17
N ASP G 137 -18.54 -18.46 -27.61
CA ASP G 137 -19.88 -18.62 -28.17
C ASP G 137 -20.36 -20.06 -28.11
N PHE G 138 -19.81 -20.86 -27.20
CA PHE G 138 -20.26 -22.23 -27.02
C PHE G 138 -21.36 -22.27 -25.96
N ASP G 139 -22.13 -23.35 -26.04
CA ASP G 139 -23.24 -23.63 -25.14
C ASP G 139 -22.71 -23.92 -23.73
N SER G 140 -23.57 -23.64 -22.74
CA SER G 140 -23.11 -23.69 -21.36
C SER G 140 -22.83 -25.10 -20.83
N GLN G 141 -23.24 -26.15 -21.53
CA GLN G 141 -22.87 -27.52 -21.14
C GLN G 141 -21.39 -27.82 -21.36
N THR G 142 -20.71 -27.06 -22.21
CA THR G 142 -19.28 -27.25 -22.45
C THR G 142 -18.44 -26.84 -21.23
N ASN G 143 -17.51 -27.70 -20.85
CA ASN G 143 -16.52 -27.45 -19.80
C ASN G 143 -15.15 -27.22 -20.44
N VAL G 144 -14.40 -26.29 -19.87
CA VAL G 144 -13.07 -25.95 -20.34
C VAL G 144 -12.07 -26.52 -19.34
N SER G 145 -11.17 -27.38 -19.81
CA SER G 145 -10.14 -27.96 -18.96
CA SER G 145 -10.14 -27.97 -18.96
C SER G 145 -8.91 -27.07 -18.90
N GLN G 146 -8.22 -27.12 -17.75
CA GLN G 146 -6.94 -26.42 -17.63
C GLN G 146 -5.91 -27.08 -18.52
N SER G 147 -4.80 -26.38 -18.73
CA SER G 147 -3.76 -26.88 -19.62
C SER G 147 -3.09 -28.10 -19.02
N LYS G 148 -2.58 -28.98 -19.89
CA LYS G 148 -1.69 -30.05 -19.49
C LYS G 148 -0.24 -29.73 -19.79
N ASP G 149 0.04 -28.59 -20.43
CA ASP G 149 1.38 -28.13 -20.74
C ASP G 149 1.71 -26.98 -19.78
N SER G 150 2.86 -27.07 -19.11
CA SER G 150 3.20 -26.08 -18.10
C SER G 150 3.43 -24.69 -18.68
N ASP G 151 3.71 -24.57 -19.99
CA ASP G 151 3.93 -23.27 -20.61
C ASP G 151 2.71 -22.76 -21.39
N VAL G 152 1.54 -23.40 -21.22
CA VAL G 152 0.28 -22.94 -21.82
C VAL G 152 -0.67 -22.61 -20.68
N TYR G 153 -1.35 -21.48 -20.76
CA TYR G 153 -2.22 -21.00 -19.69
C TYR G 153 -3.64 -20.91 -20.25
N ILE G 154 -4.59 -21.49 -19.52
CA ILE G 154 -5.98 -21.52 -19.95
C ILE G 154 -6.89 -21.09 -18.81
N THR G 155 -7.68 -20.04 -19.04
CA THR G 155 -8.58 -19.57 -18.00
C THR G 155 -9.89 -20.34 -18.04
N ASP G 156 -10.63 -20.27 -16.95
CA ASP G 156 -11.95 -20.91 -16.91
C ASP G 156 -12.95 -20.08 -17.73
N LYS G 157 -14.11 -20.67 -18.02
CA LYS G 157 -15.07 -19.92 -18.83
C LYS G 157 -15.70 -18.80 -18.02
N CYS G 158 -16.05 -17.74 -18.73
CA CYS G 158 -16.57 -16.47 -18.22
CA CYS G 158 -16.66 -16.56 -18.15
C CYS G 158 -17.83 -16.14 -19.03
N VAL G 159 -18.83 -15.56 -18.39
CA VAL G 159 -20.04 -15.16 -19.09
C VAL G 159 -20.00 -13.65 -19.25
N LEU G 160 -20.11 -13.16 -20.48
CA LEU G 160 -20.17 -11.73 -20.68
C LEU G 160 -21.52 -11.34 -21.27
N ASP G 161 -21.99 -10.16 -20.89
CA ASP G 161 -23.34 -9.71 -21.21
C ASP G 161 -23.22 -8.42 -22.01
N MET G 162 -23.57 -8.44 -23.29
CA MET G 162 -23.65 -7.20 -24.06
C MET G 162 -25.05 -6.63 -23.87
N ARG G 163 -25.16 -5.67 -22.97
CA ARG G 163 -26.47 -5.23 -22.50
C ARG G 163 -27.28 -4.59 -23.62
N SER G 164 -26.62 -3.77 -24.44
CA SER G 164 -27.28 -3.11 -25.56
C SER G 164 -27.98 -4.11 -26.48
N MET G 165 -27.35 -5.26 -26.73
CA MET G 165 -27.87 -6.30 -27.62
CA MET G 165 -27.92 -6.26 -27.62
C MET G 165 -28.63 -7.39 -26.88
N ASP G 166 -28.74 -7.30 -25.55
CA ASP G 166 -29.33 -8.36 -24.73
C ASP G 166 -28.78 -9.73 -25.15
N PHE G 167 -27.45 -9.81 -25.18
CA PHE G 167 -26.74 -10.96 -25.74
C PHE G 167 -25.71 -11.44 -24.73
N LYS G 168 -25.70 -12.72 -24.44
CA LYS G 168 -24.74 -13.30 -23.50
C LYS G 168 -23.86 -14.28 -24.25
N SER G 169 -22.60 -14.41 -23.82
CA SER G 169 -21.76 -15.44 -24.42
C SER G 169 -20.74 -15.94 -23.41
N ASN G 170 -20.40 -17.22 -23.54
CA ASN G 170 -19.33 -17.85 -22.77
C ASN G 170 -18.00 -17.69 -23.50
N SER G 171 -16.91 -17.54 -22.75
CA SER G 171 -15.61 -17.57 -23.42
C SER G 171 -14.54 -18.01 -22.43
N ALA G 172 -13.45 -18.52 -22.99
CA ALA G 172 -12.25 -18.88 -22.25
C ALA G 172 -11.06 -18.43 -23.08
N VAL G 173 -9.95 -18.09 -22.42
CA VAL G 173 -8.75 -17.60 -23.10
C VAL G 173 -7.63 -18.60 -22.87
N ALA G 174 -6.79 -18.80 -23.89
CA ALA G 174 -5.58 -19.60 -23.80
C ALA G 174 -4.41 -18.81 -24.37
N TRP G 175 -3.23 -18.92 -23.74
CA TRP G 175 -2.07 -18.18 -24.26
C TRP G 175 -0.77 -18.91 -23.93
N SER G 176 0.26 -18.56 -24.68
CA SER G 176 1.57 -19.18 -24.52
C SER G 176 2.57 -18.34 -25.31
N ASN G 177 3.84 -18.45 -24.97
CA ASN G 177 4.88 -17.89 -25.83
C ASN G 177 5.69 -18.99 -26.52
N LYS G 178 5.24 -20.23 -26.48
CA LYS G 178 5.96 -21.34 -27.12
C LYS G 178 5.82 -21.30 -28.64
N SER G 179 6.89 -21.70 -29.33
CA SER G 179 6.87 -21.66 -30.79
C SER G 179 5.81 -22.58 -31.38
N ASP G 180 5.54 -23.72 -30.74
CA ASP G 180 4.63 -24.73 -31.29
C ASP G 180 3.19 -24.56 -30.82
N PHE G 181 2.82 -23.42 -30.25
CA PHE G 181 1.47 -23.17 -29.80
C PHE G 181 0.63 -22.65 -30.97
N ALA G 182 -0.56 -23.21 -31.13
CA ALA G 182 -1.43 -22.83 -32.22
C ALA G 182 -2.86 -22.91 -31.71
N CYS G 183 -3.71 -21.97 -32.12
CA CYS G 183 -5.09 -22.01 -31.66
CA CYS G 183 -5.09 -22.01 -31.66
C CYS G 183 -5.78 -23.30 -32.06
N ALA G 184 -5.33 -23.96 -33.13
CA ALA G 184 -5.94 -25.23 -33.52
C ALA G 184 -5.77 -26.30 -32.45
N ASN G 185 -4.75 -26.19 -31.60
CA ASN G 185 -4.50 -27.22 -30.61
C ASN G 185 -4.58 -26.71 -29.17
N ALA G 186 -4.86 -25.42 -28.96
CA ALA G 186 -4.81 -24.83 -27.62
C ALA G 186 -5.77 -25.51 -26.66
N PHE G 187 -6.99 -25.80 -27.11
CA PHE G 187 -8.00 -26.41 -26.24
C PHE G 187 -8.11 -27.91 -26.46
N ASN G 188 -7.02 -28.56 -26.90
CA ASN G 188 -7.06 -29.99 -27.17
C ASN G 188 -7.41 -30.82 -25.94
N ASN G 189 -7.18 -30.28 -24.74
CA ASN G 189 -7.47 -31.05 -23.53
C ASN G 189 -8.92 -30.93 -23.10
N SER G 190 -9.72 -30.07 -23.72
CA SER G 190 -11.14 -29.94 -23.44
C SER G 190 -11.96 -30.78 -24.42
N ILE G 191 -13.17 -31.13 -24.01
CA ILE G 191 -14.16 -31.73 -24.91
C ILE G 191 -14.96 -30.57 -25.50
N ILE G 192 -14.76 -30.28 -26.78
CA ILE G 192 -15.35 -29.07 -27.35
C ILE G 192 -16.37 -29.49 -28.41
N PRO G 193 -17.35 -28.66 -28.73
CA PRO G 193 -18.40 -29.07 -29.68
C PRO G 193 -17.81 -29.51 -31.00
N GLU G 194 -18.39 -30.59 -31.52
CA GLU G 194 -17.98 -31.14 -32.80
C GLU G 194 -18.00 -30.09 -33.91
N ASP G 195 -18.92 -29.12 -33.84
CA ASP G 195 -19.11 -28.11 -34.87
CA ASP G 195 -19.05 -28.13 -34.91
C ASP G 195 -18.29 -26.85 -34.61
N THR G 196 -17.29 -26.90 -33.73
CA THR G 196 -16.50 -25.71 -33.42
C THR G 196 -15.81 -25.20 -34.67
N PHE G 197 -15.91 -23.89 -34.90
CA PHE G 197 -15.34 -23.26 -36.08
C PHE G 197 -13.88 -22.91 -35.82
N PHE G 198 -12.97 -23.43 -36.66
CA PHE G 198 -11.56 -23.02 -36.63
C PHE G 198 -11.18 -22.28 -37.91
N PRO G 199 -11.16 -20.94 -37.93
CA PRO G 199 -10.80 -20.24 -39.16
C PRO G 199 -9.38 -20.58 -39.58
N SER G 200 -9.14 -20.57 -40.89
CA SER G 200 -7.84 -20.94 -41.40
C SER G 200 -6.76 -19.93 -40.99
N PRO G 201 -5.52 -20.39 -40.85
CA PRO G 201 -4.41 -19.47 -40.54
C PRO G 201 -4.03 -18.66 -41.77
N GLU G 202 -3.19 -17.64 -41.55
CA GLU G 202 -2.68 -16.84 -42.65
C GLU G 202 -1.59 -17.60 -43.40
N SER G 203 -1.47 -17.31 -44.70
CA SER G 203 -0.43 -17.91 -45.55
C SER G 203 0.99 -17.43 -45.23
N ASN H 2 -24.22 8.80 5.27
CA ASN H 2 -24.97 7.54 5.15
C ASN H 2 -24.14 6.42 4.52
N ALA H 3 -22.92 6.24 5.01
CA ALA H 3 -21.96 5.36 4.36
C ALA H 3 -22.03 3.91 4.83
N GLY H 4 -22.76 3.61 5.91
CA GLY H 4 -22.76 2.26 6.44
C GLY H 4 -21.45 1.98 7.19
N VAL H 5 -20.76 0.90 6.83
CA VAL H 5 -19.54 0.46 7.50
C VAL H 5 -18.36 0.73 6.55
N THR H 6 -17.43 1.57 7.00
CA THR H 6 -16.24 1.97 6.22
C THR H 6 -15.01 1.39 6.88
N GLN H 7 -14.33 0.50 6.20
CA GLN H 7 -13.11 -0.06 6.76
C GLN H 7 -11.97 0.14 5.77
N THR H 8 -10.76 0.30 6.30
CA THR H 8 -9.55 0.52 5.50
C THR H 8 -8.41 -0.25 6.17
N PRO H 9 -7.38 -0.64 5.39
CA PRO H 9 -7.26 -0.49 3.95
C PRO H 9 -7.85 -1.67 3.22
N LYS H 10 -8.11 -1.51 1.92
CA LYS H 10 -8.65 -2.59 1.10
C LYS H 10 -7.64 -3.72 0.93
N PHE H 11 -6.36 -3.37 0.75
CA PHE H 11 -5.31 -4.35 0.49
C PHE H 11 -4.08 -3.97 1.32
N GLN H 12 -3.32 -4.99 1.74
CA GLN H 12 -2.06 -4.71 2.42
C GLN H 12 -1.13 -5.92 2.37
N VAL H 13 0.12 -5.68 2.02
CA VAL H 13 1.16 -6.68 2.10
CA VAL H 13 1.21 -6.65 2.06
C VAL H 13 2.06 -6.36 3.30
N LEU H 14 2.41 -7.39 4.06
CA LEU H 14 3.20 -7.24 5.27
C LEU H 14 4.29 -8.30 5.31
N LYS H 15 5.42 -7.92 5.87
CA LYS H 15 6.50 -8.84 6.17
C LYS H 15 6.21 -9.43 7.54
N THR H 16 6.60 -10.70 7.73
CA THR H 16 6.47 -11.32 9.06
C THR H 16 7.09 -10.40 10.13
N GLY H 17 6.34 -10.15 11.20
CA GLY H 17 6.85 -9.33 12.29
C GLY H 17 6.41 -7.88 12.25
N GLN H 18 5.86 -7.42 11.13
CA GLN H 18 5.42 -6.04 10.99
C GLN H 18 4.08 -5.81 11.68
N SER H 19 3.89 -4.60 12.19
CA SER H 19 2.64 -4.23 12.84
C SER H 19 1.69 -3.62 11.83
N MET H 20 0.39 -3.74 12.11
CA MET H 20 -0.63 -3.22 11.22
CA MET H 20 -0.62 -3.21 11.22
C MET H 20 -1.89 -2.94 12.02
N THR H 21 -2.55 -1.82 11.71
CA THR H 21 -3.87 -1.53 12.26
C THR H 21 -4.88 -1.43 11.13
N LEU H 22 -6.00 -2.13 11.27
CA LEU H 22 -7.14 -1.96 10.38
C LEU H 22 -8.17 -1.09 11.07
N GLN H 23 -8.73 -0.14 10.32
CA GLN H 23 -9.68 0.82 10.85
C GLN H 23 -11.08 0.41 10.42
N CYS H 24 -12.05 0.66 11.28
CA CYS H 24 -13.45 0.44 10.95
C CYS H 24 -14.29 1.51 11.62
N ALA H 25 -15.19 2.13 10.87
CA ALA H 25 -16.13 3.08 11.45
C ALA H 25 -17.52 2.77 10.89
N GLN H 26 -18.55 3.06 11.66
CA GLN H 26 -19.91 2.91 11.15
C GLN H 26 -20.67 4.15 11.54
N ASP H 27 -21.56 4.60 10.66
CA ASP H 27 -22.30 5.84 10.84
C ASP H 27 -23.79 5.54 10.95
N MET H 28 -24.11 4.37 11.48
CA MET H 28 -25.48 3.91 11.59
C MET H 28 -26.01 4.01 13.00
N ASN H 29 -25.22 4.56 13.93
CA ASN H 29 -25.59 4.62 15.34
C ASN H 29 -25.81 3.23 15.92
N HIS H 30 -25.06 2.23 15.45
CA HIS H 30 -25.08 0.89 15.98
C HIS H 30 -24.28 0.82 17.27
N ASN H 31 -24.63 -0.15 18.14
CA ASN H 31 -23.92 -0.32 19.40
C ASN H 31 -22.88 -1.43 19.37
N SER H 32 -23.10 -2.47 18.59
CA SER H 32 -22.23 -3.65 18.56
C SER H 32 -21.37 -3.67 17.31
N MET H 33 -20.10 -4.03 17.47
CA MET H 33 -19.17 -4.12 16.35
C MET H 33 -18.33 -5.39 16.48
N TYR H 34 -17.82 -5.84 15.33
CA TYR H 34 -17.22 -7.16 15.21
C TYR H 34 -16.05 -7.12 14.25
N TRP H 35 -15.07 -7.98 14.47
CA TRP H 35 -13.98 -8.20 13.50
C TRP H 35 -13.93 -9.69 13.22
N TYR H 36 -14.10 -10.06 11.95
CA TYR H 36 -14.12 -11.44 11.46
C TYR H 36 -12.93 -11.66 10.52
N ARG H 37 -12.50 -12.91 10.40
CA ARG H 37 -11.65 -13.26 9.26
C ARG H 37 -12.34 -14.34 8.45
N GLN H 38 -12.16 -14.26 7.14
CA GLN H 38 -12.72 -15.24 6.22
C GLN H 38 -11.57 -15.92 5.50
N ASP H 39 -11.57 -17.25 5.54
CA ASP H 39 -10.56 -18.08 4.91
C ASP H 39 -11.22 -19.17 4.07
N PRO H 40 -10.56 -19.63 3.02
CA PRO H 40 -11.19 -20.62 2.12
C PRO H 40 -11.56 -21.90 2.85
N GLY H 41 -12.72 -22.43 2.49
CA GLY H 41 -13.16 -23.71 3.03
C GLY H 41 -13.71 -23.69 4.44
N MET H 42 -13.89 -22.51 5.04
CA MET H 42 -14.43 -22.51 6.39
C MET H 42 -15.33 -21.29 6.60
N GLY H 43 -16.17 -21.39 7.63
CA GLY H 43 -17.05 -20.29 7.95
C GLY H 43 -16.30 -19.13 8.56
N LEU H 44 -16.91 -17.95 8.47
CA LEU H 44 -16.38 -16.77 9.14
C LEU H 44 -16.00 -17.07 10.58
N ARG H 45 -14.88 -16.51 11.04
CA ARG H 45 -14.48 -16.72 12.44
C ARG H 45 -14.32 -15.36 13.09
N LEU H 46 -14.94 -15.22 14.26
CA LEU H 46 -14.91 -13.97 15.02
C LEU H 46 -13.57 -13.83 15.72
N ILE H 47 -12.97 -12.65 15.62
CA ILE H 47 -11.66 -12.42 16.21
C ILE H 47 -11.85 -11.78 17.58
N TYR H 48 -12.51 -10.62 17.59
CA TYR H 48 -12.89 -9.87 18.80
C TYR H 48 -14.22 -9.18 18.50
N TYR H 49 -14.95 -8.79 19.54
CA TYR H 49 -16.21 -8.08 19.33
C TYR H 49 -16.37 -7.05 20.43
N SER H 50 -17.33 -6.16 20.24
CA SER H 50 -17.57 -5.08 21.19
C SER H 50 -19.09 -4.95 21.26
N ALA H 51 -19.70 -5.44 22.34
CA ALA H 51 -21.16 -5.55 22.40
C ALA H 51 -21.79 -4.17 22.53
N SER H 52 -21.04 -3.22 23.08
CA SER H 52 -21.50 -1.86 23.22
CA SER H 52 -21.51 -1.87 23.35
C SER H 52 -20.29 -0.98 23.47
N GLU H 53 -20.50 0.34 23.37
CA GLU H 53 -19.38 1.25 23.58
C GLU H 53 -18.78 0.99 24.95
N GLY H 54 -17.46 1.04 25.06
CA GLY H 54 -16.91 0.88 26.39
C GLY H 54 -16.67 -0.56 26.84
N THR H 55 -16.91 -1.56 26.00
CA THR H 55 -16.61 -2.95 26.35
C THR H 55 -16.20 -3.72 25.10
N THR H 56 -15.26 -4.65 25.27
CA THR H 56 -14.82 -5.53 24.18
C THR H 56 -14.50 -6.88 24.80
N ASP H 57 -14.46 -7.93 23.95
CA ASP H 57 -14.07 -9.24 24.46
C ASP H 57 -13.61 -10.10 23.29
N LYS H 58 -12.90 -11.16 23.61
CA LYS H 58 -12.37 -12.05 22.58
CA LYS H 58 -12.37 -12.05 22.58
C LYS H 58 -13.47 -12.84 21.90
N GLY H 59 -13.24 -13.18 20.62
CA GLY H 59 -14.12 -14.07 19.89
C GLY H 59 -13.53 -15.47 19.92
N GLU H 60 -13.57 -16.17 18.80
CA GLU H 60 -13.04 -17.52 18.70
C GLU H 60 -11.54 -17.57 18.36
N VAL H 61 -10.99 -16.59 17.62
CA VAL H 61 -9.57 -16.67 17.27
C VAL H 61 -8.82 -15.39 17.64
N PRO H 62 -8.75 -15.04 18.92
CA PRO H 62 -8.16 -13.75 19.31
C PRO H 62 -6.65 -13.70 19.30
N ASN H 63 -5.95 -14.83 19.25
CA ASN H 63 -4.50 -14.81 19.46
C ASN H 63 -3.77 -14.17 18.27
N GLY H 64 -2.85 -13.24 18.56
CA GLY H 64 -2.16 -12.48 17.53
C GLY H 64 -2.82 -11.16 17.21
N TYR H 65 -3.95 -10.85 17.83
CA TYR H 65 -4.74 -9.66 17.55
C TYR H 65 -5.08 -8.94 18.84
N ASN H 66 -5.38 -7.66 18.71
CA ASN H 66 -5.98 -6.85 19.77
CA ASN H 66 -6.10 -6.97 19.77
C ASN H 66 -6.94 -5.87 19.14
N VAL H 67 -7.86 -5.31 19.94
CA VAL H 67 -8.82 -4.34 19.38
C VAL H 67 -8.95 -3.15 20.31
N SER H 68 -9.45 -2.06 19.73
CA SER H 68 -9.81 -0.89 20.51
CA SER H 68 -9.81 -0.89 20.51
C SER H 68 -11.18 -0.39 20.07
N ARG H 69 -12.14 -0.36 20.99
CA ARG H 69 -13.42 0.31 20.70
C ARG H 69 -13.20 1.75 21.10
N LEU H 70 -12.82 2.59 20.13
CA LEU H 70 -12.34 3.92 20.48
C LEU H 70 -13.49 4.83 20.87
N ASN H 71 -14.65 4.62 20.26
CA ASN H 71 -15.83 5.41 20.56
C ASN H 71 -17.00 4.61 20.02
N LYS H 72 -18.20 5.21 19.99
CA LYS H 72 -19.35 4.45 19.53
C LYS H 72 -19.22 4.06 18.06
N ARG H 73 -18.50 4.87 17.28
CA ARG H 73 -18.44 4.68 15.83
CA ARG H 73 -18.40 4.70 15.82
C ARG H 73 -17.27 3.79 15.38
N GLU H 74 -16.17 3.71 16.13
CA GLU H 74 -14.94 3.15 15.60
C GLU H 74 -14.44 1.96 16.40
N PHE H 75 -13.99 0.92 15.67
CA PHE H 75 -13.51 -0.33 16.27
C PHE H 75 -12.28 -0.74 15.46
N SER H 76 -11.07 -0.54 16.00
CA SER H 76 -9.89 -0.86 15.21
C SER H 76 -9.33 -2.22 15.60
N LEU H 77 -8.61 -2.83 14.66
CA LEU H 77 -8.07 -4.18 14.83
C LEU H 77 -6.55 -4.09 14.65
N ARG H 78 -5.81 -4.53 15.65
CA ARG H 78 -4.35 -4.36 15.65
C ARG H 78 -3.70 -5.73 15.49
N LEU H 79 -2.77 -5.84 14.55
CA LEU H 79 -1.89 -6.99 14.42
C LEU H 79 -0.52 -6.51 14.89
N GLU H 80 -0.11 -6.90 16.08
CA GLU H 80 1.11 -6.30 16.60
C GLU H 80 2.35 -6.83 15.90
N SER H 81 2.36 -8.13 15.55
CA SER H 81 3.53 -8.79 14.96
C SER H 81 3.03 -9.81 13.95
N ALA H 82 2.90 -9.39 12.68
CA ALA H 82 2.12 -10.17 11.73
C ALA H 82 2.78 -11.52 11.46
N ALA H 83 1.95 -12.56 11.28
CA ALA H 83 2.46 -13.87 10.93
C ALA H 83 1.79 -14.39 9.65
N PRO H 84 2.48 -15.26 8.90
CA PRO H 84 1.90 -15.81 7.67
C PRO H 84 0.51 -16.39 7.83
N SER H 85 0.19 -16.98 8.98
CA SER H 85 -1.14 -17.55 9.20
C SER H 85 -2.21 -16.48 9.30
N GLN H 86 -1.84 -15.21 9.46
CA GLN H 86 -2.82 -14.12 9.47
C GLN H 86 -3.12 -13.60 8.06
N THR H 87 -2.50 -14.16 7.04
CA THR H 87 -2.97 -13.93 5.66
C THR H 87 -4.43 -14.32 5.55
N SER H 88 -5.28 -13.37 5.15
CA SER H 88 -6.71 -13.63 5.21
C SER H 88 -7.49 -12.45 4.66
N VAL H 89 -8.82 -12.54 4.64
CA VAL H 89 -9.65 -11.39 4.35
C VAL H 89 -10.39 -11.04 5.63
N TYR H 90 -10.25 -9.78 6.07
CA TYR H 90 -10.80 -9.31 7.34
C TYR H 90 -12.05 -8.46 7.07
N PHE H 91 -13.11 -8.73 7.82
CA PHE H 91 -14.35 -7.99 7.67
C PHE H 91 -14.71 -7.40 9.00
N CYS H 92 -14.97 -6.11 9.02
CA CYS H 92 -15.63 -5.45 10.14
CA CYS H 92 -15.64 -5.60 10.20
C CYS H 92 -17.13 -5.52 9.94
N ALA H 93 -17.89 -5.64 11.02
CA ALA H 93 -19.34 -5.68 10.88
C ALA H 93 -19.95 -4.96 12.06
N SER H 94 -21.21 -4.56 11.92
CA SER H 94 -21.89 -3.96 13.06
C SER H 94 -23.36 -4.37 13.07
N SER H 95 -23.96 -4.30 14.26
CA SER H 95 -25.39 -4.56 14.38
C SER H 95 -25.94 -3.57 15.37
N VAL H 96 -27.27 -3.39 15.38
CA VAL H 96 -27.84 -2.35 16.24
C VAL H 96 -27.54 -2.65 17.71
N TRP H 97 -27.79 -3.88 18.12
CA TRP H 97 -27.52 -4.36 19.49
C TRP H 97 -27.01 -5.79 19.36
N THR H 98 -26.69 -6.40 20.50
CA THR H 98 -26.44 -7.83 20.48
C THR H 98 -27.17 -8.46 21.67
N GLY H 99 -27.24 -9.79 21.68
CA GLY H 99 -28.08 -10.46 22.67
C GLY H 99 -29.55 -10.30 22.38
N GLU H 100 -29.88 -10.16 21.11
CA GLU H 100 -31.23 -10.34 20.59
C GLU H 100 -31.10 -11.20 19.35
N GLY H 101 -32.11 -12.03 19.12
CA GLY H 101 -32.01 -12.99 18.03
C GLY H 101 -32.03 -12.34 16.66
N SER H 102 -33.04 -11.49 16.40
CA SER H 102 -33.33 -11.22 14.99
C SER H 102 -32.41 -10.20 14.33
N GLY H 103 -31.58 -9.46 15.09
CA GLY H 103 -30.78 -8.38 14.49
C GLY H 103 -29.67 -8.90 13.58
N GLU H 104 -29.59 -8.36 12.37
CA GLU H 104 -28.62 -8.76 11.36
C GLU H 104 -27.36 -7.92 11.38
N LEU H 105 -26.34 -8.44 10.72
CA LEU H 105 -25.05 -7.78 10.63
C LEU H 105 -24.97 -6.98 9.34
N PHE H 106 -24.24 -5.87 9.42
CA PHE H 106 -23.92 -4.98 8.29
C PHE H 106 -22.40 -5.01 8.16
N PHE H 107 -21.91 -5.42 7.01
CA PHE H 107 -20.49 -5.71 6.83
C PHE H 107 -19.79 -4.56 6.10
N GLY H 108 -18.51 -4.33 6.45
CA GLY H 108 -17.65 -3.46 5.66
C GLY H 108 -17.13 -4.19 4.41
N GLU H 109 -16.38 -3.46 3.59
CA GLU H 109 -16.00 -3.99 2.29
C GLU H 109 -14.92 -5.04 2.35
N GLY H 110 -14.28 -5.24 3.50
CA GLY H 110 -13.26 -6.28 3.57
C GLY H 110 -11.87 -5.70 3.38
N SER H 111 -10.87 -6.27 4.06
CA SER H 111 -9.48 -5.87 3.93
C SER H 111 -8.68 -7.13 3.64
N ARG H 112 -7.96 -7.17 2.53
CA ARG H 112 -7.17 -8.34 2.17
C ARG H 112 -5.72 -8.18 2.57
N LEU H 113 -5.26 -9.02 3.50
CA LEU H 113 -3.91 -8.95 4.03
CA LEU H 113 -3.92 -8.97 4.05
C LEU H 113 -3.13 -10.18 3.58
N THR H 114 -1.91 -9.95 3.10
CA THR H 114 -1.00 -11.05 2.78
C THR H 114 0.26 -10.78 3.59
N VAL H 115 0.65 -11.74 4.43
CA VAL H 115 1.85 -11.64 5.26
C VAL H 115 2.89 -12.59 4.67
N LEU H 116 4.09 -12.07 4.36
CA LEU H 116 5.15 -12.84 3.71
C LEU H 116 6.43 -12.84 4.54
N GLU H 117 7.14 -13.97 4.52
CA GLU H 117 8.40 -14.02 5.23
CA GLU H 117 8.44 -14.07 5.18
C GLU H 117 9.44 -13.09 4.58
N ASP H 118 9.36 -12.90 3.26
N ASP H 118 9.40 -12.90 3.27
CA ASP H 118 10.26 -12.03 2.50
CA ASP H 118 10.23 -11.85 2.67
C ASP H 118 9.45 -11.30 1.42
C ASP H 118 9.54 -11.31 1.43
N LEU H 119 9.75 -10.02 1.19
CA LEU H 119 9.07 -9.30 0.13
C LEU H 119 9.67 -9.56 -1.26
N LYS H 120 10.71 -10.39 -1.40
CA LYS H 120 11.27 -10.62 -2.72
C LYS H 120 10.38 -11.42 -3.64
N ASN H 121 9.22 -11.89 -3.21
CA ASN H 121 8.32 -12.55 -4.14
CA ASN H 121 8.29 -12.57 -4.08
C ASN H 121 7.16 -11.67 -4.57
N VAL H 122 7.22 -10.37 -4.26
CA VAL H 122 6.19 -9.43 -4.68
C VAL H 122 6.53 -8.92 -6.07
N PHE H 123 5.57 -8.99 -7.00
CA PHE H 123 5.77 -8.53 -8.39
C PHE H 123 4.52 -7.81 -8.87
N PRO H 124 4.66 -6.71 -9.60
CA PRO H 124 3.51 -6.10 -10.29
C PRO H 124 3.16 -6.90 -11.53
N PRO H 125 1.99 -6.64 -12.10
CA PRO H 125 1.59 -7.37 -13.30
C PRO H 125 2.25 -6.75 -14.52
N GLU H 126 2.51 -7.60 -15.50
CA GLU H 126 2.66 -7.16 -16.88
C GLU H 126 1.28 -7.08 -17.51
N VAL H 127 0.98 -6.03 -18.24
CA VAL H 127 -0.34 -5.89 -18.84
C VAL H 127 -0.19 -5.78 -20.35
N ALA H 128 -0.96 -6.58 -21.09
CA ALA H 128 -0.98 -6.48 -22.55
C ALA H 128 -2.41 -6.61 -23.07
N VAL H 129 -2.70 -5.92 -24.19
CA VAL H 129 -4.00 -5.96 -24.84
C VAL H 129 -3.82 -6.58 -26.22
N PHE H 130 -4.76 -7.46 -26.59
CA PHE H 130 -4.74 -8.16 -27.86
C PHE H 130 -6.00 -7.79 -28.66
N GLU H 131 -5.80 -7.33 -29.91
CA GLU H 131 -6.87 -6.82 -30.75
C GLU H 131 -7.71 -7.97 -31.34
N PRO H 132 -8.98 -7.69 -31.64
CA PRO H 132 -9.89 -8.75 -32.12
C PRO H 132 -9.42 -9.48 -33.35
N SER H 133 -9.85 -10.74 -33.42
CA SER H 133 -9.67 -11.56 -34.60
C SER H 133 -10.51 -11.02 -35.77
N GLU H 134 -9.92 -10.87 -36.94
CA GLU H 134 -10.71 -10.49 -38.11
C GLU H 134 -11.69 -11.59 -38.49
N ALA H 135 -11.34 -12.84 -38.22
CA ALA H 135 -12.30 -13.92 -38.49
C ALA H 135 -13.53 -13.84 -37.58
N GLU H 136 -13.33 -13.42 -36.31
CA GLU H 136 -14.48 -13.20 -35.42
C GLU H 136 -15.39 -12.13 -35.96
N ILE H 137 -14.79 -11.00 -36.37
CA ILE H 137 -15.54 -9.86 -36.86
C ILE H 137 -16.40 -10.27 -38.07
N SER H 138 -15.83 -11.03 -38.99
CA SER H 138 -16.64 -11.32 -40.17
C SER H 138 -17.65 -12.44 -39.93
N HIS H 139 -17.40 -13.31 -38.96
CA HIS H 139 -18.30 -14.41 -38.69
C HIS H 139 -19.45 -14.04 -37.75
N THR H 140 -19.25 -13.07 -36.84
CA THR H 140 -20.24 -12.76 -35.81
C THR H 140 -20.66 -11.31 -35.77
N GLN H 141 -19.99 -10.42 -36.50
CA GLN H 141 -20.21 -8.95 -36.45
C GLN H 141 -19.98 -8.40 -35.04
N LYS H 142 -19.14 -9.08 -34.28
CA LYS H 142 -18.72 -8.66 -32.96
C LYS H 142 -17.19 -8.74 -32.88
N ALA H 143 -16.61 -8.06 -31.90
CA ALA H 143 -15.16 -7.98 -31.80
C ALA H 143 -14.76 -8.05 -30.34
N THR H 144 -13.96 -9.05 -29.97
CA THR H 144 -13.55 -9.28 -28.57
C THR H 144 -12.08 -8.90 -28.40
N LEU H 145 -11.82 -7.88 -27.57
CA LEU H 145 -10.49 -7.57 -27.12
C LEU H 145 -10.20 -8.35 -25.85
N VAL H 146 -8.94 -8.75 -25.69
CA VAL H 146 -8.50 -9.46 -24.49
C VAL H 146 -7.41 -8.66 -23.80
N CYS H 147 -7.50 -8.56 -22.48
CA CYS H 147 -6.43 -8.02 -21.63
C CYS H 147 -5.85 -9.15 -20.80
N LEU H 148 -4.52 -9.26 -20.77
CA LEU H 148 -3.84 -10.25 -19.93
C LEU H 148 -2.96 -9.51 -18.93
N ALA H 149 -3.18 -9.77 -17.64
CA ALA H 149 -2.32 -9.26 -16.57
C ALA H 149 -1.60 -10.45 -15.95
N THR H 150 -0.27 -10.49 -16.04
CA THR H 150 0.45 -11.75 -15.81
C THR H 150 1.68 -11.52 -14.94
N GLY H 151 2.06 -12.56 -14.20
CA GLY H 151 3.24 -12.55 -13.36
C GLY H 151 3.15 -11.79 -12.06
N PHE H 152 1.95 -11.45 -11.56
CA PHE H 152 1.86 -10.59 -10.38
C PHE H 152 1.72 -11.43 -9.10
N TYR H 153 2.14 -10.85 -7.99
CA TYR H 153 2.04 -11.51 -6.67
C TYR H 153 2.16 -10.44 -5.61
N PRO H 154 1.33 -10.44 -4.54
CA PRO H 154 0.17 -11.31 -4.28
C PRO H 154 -1.02 -10.90 -5.11
N ASP H 155 -2.14 -11.59 -4.94
CA ASP H 155 -3.33 -11.36 -5.76
C ASP H 155 -4.08 -10.12 -5.25
N HIS H 156 -3.45 -8.96 -5.41
CA HIS H 156 -4.02 -7.68 -4.99
C HIS H 156 -4.10 -6.76 -6.20
N VAL H 157 -5.07 -7.01 -7.09
CA VAL H 157 -5.20 -6.25 -8.33
C VAL H 157 -6.66 -5.86 -8.56
N GLU H 158 -6.83 -4.77 -9.31
CA GLU H 158 -8.14 -4.33 -9.78
C GLU H 158 -7.98 -4.00 -11.26
N LEU H 159 -8.71 -4.72 -12.12
CA LEU H 159 -8.59 -4.53 -13.56
C LEU H 159 -9.81 -3.77 -14.06
N SER H 160 -9.60 -2.79 -14.94
CA SER H 160 -10.72 -2.02 -15.49
C SER H 160 -10.47 -1.69 -16.97
N TRP H 161 -11.57 -1.54 -17.72
CA TRP H 161 -11.49 -1.15 -19.12
C TRP H 161 -11.96 0.29 -19.29
N TRP H 162 -11.33 0.98 -20.22
CA TRP H 162 -11.62 2.39 -20.47
C TRP H 162 -11.80 2.55 -21.96
N VAL H 163 -12.95 3.08 -22.35
CA VAL H 163 -13.22 3.32 -23.75
C VAL H 163 -13.42 4.82 -23.93
N ASN H 164 -12.62 5.40 -24.82
CA ASN H 164 -12.68 6.83 -25.07
C ASN H 164 -12.65 7.62 -23.76
N GLY H 165 -11.79 7.17 -22.84
CA GLY H 165 -11.55 7.87 -21.59
C GLY H 165 -12.56 7.67 -20.49
N LYS H 166 -13.59 6.84 -20.69
CA LYS H 166 -14.58 6.55 -19.67
C LYS H 166 -14.50 5.07 -19.31
N GLU H 167 -14.56 4.77 -18.01
CA GLU H 167 -14.60 3.38 -17.59
C GLU H 167 -15.90 2.71 -18.02
N VAL H 168 -15.82 1.47 -18.49
CA VAL H 168 -16.99 0.75 -18.97
C VAL H 168 -17.10 -0.59 -18.25
N HIS H 169 -18.34 -1.08 -18.14
CA HIS H 169 -18.63 -2.36 -17.51
CA HIS H 169 -18.56 -2.40 -17.57
C HIS H 169 -19.47 -3.27 -18.40
N SER H 170 -20.34 -2.68 -19.23
CA SER H 170 -21.14 -3.50 -20.13
C SER H 170 -20.22 -4.11 -21.18
N GLY H 171 -20.42 -5.40 -21.46
CA GLY H 171 -19.58 -6.08 -22.42
C GLY H 171 -18.27 -6.60 -21.88
N VAL H 172 -18.02 -6.45 -20.59
CA VAL H 172 -16.76 -6.85 -19.96
C VAL H 172 -16.94 -8.14 -19.19
N CYS H 173 -15.98 -9.04 -19.26
CA CYS H 173 -15.94 -10.16 -18.31
CA CYS H 173 -15.95 -10.04 -18.21
C CYS H 173 -14.51 -10.39 -17.87
N THR H 174 -14.23 -10.28 -16.58
CA THR H 174 -12.92 -10.50 -16.01
C THR H 174 -12.98 -11.76 -15.18
N ASP H 175 -11.97 -12.63 -15.29
CA ASP H 175 -11.98 -13.86 -14.51
C ASP H 175 -12.26 -13.55 -13.04
N PRO H 176 -13.20 -14.25 -12.40
CA PRO H 176 -13.41 -14.07 -10.96
C PRO H 176 -12.21 -14.43 -10.13
N GLN H 177 -11.49 -15.48 -10.50
CA GLN H 177 -10.31 -15.86 -9.72
C GLN H 177 -9.09 -15.79 -10.63
N PRO H 178 -7.94 -15.40 -10.10
CA PRO H 178 -6.71 -15.44 -10.90
C PRO H 178 -6.29 -16.88 -11.09
N LEU H 179 -5.48 -17.10 -12.11
CA LEU H 179 -4.87 -18.38 -12.41
CA LEU H 179 -4.88 -18.37 -12.39
C LEU H 179 -3.48 -18.43 -11.79
N LYS H 180 -3.13 -19.56 -11.16
CA LYS H 180 -1.76 -19.72 -10.68
C LYS H 180 -0.87 -20.14 -11.83
N GLU H 181 0.18 -19.36 -12.10
CA GLU H 181 1.03 -19.68 -13.24
C GLU H 181 1.79 -20.97 -13.03
N GLN H 182 2.08 -21.32 -11.78
CA GLN H 182 2.66 -22.63 -11.44
C GLN H 182 1.84 -23.22 -10.29
N PRO H 183 0.80 -23.97 -10.61
CA PRO H 183 -0.17 -24.41 -9.58
C PRO H 183 0.42 -25.22 -8.44
N ALA H 184 1.60 -25.83 -8.61
CA ALA H 184 2.19 -26.64 -7.54
C ALA H 184 2.79 -25.77 -6.44
N LEU H 185 3.40 -24.65 -6.82
CA LEU H 185 4.12 -23.81 -5.86
C LEU H 185 3.15 -23.03 -4.98
N ASN H 186 3.49 -22.96 -3.68
CA ASN H 186 2.65 -22.26 -2.72
C ASN H 186 2.60 -20.76 -2.99
N ASP H 187 3.72 -20.15 -3.44
CA ASP H 187 3.81 -18.71 -3.65
C ASP H 187 3.81 -18.34 -5.13
N SER H 188 3.11 -19.14 -5.95
CA SER H 188 3.09 -18.93 -7.39
C SER H 188 2.65 -17.52 -7.75
N ARG H 189 3.28 -16.95 -8.77
CA ARG H 189 2.74 -15.72 -9.33
C ARG H 189 1.44 -16.00 -10.11
N TYR H 190 0.63 -14.95 -10.32
CA TYR H 190 -0.72 -15.14 -10.84
C TYR H 190 -0.89 -14.54 -12.24
N ALA H 191 -1.94 -14.99 -12.91
CA ALA H 191 -2.39 -14.43 -14.19
C ALA H 191 -3.89 -14.17 -14.12
N LEU H 192 -4.35 -13.15 -14.84
CA LEU H 192 -5.74 -12.73 -14.85
C LEU H 192 -6.06 -12.32 -16.28
N SER H 193 -7.16 -12.79 -16.82
CA SER H 193 -7.59 -12.34 -18.16
C SER H 193 -8.92 -11.62 -18.05
N SER H 194 -9.14 -10.69 -18.98
CA SER H 194 -10.44 -10.02 -19.10
C SER H 194 -10.76 -9.89 -20.58
N ARG H 195 -12.05 -9.83 -20.91
CA ARG H 195 -12.48 -9.59 -22.27
C ARG H 195 -13.44 -8.41 -22.30
N LEU H 196 -13.36 -7.64 -23.39
CA LEU H 196 -14.32 -6.58 -23.70
C LEU H 196 -14.84 -6.90 -25.09
N ARG H 197 -16.15 -7.08 -25.23
CA ARG H 197 -16.71 -7.41 -26.54
C ARG H 197 -17.57 -6.25 -26.99
N VAL H 198 -17.36 -5.77 -28.21
CA VAL H 198 -18.15 -4.65 -28.73
C VAL H 198 -18.68 -5.08 -30.09
N SER H 199 -19.56 -4.26 -30.65
CA SER H 199 -19.99 -4.52 -32.03
C SER H 199 -18.84 -4.28 -33.01
N ALA H 200 -18.90 -4.93 -34.16
CA ALA H 200 -17.87 -4.72 -35.16
C ALA H 200 -17.87 -3.27 -35.65
N THR H 201 -19.05 -2.64 -35.76
CA THR H 201 -19.09 -1.25 -36.17
CA THR H 201 -19.05 -1.25 -36.19
C THR H 201 -18.40 -0.35 -35.15
N PHE H 202 -18.51 -0.67 -33.86
CA PHE H 202 -17.80 0.14 -32.85
C PHE H 202 -16.29 -0.06 -32.96
N TRP H 203 -15.85 -1.30 -33.16
CA TRP H 203 -14.41 -1.55 -33.29
C TRP H 203 -13.85 -0.91 -34.56
N GLN H 204 -14.63 -0.80 -35.62
CA GLN H 204 -14.13 -0.32 -36.91
C GLN H 204 -14.15 1.20 -37.04
N ASN H 205 -14.55 1.92 -36.01
CA ASN H 205 -14.41 3.36 -36.01
C ASN H 205 -12.98 3.70 -35.58
N PRO H 206 -12.17 4.31 -36.45
CA PRO H 206 -10.74 4.50 -36.09
C PRO H 206 -10.49 5.51 -34.99
N ARG H 207 -11.49 6.29 -34.60
CA ARG H 207 -11.28 7.21 -33.50
CA ARG H 207 -11.33 7.23 -33.49
C ARG H 207 -11.64 6.62 -32.13
N ASN H 208 -12.20 5.39 -32.06
CA ASN H 208 -12.45 4.77 -30.76
C ASN H 208 -11.18 4.22 -30.15
N HIS H 209 -11.02 4.43 -28.85
CA HIS H 209 -9.79 4.12 -28.13
C HIS H 209 -10.10 3.24 -26.92
N PHE H 210 -9.32 2.16 -26.76
CA PHE H 210 -9.55 1.13 -25.75
C PHE H 210 -8.32 1.04 -24.85
N ARG H 211 -8.52 0.97 -23.56
CA ARG H 211 -7.40 0.81 -22.65
C ARG H 211 -7.79 -0.14 -21.55
N CYS H 212 -6.91 -1.06 -21.19
CA CYS H 212 -7.13 -1.84 -19.98
CA CYS H 212 -7.08 -1.92 -20.03
C CYS H 212 -6.07 -1.47 -18.97
N GLN H 213 -6.53 -1.24 -17.74
CA GLN H 213 -5.60 -0.79 -16.73
CA GLN H 213 -5.70 -0.70 -16.66
C GLN H 213 -5.76 -1.63 -15.47
N VAL H 214 -4.63 -1.92 -14.85
CA VAL H 214 -4.61 -2.74 -13.65
C VAL H 214 -3.94 -1.93 -12.55
N GLN H 215 -4.66 -1.73 -11.45
CA GLN H 215 -4.12 -1.16 -10.23
C GLN H 215 -3.56 -2.31 -9.40
N PHE H 216 -2.27 -2.25 -9.10
CA PHE H 216 -1.61 -3.23 -8.25
C PHE H 216 -1.37 -2.61 -6.88
N TYR H 217 -1.68 -3.35 -5.81
CA TYR H 217 -1.38 -2.88 -4.47
C TYR H 217 -0.18 -3.66 -3.97
N GLY H 218 0.92 -2.96 -3.71
CA GLY H 218 2.16 -3.61 -3.37
C GLY H 218 2.85 -2.88 -2.24
N LEU H 219 4.12 -2.57 -2.40
CA LEU H 219 4.91 -2.03 -1.32
C LEU H 219 4.76 -0.53 -1.25
N SER H 220 5.15 0.04 -0.11
CA SER H 220 5.17 1.49 0.04
C SER H 220 6.56 1.94 0.48
N GLU H 221 6.69 3.25 0.74
CA GLU H 221 7.99 3.86 0.98
C GLU H 221 8.73 3.16 2.11
N ASN H 222 8.01 2.81 3.18
CA ASN H 222 8.64 2.30 4.38
C ASN H 222 9.08 0.85 4.28
N ASP H 223 8.56 0.10 3.30
CA ASP H 223 9.01 -1.27 3.09
C ASP H 223 10.45 -1.27 2.61
N GLU H 224 11.30 -2.11 3.24
CA GLU H 224 12.68 -2.25 2.82
C GLU H 224 12.80 -3.06 1.52
N TRP H 225 13.66 -2.61 0.61
CA TRP H 225 13.86 -3.33 -0.65
C TRP H 225 15.35 -3.53 -0.84
N THR H 226 15.77 -4.77 -1.10
CA THR H 226 17.18 -5.09 -1.28
C THR H 226 17.46 -5.87 -2.56
N GLN H 227 16.47 -6.10 -3.41
CA GLN H 227 16.67 -6.86 -4.63
C GLN H 227 17.20 -5.98 -5.77
N ASP H 228 17.74 -6.65 -6.79
CA ASP H 228 18.29 -5.95 -7.94
C ASP H 228 17.21 -5.38 -8.86
N ARG H 229 16.04 -6.01 -8.88
CA ARG H 229 14.97 -5.49 -9.72
C ARG H 229 14.32 -4.27 -9.06
N ALA H 230 13.42 -3.62 -9.80
CA ALA H 230 12.76 -2.43 -9.29
C ALA H 230 11.84 -2.77 -8.13
N LYS H 231 11.79 -1.89 -7.14
CA LYS H 231 10.91 -2.07 -5.99
C LYS H 231 9.43 -2.17 -6.40
N PRO H 232 8.71 -3.29 -6.08
CA PRO H 232 7.31 -3.50 -6.56
C PRO H 232 6.26 -2.71 -5.77
N VAL H 233 6.27 -1.39 -5.97
CA VAL H 233 5.37 -0.50 -5.25
C VAL H 233 3.96 -0.57 -5.85
N THR H 234 2.99 -0.11 -5.07
CA THR H 234 1.64 0.13 -5.57
C THR H 234 1.71 1.03 -6.80
N GLN H 235 0.97 0.67 -7.85
CA GLN H 235 1.14 1.32 -9.14
C GLN H 235 0.05 0.84 -10.08
N ILE H 236 -0.11 1.60 -11.17
CA ILE H 236 -1.05 1.28 -12.24
C ILE H 236 -0.25 0.89 -13.47
N VAL H 237 -0.56 -0.27 -14.05
CA VAL H 237 0.06 -0.75 -15.28
C VAL H 237 -1.06 -0.86 -16.32
N SER H 238 -0.86 -0.34 -17.53
CA SER H 238 -1.95 -0.35 -18.50
CA SER H 238 -1.93 -0.27 -18.51
C SER H 238 -1.44 -0.61 -19.91
N ALA H 239 -2.39 -0.89 -20.81
CA ALA H 239 -2.08 -1.13 -22.22
C ALA H 239 -3.29 -0.67 -23.03
N GLU H 240 -3.07 -0.31 -24.30
CA GLU H 240 -4.15 0.31 -25.06
C GLU H 240 -4.24 -0.25 -26.48
N ALA H 241 -5.36 0.06 -27.13
CA ALA H 241 -5.59 -0.23 -28.54
C ALA H 241 -6.53 0.83 -29.14
N TRP H 242 -6.38 1.07 -30.43
CA TRP H 242 -7.28 1.93 -31.19
C TRP H 242 -8.11 1.07 -32.14
N GLY H 243 -9.35 1.50 -32.38
CA GLY H 243 -10.15 0.84 -33.40
C GLY H 243 -9.44 0.85 -34.74
N ARG H 244 -9.86 -0.05 -35.62
CA ARG H 244 -9.21 -0.28 -36.90
C ARG H 244 -10.27 -0.22 -37.98
N ALA H 245 -10.12 0.72 -38.91
CA ALA H 245 -11.09 0.93 -39.99
C ALA H 245 -11.20 -0.29 -40.90
#